data_3DH4
#
_entry.id   3DH4
#
_cell.length_a   83.280
_cell.length_b   109.210
_cell.length_c   127.580
_cell.angle_alpha   109.70
_cell.angle_beta   92.02
_cell.angle_gamma   102.11
#
_symmetry.space_group_name_H-M   'P 1'
#
loop_
_entity.id
_entity.type
_entity.pdbx_description
1 polymer 'Sodium/glucose cotransporter'
2 non-polymer beta-D-galactopyranose
3 non-polymer 'ERBIUM (III) ION'
4 non-polymer 'SODIUM ION'
#
_entity_poly.entity_id   1
_entity_poly.type   'polypeptide(L)'
_entity_poly.pdbx_seq_one_letter_code
;(UNK)(UNK)(UNK)(UNK)(UNK)(UNK)(UNK)(UNK)(UNK)(UNK)(UNK)(UNK)(UNK)(UNK)(UNK)(UNK)
(UNK)AGKSLPWWAVGASLIAANISAEQFIGMSGSGYSIGLAIASYEWMSAITLIIVGKYFLPIFIEKGIYTIPEFVEKR
FNKKLKTILAVFWISLYIFVNLTSVLYLGGLALETILGIPLMYSILGLALFALVYSIYGGLSAVVWTDVIQVFFLVLGGF
MTTYMAVSFIGGTDGWFAGVSKMVDAAPGHFEMILDQSNPQYMNLPGIAVLIGGLWVANLYYWGFNQYIIQRTLAAKSVS
EAQKGIVFAAFLKLIVPFLVVLPGIAAYVITSDPQLMASLGDIAATNLPSAANADKAYPWLTQFLPVGVKGVVFAALAAA
IVSSLASMLNSTATIFTMDIYKEYISPDSGDHKLVNVGRTAAVVALIIACLIAPMLGGIGQAFQYIQEYTGLVSPGILAV
FLLGLFWKKTTSKGAIIGVVASIPFALFLKFMPLSMPFMDQMLYTLLFTMVVIAFTSLSTSINDDDPKGISVTSSMFVTD
RSFNIAAYGIMIVLAVLYTLFWVLYKSGGSPGHHHHHH
;
_entity_poly.pdbx_strand_id   A,B,C,D
#
# COMPACT_ATOMS: atom_id res chain seq x y z
N UNK A 1 30.25 -45.55 2.35
CA UNK A 1 29.06 -46.27 2.89
C UNK A 1 28.21 -45.31 3.71
N UNK A 2 28.82 -44.71 4.72
CA UNK A 2 28.16 -43.70 5.53
C UNK A 2 27.78 -42.51 4.65
N UNK A 3 28.75 -42.01 3.89
CA UNK A 3 28.52 -40.95 2.91
C UNK A 3 27.41 -41.34 1.94
N UNK A 4 27.43 -42.60 1.50
CA UNK A 4 26.41 -43.12 0.61
C UNK A 4 25.03 -43.17 1.28
N UNK A 5 25.00 -43.78 2.46
CA UNK A 5 23.75 -43.95 3.21
C UNK A 5 23.15 -42.62 3.65
N UNK A 6 24.00 -41.70 4.09
CA UNK A 6 23.56 -40.38 4.51
C UNK A 6 22.97 -39.62 3.33
N UNK A 7 23.74 -39.52 2.25
CA UNK A 7 23.33 -38.81 1.02
C UNK A 7 22.05 -39.38 0.42
N UNK A 8 21.91 -40.70 0.51
CA UNK A 8 20.69 -41.39 0.06
C UNK A 8 19.53 -41.10 1.02
N UNK A 9 19.76 -41.33 2.31
CA UNK A 9 18.75 -41.11 3.35
C UNK A 9 18.26 -39.66 3.35
N UNK A 10 19.18 -38.71 3.17
CA UNK A 10 18.83 -37.30 3.09
C UNK A 10 18.12 -36.99 1.77
N UNK A 11 18.63 -37.55 0.68
CA UNK A 11 18.03 -37.39 -0.65
C UNK A 11 16.63 -37.97 -0.68
N UNK A 12 16.50 -39.22 -0.28
CA UNK A 12 15.20 -39.89 -0.16
C UNK A 12 14.27 -39.15 0.80
N UNK A 13 14.81 -38.71 1.93
CA UNK A 13 14.03 -37.98 2.94
C UNK A 13 13.62 -36.59 2.47
N UNK A 14 14.54 -35.88 1.81
CA UNK A 14 14.25 -34.56 1.26
C UNK A 14 13.30 -34.67 0.06
N UNK A 15 13.52 -35.69 -0.77
CA UNK A 15 12.68 -35.97 -1.92
C UNK A 15 11.26 -36.27 -1.47
N UNK A 16 11.11 -37.32 -0.65
CA UNK A 16 9.78 -37.82 -0.22
C UNK A 16 9.00 -36.86 0.69
N UNK A 17 9.72 -36.00 1.41
CA UNK A 17 9.09 -35.02 2.30
C UNK A 17 8.98 -33.66 1.63
N ALA A 18 -0.09 -18.73 -1.71
CA ALA A 18 -0.49 -18.77 -0.31
C ALA A 18 0.63 -18.26 0.61
N GLY A 19 0.39 -18.36 1.92
CA GLY A 19 1.38 -17.97 2.95
C GLY A 19 0.78 -17.67 4.31
N LYS A 20 1.09 -18.50 5.32
CA LYS A 20 0.60 -18.28 6.71
C LYS A 20 1.37 -17.18 7.43
N SER A 21 1.20 -15.94 6.98
CA SER A 21 1.78 -14.75 7.63
C SER A 21 3.26 -14.92 7.91
N LEU A 22 4.05 -15.07 6.85
CA LEU A 22 5.49 -15.28 7.01
C LEU A 22 6.04 -14.12 7.84
N PRO A 23 6.76 -14.41 8.95
CA PRO A 23 7.24 -13.36 9.84
C PRO A 23 8.73 -13.01 9.75
N TRP A 24 9.08 -11.91 10.41
CA TRP A 24 10.44 -11.59 10.85
C TRP A 24 11.51 -12.38 10.08
N TRP A 25 11.79 -13.61 10.54
CA TRP A 25 12.92 -14.36 10.07
C TRP A 25 12.59 -15.18 8.85
N ALA A 26 11.53 -15.97 8.96
CA ALA A 26 11.17 -16.90 7.89
C ALA A 26 11.11 -16.20 6.53
N VAL A 27 10.75 -14.91 6.55
CA VAL A 27 10.70 -14.11 5.34
C VAL A 27 12.07 -14.06 4.68
N GLY A 28 13.00 -13.35 5.32
CA GLY A 28 14.34 -13.18 4.78
C GLY A 28 15.05 -14.48 4.39
N ALA A 29 14.87 -15.50 5.21
CA ALA A 29 15.46 -16.80 4.94
C ALA A 29 15.12 -17.30 3.55
N SER A 30 13.83 -17.27 3.19
CA SER A 30 13.37 -17.81 1.90
C SER A 30 14.01 -17.12 0.69
N LEU A 31 14.33 -15.83 0.82
CA LEU A 31 14.89 -15.04 -0.29
C LEU A 31 16.37 -15.39 -0.44
N ILE A 32 17.04 -15.43 0.70
CA ILE A 32 18.41 -15.87 0.76
C ILE A 32 18.47 -17.30 0.23
N ALA A 33 17.58 -18.14 0.75
CA ALA A 33 17.48 -19.52 0.28
C ALA A 33 17.30 -19.59 -1.23
N ALA A 34 16.36 -18.81 -1.76
CA ALA A 34 16.12 -18.76 -3.20
C ALA A 34 17.30 -18.13 -3.94
N ASN A 35 17.95 -17.16 -3.31
CA ASN A 35 19.18 -16.53 -3.83
C ASN A 35 20.35 -17.52 -4.03
N ILE A 36 20.59 -18.34 -3.01
CA ILE A 36 21.75 -19.23 -2.94
C ILE A 36 21.65 -20.40 -3.92
N SER A 37 22.79 -20.73 -4.50
CA SER A 37 22.87 -21.75 -5.55
C SER A 37 24.32 -22.24 -5.71
N ALA A 38 24.63 -22.74 -6.91
CA ALA A 38 25.98 -23.14 -7.26
C ALA A 38 26.84 -21.92 -7.45
N GLU A 39 26.40 -21.03 -8.35
CA GLU A 39 27.11 -19.77 -8.65
C GLU A 39 27.77 -19.18 -7.40
N GLN A 40 27.05 -19.28 -6.30
CA GLN A 40 27.47 -18.71 -5.04
C GLN A 40 28.48 -19.62 -4.37
N PHE A 41 28.09 -20.88 -4.17
CA PHE A 41 28.89 -21.83 -3.39
C PHE A 41 30.13 -22.37 -4.10
N ILE A 42 30.10 -22.35 -5.43
CA ILE A 42 31.21 -22.87 -6.22
C ILE A 42 31.86 -21.74 -7.00
N GLY A 43 31.06 -21.08 -7.82
CA GLY A 43 31.56 -20.03 -8.69
C GLY A 43 32.30 -18.98 -7.88
N MET A 44 31.67 -18.57 -6.79
CA MET A 44 32.15 -17.48 -5.94
C MET A 44 33.27 -17.92 -5.03
N SER A 45 33.13 -19.09 -4.44
CA SER A 45 34.24 -19.71 -3.74
C SER A 45 35.42 -19.84 -4.70
N GLY A 46 35.12 -20.30 -5.91
CA GLY A 46 36.12 -20.48 -6.96
C GLY A 46 36.71 -19.19 -7.49
N SER A 47 35.99 -18.10 -7.29
CA SER A 47 36.49 -16.75 -7.57
C SER A 47 37.33 -16.24 -6.39
N GLY A 48 36.92 -16.60 -5.17
CA GLY A 48 37.70 -16.32 -3.96
C GLY A 48 39.08 -16.97 -3.99
N TYR A 49 39.18 -18.05 -4.72
CA TYR A 49 40.46 -18.64 -5.04
C TYR A 49 41.30 -17.61 -5.78
N SER A 50 40.75 -17.12 -6.89
CA SER A 50 41.53 -16.37 -7.84
C SER A 50 41.76 -14.93 -7.42
N ILE A 51 40.81 -14.33 -6.72
CA ILE A 51 40.96 -12.92 -6.30
C ILE A 51 41.04 -12.79 -4.79
N GLY A 52 40.09 -13.42 -4.12
CA GLY A 52 40.04 -13.45 -2.67
C GLY A 52 38.89 -12.63 -2.11
N LEU A 53 39.12 -12.07 -0.92
CA LEU A 53 38.11 -11.35 -0.14
C LEU A 53 37.48 -10.20 -0.90
N ALA A 54 38.25 -9.54 -1.74
CA ALA A 54 37.76 -8.45 -2.59
C ALA A 54 36.40 -8.68 -3.21
N ILE A 55 36.09 -9.94 -3.48
CA ILE A 55 34.81 -10.31 -4.09
C ILE A 55 33.63 -10.38 -3.10
N ALA A 56 33.95 -10.41 -1.80
CA ALA A 56 32.93 -10.37 -0.73
C ALA A 56 32.10 -9.10 -0.80
N SER A 57 32.58 -8.12 -1.55
CA SER A 57 31.81 -6.93 -1.90
C SER A 57 30.49 -7.24 -2.61
N TYR A 58 30.49 -8.19 -3.55
CA TYR A 58 29.22 -8.59 -4.16
C TYR A 58 28.15 -8.86 -3.09
N GLU A 59 28.51 -9.58 -2.03
CA GLU A 59 27.58 -9.83 -0.93
C GLU A 59 27.36 -8.58 -0.09
N TRP A 60 28.43 -7.92 0.29
CA TRP A 60 28.33 -6.82 1.24
C TRP A 60 27.71 -5.53 0.69
N MET A 61 27.85 -5.27 -0.60
CA MET A 61 27.13 -4.14 -1.23
C MET A 61 25.72 -4.56 -1.65
N SER A 62 25.45 -5.87 -1.63
CA SER A 62 24.10 -6.37 -1.79
C SER A 62 23.33 -6.23 -0.50
N ALA A 63 24.05 -6.31 0.62
CA ALA A 63 23.44 -6.12 1.94
C ALA A 63 22.92 -4.71 2.11
N ILE A 64 23.68 -3.74 1.63
CA ILE A 64 23.24 -2.37 1.70
C ILE A 64 22.22 -2.08 0.62
N THR A 65 22.38 -2.68 -0.54
CA THR A 65 21.35 -2.55 -1.56
C THR A 65 20.00 -2.86 -0.89
N LEU A 66 19.91 -3.99 -0.20
CA LEU A 66 18.63 -4.51 0.30
C LEU A 66 17.90 -3.48 1.15
N ILE A 67 18.63 -2.85 2.05
CA ILE A 67 18.07 -1.74 2.80
C ILE A 67 17.37 -0.75 1.87
N ILE A 68 18.02 -0.40 0.77
CA ILE A 68 17.47 0.60 -0.15
C ILE A 68 16.24 0.08 -0.86
N VAL A 69 16.35 -1.08 -1.49
CA VAL A 69 15.17 -1.71 -2.09
C VAL A 69 14.10 -1.90 -1.03
N GLY A 70 14.54 -2.27 0.16
CA GLY A 70 13.66 -2.40 1.33
C GLY A 70 12.83 -1.17 1.57
N LYS A 71 13.48 -0.07 1.92
CA LYS A 71 12.79 1.18 2.24
C LYS A 71 12.07 1.83 1.05
N TYR A 72 12.60 1.70 -0.16
CA TYR A 72 12.12 2.52 -1.28
C TYR A 72 11.42 1.81 -2.41
N PHE A 73 11.65 0.52 -2.60
CA PHE A 73 11.17 -0.14 -3.80
C PHE A 73 9.89 -0.92 -3.53
N LEU A 74 9.97 -1.88 -2.63
CA LEU A 74 8.80 -2.71 -2.29
C LEU A 74 7.53 -1.91 -2.02
N PRO A 75 7.59 -0.97 -1.09
CA PRO A 75 6.40 -0.20 -0.78
C PRO A 75 5.62 0.23 -2.01
N ILE A 76 6.32 0.51 -3.10
CA ILE A 76 5.65 0.88 -4.34
C ILE A 76 5.01 -0.32 -5.01
N PHE A 77 5.80 -1.37 -5.20
CA PHE A 77 5.29 -2.60 -5.80
C PHE A 77 4.11 -3.15 -5.05
N ILE A 78 4.18 -3.09 -3.73
CA ILE A 78 3.14 -3.67 -2.91
C ILE A 78 1.90 -2.77 -2.90
N GLU A 79 2.07 -1.48 -2.64
CA GLU A 79 0.94 -0.56 -2.54
C GLU A 79 0.24 -0.58 -3.88
N LYS A 80 0.95 -0.18 -4.93
CA LYS A 80 0.39 -0.19 -6.26
C LYS A 80 0.44 -1.62 -6.77
N GLY A 81 -0.54 -2.40 -6.34
CA GLY A 81 -0.54 -3.87 -6.37
C GLY A 81 0.09 -4.60 -7.53
N ILE A 82 1.42 -4.64 -7.52
CA ILE A 82 2.19 -5.52 -8.41
C ILE A 82 2.45 -6.82 -7.66
N TYR A 83 2.67 -7.90 -8.41
CA TYR A 83 2.88 -9.23 -7.81
C TYR A 83 4.02 -9.99 -8.48
N THR A 84 4.06 -9.96 -9.81
CA THR A 84 5.22 -10.43 -10.56
C THR A 84 5.80 -9.24 -11.31
N ILE A 85 7.06 -9.37 -11.73
CA ILE A 85 7.74 -8.26 -12.39
C ILE A 85 7.19 -7.97 -13.79
N PRO A 86 7.03 -9.01 -14.63
CA PRO A 86 6.32 -8.80 -15.90
C PRO A 86 5.07 -7.93 -15.73
N GLU A 87 4.33 -8.15 -14.65
CA GLU A 87 3.14 -7.37 -14.36
C GLU A 87 3.50 -5.90 -14.25
N PHE A 88 4.56 -5.63 -13.50
CA PHE A 88 5.04 -4.26 -13.36
C PHE A 88 5.30 -3.63 -14.73
N VAL A 89 5.76 -4.44 -15.68
CA VAL A 89 6.04 -3.94 -17.03
C VAL A 89 4.76 -3.63 -17.77
N GLU A 90 3.90 -4.64 -17.90
CA GLU A 90 2.61 -4.48 -18.60
C GLU A 90 1.84 -3.30 -18.00
N LYS A 91 1.87 -3.21 -16.67
CA LYS A 91 1.17 -2.17 -15.96
C LYS A 91 1.80 -0.78 -16.17
N ARG A 92 3.12 -0.67 -16.11
CA ARG A 92 3.76 0.64 -16.24
C ARG A 92 3.87 1.12 -17.69
N PHE A 93 3.93 0.18 -18.62
CA PHE A 93 4.19 0.51 -20.01
C PHE A 93 3.28 -0.19 -21.00
N ASN A 94 3.61 -1.44 -21.32
CA ASN A 94 3.33 -1.94 -22.64
C ASN A 94 3.49 -3.44 -22.75
N LYS A 95 2.64 -4.06 -23.57
CA LYS A 95 2.73 -5.50 -23.86
C LYS A 95 3.94 -5.83 -24.73
N LYS A 96 4.19 -4.97 -25.71
CA LYS A 96 5.32 -5.13 -26.63
C LYS A 96 6.63 -5.10 -25.85
N LEU A 97 6.83 -4.02 -25.11
CA LEU A 97 8.00 -3.86 -24.22
C LEU A 97 8.19 -5.06 -23.32
N LYS A 98 7.11 -5.53 -22.73
CA LYS A 98 7.14 -6.71 -21.88
C LYS A 98 7.69 -7.90 -22.66
N THR A 99 7.21 -8.08 -23.89
CA THR A 99 7.60 -9.21 -24.73
C THR A 99 9.08 -9.16 -25.13
N ILE A 100 9.57 -7.97 -25.44
CA ILE A 100 11.01 -7.76 -25.69
C ILE A 100 11.88 -8.27 -24.54
N LEU A 101 11.55 -7.83 -23.33
CA LEU A 101 12.27 -8.24 -22.15
C LEU A 101 12.19 -9.74 -22.02
N ALA A 102 10.99 -10.28 -22.20
CA ALA A 102 10.80 -11.72 -22.24
C ALA A 102 11.88 -12.37 -23.09
N VAL A 103 12.14 -11.81 -24.26
CA VAL A 103 13.17 -12.32 -25.16
C VAL A 103 14.54 -12.26 -24.51
N PHE A 104 14.91 -11.10 -23.97
CA PHE A 104 16.20 -10.97 -23.31
C PHE A 104 16.33 -11.95 -22.15
N TRP A 105 15.30 -11.99 -21.32
CA TRP A 105 15.32 -12.88 -20.17
C TRP A 105 15.56 -14.31 -20.60
N ILE A 106 14.65 -14.87 -21.41
CA ILE A 106 14.80 -16.26 -21.83
C ILE A 106 16.22 -16.53 -22.37
N SER A 107 16.69 -15.65 -23.26
CA SER A 107 18.06 -15.75 -23.80
C SER A 107 19.07 -15.91 -22.68
N LEU A 108 18.96 -15.02 -21.71
CA LEU A 108 19.86 -14.96 -20.57
C LEU A 108 19.78 -16.19 -19.66
N TYR A 109 18.57 -16.65 -19.37
CA TYR A 109 18.40 -17.79 -18.48
C TYR A 109 19.06 -19.02 -19.08
N ILE A 110 18.87 -19.22 -20.37
CA ILE A 110 19.44 -20.36 -21.08
C ILE A 110 20.96 -20.27 -21.12
N PHE A 111 21.46 -19.22 -21.75
CA PHE A 111 22.87 -19.15 -22.15
C PHE A 111 23.86 -18.91 -21.02
N VAL A 112 23.43 -18.28 -19.94
CA VAL A 112 24.28 -18.18 -18.77
C VAL A 112 23.70 -19.01 -17.63
N ASN A 113 22.64 -18.51 -16.99
CA ASN A 113 22.21 -19.01 -15.68
C ASN A 113 22.14 -20.53 -15.58
N LEU A 114 21.42 -21.16 -16.50
CA LEU A 114 21.32 -22.61 -16.54
C LEU A 114 22.67 -23.22 -16.89
N THR A 115 23.21 -22.80 -18.03
CA THR A 115 24.51 -23.25 -18.51
C THR A 115 25.53 -23.25 -17.37
N SER A 116 25.70 -22.08 -16.77
CA SER A 116 26.66 -21.87 -15.69
C SER A 116 26.46 -22.86 -14.54
N VAL A 117 25.22 -22.93 -14.08
CA VAL A 117 24.88 -23.77 -12.94
C VAL A 117 24.98 -25.24 -13.32
N LEU A 118 24.59 -25.58 -14.55
CA LEU A 118 24.78 -26.94 -15.07
C LEU A 118 26.25 -27.33 -15.01
N TYR A 119 27.11 -26.42 -15.47
CA TYR A 119 28.54 -26.63 -15.44
C TYR A 119 29.03 -26.66 -13.99
N LEU A 120 28.83 -25.56 -13.27
CA LEU A 120 29.28 -25.44 -11.88
C LEU A 120 28.82 -26.61 -11.04
N GLY A 121 27.62 -27.09 -11.30
CA GLY A 121 27.11 -28.28 -10.64
C GLY A 121 27.91 -29.51 -11.02
N GLY A 122 28.09 -29.70 -12.32
CA GLY A 122 28.84 -30.85 -12.83
C GLY A 122 30.21 -30.96 -12.17
N LEU A 123 30.96 -29.86 -12.19
CA LEU A 123 32.27 -29.78 -11.55
C LEU A 123 32.27 -30.38 -10.14
N ALA A 124 31.28 -30.01 -9.36
CA ALA A 124 31.16 -30.45 -7.98
C ALA A 124 31.11 -31.95 -7.87
N LEU A 125 30.35 -32.57 -8.78
CA LEU A 125 30.17 -34.02 -8.78
C LEU A 125 31.44 -34.71 -9.24
N GLU A 126 31.91 -34.32 -10.41
CA GLU A 126 33.20 -34.79 -10.93
C GLU A 126 34.27 -34.77 -9.84
N THR A 127 34.30 -33.69 -9.08
CA THR A 127 35.32 -33.46 -8.07
C THR A 127 35.04 -34.23 -6.78
N ILE A 128 33.88 -33.96 -6.17
CA ILE A 128 33.55 -34.56 -4.88
C ILE A 128 33.35 -36.07 -4.99
N LEU A 129 32.75 -36.49 -6.10
CA LEU A 129 32.66 -37.91 -6.46
C LEU A 129 33.67 -38.19 -7.54
N GLY A 130 33.73 -39.43 -8.01
CA GLY A 130 34.62 -39.81 -9.11
C GLY A 130 33.85 -39.94 -10.42
N ILE A 131 33.54 -38.80 -11.04
CA ILE A 131 32.62 -38.76 -12.20
C ILE A 131 33.17 -37.86 -13.32
N PRO A 132 32.73 -38.08 -14.58
CA PRO A 132 33.01 -37.14 -15.67
C PRO A 132 31.92 -36.10 -15.90
N LEU A 133 32.31 -34.95 -16.43
CA LEU A 133 31.46 -33.77 -16.48
C LEU A 133 30.19 -33.96 -17.31
N MET A 134 30.35 -34.41 -18.55
CA MET A 134 29.22 -34.47 -19.46
C MET A 134 28.13 -35.37 -18.89
N TYR A 135 28.55 -36.49 -18.30
CA TYR A 135 27.65 -37.38 -17.59
C TYR A 135 27.04 -36.70 -16.37
N SER A 136 27.85 -35.91 -15.66
CA SER A 136 27.38 -35.16 -14.49
C SER A 136 26.29 -34.15 -14.85
N ILE A 137 26.55 -33.33 -15.86
CA ILE A 137 25.59 -32.30 -16.26
C ILE A 137 24.28 -32.92 -16.74
N LEU A 138 24.36 -34.12 -17.33
CA LEU A 138 23.16 -34.85 -17.75
C LEU A 138 22.53 -35.59 -16.58
N GLY A 139 23.37 -36.12 -15.70
CA GLY A 139 22.91 -36.66 -14.42
C GLY A 139 22.20 -35.59 -13.61
N LEU A 140 22.59 -34.34 -13.82
CA LEU A 140 21.90 -33.18 -13.28
C LEU A 140 20.68 -32.84 -14.12
N ALA A 141 20.86 -32.82 -15.44
CA ALA A 141 19.81 -32.43 -16.38
C ALA A 141 18.59 -33.33 -16.28
N LEU A 142 18.81 -34.64 -16.31
CA LEU A 142 17.75 -35.62 -16.11
C LEU A 142 16.97 -35.36 -14.82
N PHE A 143 17.70 -35.01 -13.76
CA PHE A 143 17.11 -34.82 -12.44
C PHE A 143 16.32 -33.52 -12.35
N ALA A 144 16.88 -32.45 -12.92
CA ALA A 144 16.19 -31.16 -12.98
C ALA A 144 14.83 -31.27 -13.66
N LEU A 145 14.73 -32.14 -14.67
CA LEU A 145 13.47 -32.41 -15.37
C LEU A 145 12.45 -33.04 -14.43
N VAL A 146 12.83 -34.18 -13.86
CA VAL A 146 11.95 -35.01 -13.04
C VAL A 146 11.34 -34.22 -11.87
N TYR A 147 12.15 -33.40 -11.21
CA TYR A 147 11.70 -32.59 -10.07
C TYR A 147 10.69 -31.49 -10.49
N SER A 148 10.62 -31.18 -11.79
CA SER A 148 9.58 -30.28 -12.32
C SER A 148 8.28 -31.04 -12.63
N ILE A 149 8.41 -32.19 -13.30
CA ILE A 149 7.27 -33.00 -13.69
C ILE A 149 7.12 -34.20 -12.76
N VAL A 156 6.62 -25.09 -1.18
CA VAL A 156 7.69 -24.32 -1.83
C VAL A 156 8.75 -23.74 -0.87
N VAL A 157 8.45 -23.67 0.43
CA VAL A 157 9.40 -23.14 1.43
C VAL A 157 9.59 -24.03 2.69
N TRP A 158 9.03 -25.24 2.68
CA TRP A 158 9.47 -26.32 3.58
C TRP A 158 10.91 -26.69 3.21
N THR A 159 11.16 -26.74 1.90
CA THR A 159 12.46 -27.11 1.35
C THR A 159 13.48 -25.98 1.48
N ASP A 160 13.04 -24.74 1.25
CA ASP A 160 13.92 -23.55 1.31
C ASP A 160 14.36 -23.14 2.74
N VAL A 161 13.99 -23.93 3.75
CA VAL A 161 14.50 -23.77 5.12
C VAL A 161 15.48 -24.87 5.50
N ILE A 162 15.06 -26.12 5.31
CA ILE A 162 15.89 -27.29 5.61
C ILE A 162 17.24 -27.29 4.88
N GLN A 163 17.26 -26.73 3.68
CA GLN A 163 18.49 -26.59 2.89
C GLN A 163 19.42 -25.52 3.48
N VAL A 164 18.86 -24.39 3.90
CA VAL A 164 19.66 -23.28 4.44
C VAL A 164 20.46 -23.71 5.69
N PHE A 165 19.82 -24.43 6.60
CA PHE A 165 20.54 -25.01 7.74
C PHE A 165 21.61 -26.00 7.28
N PHE A 166 21.21 -26.93 6.41
CA PHE A 166 22.11 -27.94 5.83
C PHE A 166 23.43 -27.30 5.36
N LEU A 167 23.30 -26.31 4.48
CA LEU A 167 24.41 -25.74 3.74
C LEU A 167 25.21 -24.68 4.50
N VAL A 168 24.55 -23.96 5.39
CA VAL A 168 25.24 -23.00 6.25
C VAL A 168 26.20 -23.76 7.18
N LEU A 169 25.72 -24.86 7.76
CA LEU A 169 26.59 -25.74 8.53
C LEU A 169 27.63 -26.39 7.63
N GLY A 170 27.22 -26.78 6.42
CA GLY A 170 28.14 -27.36 5.43
C GLY A 170 29.30 -26.44 5.07
N GLY A 171 28.98 -25.27 4.56
CA GLY A 171 29.98 -24.26 4.19
C GLY A 171 30.91 -23.91 5.34
N PHE A 172 30.33 -23.85 6.54
CA PHE A 172 31.08 -23.60 7.77
C PHE A 172 31.95 -24.79 8.15
N MET A 173 31.43 -26.01 7.98
CA MET A 173 32.20 -27.22 8.30
C MET A 173 33.46 -27.27 7.48
N THR A 174 33.29 -27.29 6.16
CA THR A 174 34.40 -27.22 5.22
C THR A 174 35.38 -26.12 5.61
N THR A 175 34.87 -24.89 5.65
CA THR A 175 35.70 -23.72 5.91
C THR A 175 36.41 -23.83 7.26
N TYR A 176 35.70 -24.29 8.28
CA TYR A 176 36.32 -24.44 9.60
C TYR A 176 37.52 -25.37 9.53
N MET A 177 37.28 -26.59 9.05
CA MET A 177 38.31 -27.62 9.05
C MET A 177 39.49 -27.27 8.13
N ALA A 178 39.21 -26.53 7.07
CA ALA A 178 40.26 -26.08 6.16
C ALA A 178 41.24 -25.22 6.92
N VAL A 179 40.74 -24.19 7.59
CA VAL A 179 41.59 -23.30 8.38
C VAL A 179 42.22 -24.02 9.57
N SER A 180 41.51 -24.99 10.12
CA SER A 180 42.05 -25.82 11.19
C SER A 180 43.34 -26.50 10.74
N PHE A 181 43.38 -26.89 9.47
CA PHE A 181 44.53 -27.58 8.88
C PHE A 181 45.75 -26.68 8.77
N ILE A 182 45.53 -25.47 8.27
CA ILE A 182 46.60 -24.50 8.07
C ILE A 182 47.29 -24.15 9.39
N GLY A 183 46.49 -23.85 10.41
CA GLY A 183 47.03 -23.55 11.74
C GLY A 183 47.69 -24.76 12.39
N GLY A 184 47.15 -25.94 12.11
CA GLY A 184 47.73 -27.19 12.56
C GLY A 184 47.77 -27.29 14.07
N THR A 185 48.94 -27.02 14.65
CA THR A 185 49.18 -27.18 16.09
C THR A 185 49.14 -25.88 16.90
N ASP A 186 49.11 -24.73 16.20
CA ASP A 186 49.06 -23.43 16.89
C ASP A 186 47.64 -22.88 17.00
N GLY A 187 46.64 -23.71 16.71
CA GLY A 187 45.23 -23.33 16.88
C GLY A 187 44.55 -22.93 15.59
N TRP A 188 43.23 -22.82 15.65
CA TRP A 188 42.39 -22.51 14.48
C TRP A 188 42.66 -21.10 13.96
N PHE A 189 42.58 -20.11 14.85
CA PHE A 189 42.77 -18.69 14.47
C PHE A 189 44.16 -18.44 13.91
N ALA A 190 45.18 -19.02 14.54
CA ALA A 190 46.55 -18.92 14.04
C ALA A 190 46.62 -19.24 12.55
N GLY A 191 45.90 -20.29 12.15
CA GLY A 191 45.79 -20.67 10.74
C GLY A 191 45.23 -19.55 9.89
N VAL A 192 44.25 -18.83 10.42
CA VAL A 192 43.71 -17.64 9.77
C VAL A 192 44.85 -16.63 9.57
N SER A 193 45.52 -16.29 10.67
CA SER A 193 46.62 -15.33 10.65
C SER A 193 47.71 -15.75 9.68
N LYS A 194 47.95 -17.06 9.61
CA LYS A 194 48.95 -17.60 8.70
C LYS A 194 48.51 -17.40 7.26
N MET A 195 47.30 -17.78 6.92
CA MET A 195 46.86 -17.70 5.52
C MET A 195 46.78 -16.27 5.05
N VAL A 196 46.54 -15.32 5.96
CA VAL A 196 46.59 -13.90 5.61
C VAL A 196 48.04 -13.41 5.46
N ASP A 197 48.94 -14.00 6.22
CA ASP A 197 50.38 -13.74 6.08
C ASP A 197 50.88 -14.29 4.74
N ALA A 198 50.47 -15.51 4.42
CA ALA A 198 50.97 -16.23 3.25
C ALA A 198 50.29 -15.81 1.96
N ALA A 199 49.13 -15.18 2.06
CA ALA A 199 48.39 -14.75 0.87
C ALA A 199 47.68 -13.44 1.13
N PRO A 200 48.46 -12.38 1.38
CA PRO A 200 47.92 -11.07 1.76
C PRO A 200 47.24 -10.39 0.60
N GLY A 201 47.58 -10.82 -0.62
CA GLY A 201 46.92 -10.36 -1.82
C GLY A 201 45.42 -10.59 -1.78
N HIS A 202 45.02 -11.64 -1.07
CA HIS A 202 43.63 -12.04 -1.04
C HIS A 202 42.82 -11.36 0.03
N PHE A 203 43.40 -10.35 0.68
CA PHE A 203 42.67 -9.59 1.70
C PHE A 203 42.60 -8.11 1.43
N GLU A 204 43.29 -7.67 0.38
CA GLU A 204 42.98 -6.37 -0.26
C GLU A 204 41.53 -6.42 -0.78
N MET A 205 40.75 -5.40 -0.42
CA MET A 205 39.34 -5.31 -0.80
C MET A 205 39.12 -4.43 -2.03
N ILE A 206 40.07 -3.54 -2.29
CA ILE A 206 39.90 -2.47 -3.27
C ILE A 206 41.12 -2.52 -4.18
N LEU A 207 40.92 -2.95 -5.41
CA LEU A 207 42.04 -3.36 -6.26
C LEU A 207 42.75 -2.21 -6.92
N ASP A 208 44.06 -2.40 -7.12
CA ASP A 208 44.89 -1.44 -7.83
C ASP A 208 44.84 -1.78 -9.30
N GLN A 209 45.18 -0.80 -10.12
CA GLN A 209 45.35 -1.04 -11.56
C GLN A 209 46.43 -2.10 -11.78
N SER A 210 47.45 -2.09 -10.93
CA SER A 210 48.52 -3.07 -10.96
C SER A 210 47.97 -4.49 -10.93
N ASN A 211 47.05 -4.75 -10.00
CA ASN A 211 46.41 -6.06 -9.93
C ASN A 211 45.79 -6.42 -11.28
N PRO A 212 46.03 -7.64 -11.76
CA PRO A 212 45.47 -8.07 -13.06
C PRO A 212 43.96 -8.35 -12.99
N GLN A 213 43.53 -8.93 -11.87
CA GLN A 213 42.11 -9.18 -11.60
C GLN A 213 41.27 -7.90 -11.56
N TYR A 214 41.93 -6.78 -11.30
CA TYR A 214 41.32 -5.44 -11.33
C TYR A 214 40.26 -5.25 -12.39
N MET A 215 40.61 -5.63 -13.61
CA MET A 215 39.70 -5.55 -14.75
C MET A 215 38.33 -6.22 -14.54
N ASN A 216 38.24 -7.14 -13.58
CA ASN A 216 36.95 -7.73 -13.21
C ASN A 216 36.29 -7.03 -12.02
N LEU A 217 37.10 -6.36 -11.21
CA LEU A 217 36.67 -5.87 -9.90
C LEU A 217 37.37 -4.53 -9.57
N PRO A 218 37.11 -3.51 -10.38
CA PRO A 218 37.95 -2.32 -10.49
C PRO A 218 37.86 -1.30 -9.32
N GLY A 219 38.49 -1.63 -8.20
CA GLY A 219 38.63 -0.69 -7.09
C GLY A 219 37.31 -0.14 -6.53
N ILE A 220 37.19 1.18 -6.51
CA ILE A 220 36.01 1.82 -5.88
C ILE A 220 34.74 1.72 -6.73
N ALA A 221 34.84 1.31 -7.99
CA ALA A 221 33.61 0.95 -8.73
C ALA A 221 32.75 -0.02 -7.91
N VAL A 222 33.43 -0.88 -7.15
CA VAL A 222 32.79 -1.72 -6.13
C VAL A 222 31.84 -0.91 -5.26
N LEU A 223 32.36 0.17 -4.69
CA LEU A 223 31.57 1.01 -3.80
C LEU A 223 30.70 1.94 -4.62
N ILE A 224 31.31 2.84 -5.36
CA ILE A 224 30.56 3.92 -6.00
C ILE A 224 30.05 3.62 -7.41
N GLY A 225 30.54 2.58 -8.05
CA GLY A 225 30.30 2.41 -9.48
C GLY A 225 29.46 1.23 -9.82
N GLY A 226 29.74 0.67 -11.01
CA GLY A 226 28.87 -0.29 -11.72
C GLY A 226 28.42 -1.55 -11.00
N LEU A 227 28.90 -1.76 -9.76
CA LEU A 227 28.36 -2.85 -8.93
C LEU A 227 26.90 -2.61 -8.67
N TRP A 228 26.56 -1.40 -8.24
CA TRP A 228 25.19 -1.04 -7.95
C TRP A 228 24.24 -1.48 -9.05
N VAL A 229 24.64 -1.30 -10.31
CA VAL A 229 23.85 -1.83 -11.41
C VAL A 229 23.56 -3.30 -11.16
N ALA A 230 24.62 -4.06 -10.93
CA ALA A 230 24.53 -5.50 -10.66
C ALA A 230 23.55 -5.78 -9.55
N ASN A 231 23.66 -5.02 -8.47
CA ASN A 231 22.82 -5.25 -7.30
C ASN A 231 21.39 -4.72 -7.38
N LEU A 232 21.25 -3.43 -7.65
CA LEU A 232 19.93 -2.84 -7.85
C LEU A 232 19.06 -3.73 -8.72
N TYR A 233 19.55 -3.99 -9.94
CA TYR A 233 18.82 -4.84 -10.89
C TYR A 233 18.48 -6.21 -10.31
N TYR A 234 19.44 -6.82 -9.64
CA TYR A 234 19.22 -8.16 -9.11
C TYR A 234 18.20 -8.10 -8.01
N TRP A 235 18.44 -7.28 -7.01
CA TRP A 235 17.60 -7.26 -5.82
C TRP A 235 16.34 -6.41 -6.02
N GLY A 236 16.52 -5.10 -6.10
CA GLY A 236 15.43 -4.13 -6.13
C GLY A 236 14.26 -4.57 -6.95
N PHE A 237 14.54 -4.96 -8.20
CA PHE A 237 13.52 -5.42 -9.11
C PHE A 237 13.54 -6.92 -9.21
N ASN A 238 14.33 -7.43 -10.15
CA ASN A 238 14.19 -8.81 -10.65
C ASN A 238 13.62 -9.78 -9.59
N GLN A 239 14.08 -9.63 -8.34
CA GLN A 239 13.61 -10.47 -7.25
C GLN A 239 12.08 -10.60 -7.19
N TYR A 240 11.56 -11.55 -7.97
CA TYR A 240 10.19 -12.03 -7.86
C TYR A 240 10.12 -12.64 -6.48
N ILE A 241 11.19 -13.34 -6.14
CA ILE A 241 11.24 -14.13 -4.92
C ILE A 241 11.21 -13.19 -3.70
N ILE A 242 11.55 -11.91 -3.91
CA ILE A 242 11.26 -10.86 -2.93
C ILE A 242 9.75 -10.66 -2.89
N GLN A 243 9.20 -10.40 -4.08
CA GLN A 243 7.82 -9.99 -4.25
C GLN A 243 6.87 -11.07 -3.75
N ARG A 244 7.00 -12.26 -4.33
CA ARG A 244 6.20 -13.42 -3.97
C ARG A 244 6.28 -13.69 -2.47
N THR A 245 7.46 -13.50 -1.90
CA THR A 245 7.68 -13.73 -0.46
C THR A 245 7.29 -12.51 0.41
N LEU A 246 7.26 -11.32 -0.19
CA LEU A 246 6.79 -10.12 0.50
C LEU A 246 5.28 -10.10 0.67
N ALA A 247 4.57 -10.70 -0.28
CA ALA A 247 3.12 -10.84 -0.20
C ALA A 247 2.75 -11.86 0.90
N ALA A 248 3.43 -11.79 2.05
CA ALA A 248 3.11 -12.62 3.21
C ALA A 248 2.38 -11.80 4.27
N LYS A 249 3.11 -11.04 5.09
CA LYS A 249 2.50 -10.26 6.18
C LYS A 249 2.82 -8.77 6.08
N SER A 250 2.15 -7.97 6.92
CA SER A 250 2.50 -6.56 7.17
C SER A 250 3.74 -6.09 6.44
N VAL A 251 3.54 -5.25 5.42
CA VAL A 251 4.66 -4.70 4.67
C VAL A 251 5.66 -4.10 5.66
N SER A 252 5.13 -3.42 6.66
CA SER A 252 5.92 -3.01 7.81
C SER A 252 6.91 -4.11 8.22
N GLU A 253 6.37 -5.30 8.49
CA GLU A 253 7.17 -6.44 8.91
C GLU A 253 7.96 -7.07 7.75
N ALA A 254 7.38 -7.08 6.56
CA ALA A 254 8.08 -7.57 5.37
C ALA A 254 9.44 -6.88 5.19
N GLN A 255 9.50 -5.61 5.60
CA GLN A 255 10.76 -4.86 5.60
C GLN A 255 11.77 -5.47 6.57
N LYS A 256 11.32 -5.84 7.76
CA LYS A 256 12.20 -6.47 8.77
C LYS A 256 12.86 -7.75 8.25
N GLY A 257 12.16 -8.48 7.38
CA GLY A 257 12.73 -9.67 6.74
C GLY A 257 13.81 -9.31 5.74
N ILE A 258 13.64 -8.18 5.07
CA ILE A 258 14.65 -7.66 4.17
C ILE A 258 15.89 -7.25 4.94
N VAL A 259 15.72 -6.61 6.09
CA VAL A 259 16.85 -6.25 6.95
C VAL A 259 17.58 -7.48 7.45
N PHE A 260 16.83 -8.43 8.00
CA PHE A 260 17.38 -9.71 8.46
C PHE A 260 18.12 -10.43 7.32
N ALA A 261 17.49 -10.46 6.15
CA ALA A 261 18.13 -10.99 4.94
C ALA A 261 19.42 -10.24 4.65
N ALA A 262 19.35 -8.92 4.67
CA ALA A 262 20.50 -8.06 4.48
C ALA A 262 21.61 -8.38 5.49
N PHE A 263 21.24 -8.64 6.73
CA PHE A 263 22.18 -9.04 7.75
C PHE A 263 22.88 -10.35 7.42
N LEU A 264 22.15 -11.30 6.86
CA LEU A 264 22.71 -12.60 6.50
C LEU A 264 23.80 -12.49 5.46
N LYS A 265 23.59 -11.62 4.47
CA LYS A 265 24.56 -11.38 3.40
C LYS A 265 25.95 -10.99 3.92
N LEU A 266 26.01 -10.43 5.12
CA LEU A 266 27.28 -10.19 5.77
C LEU A 266 28.02 -11.49 6.03
N ILE A 267 27.27 -12.52 6.42
CA ILE A 267 27.85 -13.79 6.84
C ILE A 267 28.17 -14.73 5.68
N VAL A 268 27.58 -14.46 4.51
CA VAL A 268 27.75 -15.35 3.36
C VAL A 268 29.23 -15.58 2.97
N PRO A 269 30.01 -14.49 2.83
CA PRO A 269 31.41 -14.61 2.41
C PRO A 269 32.26 -15.62 3.20
N PHE A 270 31.90 -15.81 4.46
CA PHE A 270 32.65 -16.68 5.33
C PHE A 270 32.36 -18.15 5.03
N LEU A 271 31.37 -18.39 4.19
CA LEU A 271 30.99 -19.74 3.79
C LEU A 271 31.31 -20.02 2.33
N VAL A 272 31.47 -18.97 1.53
CA VAL A 272 31.71 -19.13 0.09
C VAL A 272 33.09 -18.65 -0.33
N VAL A 273 33.38 -17.37 -0.08
CA VAL A 273 34.62 -16.76 -0.58
C VAL A 273 35.82 -17.11 0.31
N LEU A 274 35.57 -17.41 1.59
CA LEU A 274 36.65 -17.68 2.52
C LEU A 274 37.30 -19.06 2.36
N PRO A 275 36.52 -20.09 2.03
CA PRO A 275 37.13 -21.35 1.62
C PRO A 275 38.06 -21.21 0.42
N GLY A 276 37.66 -20.37 -0.54
CA GLY A 276 38.49 -20.06 -1.72
C GLY A 276 39.88 -19.56 -1.37
N ILE A 277 39.96 -18.67 -0.39
CA ILE A 277 41.25 -18.14 0.06
C ILE A 277 42.06 -19.22 0.79
N ALA A 278 41.38 -20.02 1.60
CA ALA A 278 42.03 -21.13 2.30
C ALA A 278 42.59 -22.14 1.30
N ALA A 279 41.76 -22.51 0.33
CA ALA A 279 42.15 -23.47 -0.69
C ALA A 279 43.38 -23.01 -1.43
N TYR A 280 43.36 -21.76 -1.87
CA TYR A 280 44.48 -21.19 -2.59
C TYR A 280 45.74 -21.39 -1.79
N VAL A 281 45.72 -20.88 -0.56
CA VAL A 281 46.89 -20.85 0.30
C VAL A 281 47.52 -22.22 0.39
N ILE A 282 46.68 -23.19 0.65
CA ILE A 282 47.10 -24.58 0.73
C ILE A 282 47.72 -25.06 -0.58
N THR A 283 47.02 -24.82 -1.68
CA THR A 283 47.46 -25.26 -2.99
C THR A 283 48.83 -24.69 -3.40
N SER A 284 48.99 -23.39 -3.22
CA SER A 284 50.23 -22.71 -3.57
C SER A 284 51.35 -22.88 -2.52
N ASP A 285 51.02 -23.48 -1.37
CA ASP A 285 52.02 -23.84 -0.37
C ASP A 285 52.41 -25.32 -0.54
N PRO A 286 53.71 -25.60 -0.73
CA PRO A 286 54.21 -26.95 -1.01
C PRO A 286 54.34 -27.87 0.20
N GLN A 287 54.62 -27.29 1.38
CA GLN A 287 54.79 -28.08 2.61
C GLN A 287 53.48 -28.77 2.96
N LEU A 288 52.40 -28.00 2.91
CA LEU A 288 51.06 -28.47 3.24
C LEU A 288 50.56 -29.42 2.17
N MET A 289 50.91 -29.13 0.92
CA MET A 289 50.40 -29.88 -0.21
C MET A 289 50.97 -31.29 -0.22
N ALA A 290 52.30 -31.40 -0.14
CA ALA A 290 52.96 -32.69 -0.07
C ALA A 290 52.59 -33.41 1.23
N SER A 291 52.23 -32.64 2.25
CA SER A 291 51.77 -33.18 3.53
C SER A 291 50.46 -33.94 3.39
N LEU A 292 49.52 -33.38 2.65
CA LEU A 292 48.26 -34.07 2.35
C LEU A 292 48.58 -35.45 1.80
N GLY A 293 49.40 -35.45 0.76
CA GLY A 293 49.89 -36.69 0.21
C GLY A 293 49.68 -36.81 -1.27
N ASP A 294 49.76 -38.05 -1.75
CA ASP A 294 49.69 -38.35 -3.17
C ASP A 294 48.25 -38.22 -3.67
N ILE A 295 47.29 -38.38 -2.76
CA ILE A 295 45.87 -38.45 -3.10
C ILE A 295 45.18 -37.07 -3.11
N ALA A 296 45.96 -35.99 -3.16
CA ALA A 296 45.44 -34.69 -3.60
C ALA A 296 45.17 -34.88 -5.09
N ALA A 297 44.32 -35.86 -5.38
CA ALA A 297 44.35 -36.59 -6.63
C ALA A 297 43.62 -35.82 -7.71
N THR A 298 44.28 -34.77 -8.20
CA THR A 298 43.72 -33.86 -9.21
C THR A 298 42.31 -33.39 -8.80
N ASN A 299 41.53 -32.94 -9.80
CA ASN A 299 40.41 -32.06 -9.53
C ASN A 299 40.94 -30.92 -8.66
N LEU A 300 42.21 -30.61 -8.89
CA LEU A 300 42.96 -29.62 -8.13
C LEU A 300 42.66 -28.26 -8.73
N PRO A 301 42.27 -27.29 -7.89
CA PRO A 301 41.99 -25.97 -8.41
C PRO A 301 43.28 -25.28 -8.79
N SER A 302 43.17 -24.34 -9.71
CA SER A 302 44.32 -23.61 -10.19
C SER A 302 43.88 -22.36 -10.88
N ALA A 303 44.85 -21.59 -11.34
CA ALA A 303 44.57 -20.47 -12.22
C ALA A 303 43.75 -20.96 -13.40
N ALA A 304 44.06 -22.16 -13.89
CA ALA A 304 43.31 -22.80 -14.96
C ALA A 304 41.83 -22.96 -14.58
N ASN A 305 41.50 -23.95 -13.75
CA ASN A 305 40.12 -24.13 -13.34
C ASN A 305 39.97 -23.87 -11.83
N ALA A 306 39.79 -22.59 -11.50
CA ALA A 306 39.72 -22.13 -10.12
C ALA A 306 38.45 -22.58 -9.42
N ASP A 307 37.39 -22.76 -10.20
CA ASP A 307 36.08 -23.10 -9.66
C ASP A 307 36.09 -24.41 -8.88
N LYS A 308 36.93 -25.35 -9.33
CA LYS A 308 37.13 -26.64 -8.65
C LYS A 308 37.45 -26.49 -7.16
N ALA A 309 37.78 -25.27 -6.75
CA ALA A 309 38.19 -24.96 -5.39
C ALA A 309 37.35 -25.64 -4.30
N TYR A 310 36.13 -25.15 -4.11
CA TYR A 310 35.29 -25.61 -2.99
C TYR A 310 34.98 -27.10 -3.01
N PRO A 311 34.61 -27.65 -4.19
CA PRO A 311 34.33 -29.08 -4.21
C PRO A 311 35.54 -29.93 -3.90
N TRP A 312 36.72 -29.42 -4.22
CA TRP A 312 37.94 -30.11 -3.88
C TRP A 312 38.18 -30.10 -2.38
N LEU A 313 37.73 -29.06 -1.70
CA LEU A 313 37.83 -28.99 -0.24
C LEU A 313 36.91 -29.99 0.45
N THR A 314 35.74 -30.20 -0.14
CA THR A 314 34.76 -31.17 0.37
C THR A 314 35.23 -32.61 0.13
N GLN A 315 36.07 -32.80 -0.89
CA GLN A 315 36.79 -34.06 -1.11
C GLN A 315 37.56 -34.50 0.13
N PHE A 316 37.87 -33.53 1.00
CA PHE A 316 38.76 -33.70 2.14
C PHE A 316 37.97 -33.62 3.48
N LEU A 317 36.63 -33.60 3.38
CA LEU A 317 35.74 -33.51 4.57
C LEU A 317 35.76 -34.81 5.42
N PRO A 318 35.06 -34.83 6.58
CA PRO A 318 34.99 -36.07 7.39
C PRO A 318 33.92 -37.09 7.00
N VAL A 319 33.73 -38.07 7.89
CA VAL A 319 32.94 -39.31 7.70
C VAL A 319 31.73 -39.29 6.74
N GLY A 320 30.51 -39.26 7.27
CA GLY A 320 29.30 -39.18 6.47
C GLY A 320 28.92 -37.72 6.28
N VAL A 321 29.52 -36.86 7.09
CA VAL A 321 29.37 -35.42 6.97
C VAL A 321 29.57 -35.00 5.51
N LYS A 322 30.55 -35.61 4.85
CA LYS A 322 30.74 -35.44 3.41
C LYS A 322 29.42 -35.59 2.67
N GLY A 323 28.93 -36.84 2.65
CA GLY A 323 27.72 -37.21 1.92
C GLY A 323 26.49 -36.40 2.31
N VAL A 324 26.45 -35.95 3.56
CA VAL A 324 25.38 -35.09 4.04
C VAL A 324 25.56 -33.69 3.48
N VAL A 325 26.72 -33.10 3.75
CA VAL A 325 27.07 -31.80 3.19
C VAL A 325 26.95 -31.86 1.67
N PHE A 326 27.43 -32.95 1.09
CA PHE A 326 27.33 -33.16 -0.35
C PHE A 326 25.90 -33.29 -0.84
N ALA A 327 25.13 -34.18 -0.23
CA ALA A 327 23.72 -34.35 -0.59
C ALA A 327 22.96 -33.05 -0.41
N ALA A 328 23.33 -32.29 0.61
CA ALA A 328 22.77 -30.97 0.84
C ALA A 328 22.95 -30.07 -0.38
N LEU A 329 24.17 -30.06 -0.91
CA LEU A 329 24.46 -29.29 -2.12
C LEU A 329 23.72 -29.89 -3.30
N ALA A 330 23.76 -31.22 -3.39
CA ALA A 330 23.08 -31.94 -4.46
C ALA A 330 21.68 -31.36 -4.71
N ALA A 331 20.86 -31.41 -3.67
CA ALA A 331 19.49 -30.93 -3.74
C ALA A 331 19.46 -29.44 -4.07
N ALA A 332 20.27 -28.67 -3.35
CA ALA A 332 20.32 -27.22 -3.49
C ALA A 332 20.60 -26.74 -4.91
N ILE A 333 21.07 -27.66 -5.76
CA ILE A 333 21.44 -27.34 -7.13
C ILE A 333 20.33 -27.70 -8.11
N VAL A 334 19.93 -28.97 -8.08
CA VAL A 334 18.80 -29.42 -8.90
C VAL A 334 17.57 -28.54 -8.65
N SER A 335 17.48 -28.02 -7.43
CA SER A 335 16.55 -26.94 -7.09
C SER A 335 16.69 -25.76 -8.05
N SER A 336 17.77 -24.99 -7.89
CA SER A 336 17.94 -23.73 -8.63
C SER A 336 17.73 -23.89 -10.13
N LEU A 337 18.06 -25.06 -10.67
CA LEU A 337 17.85 -25.34 -12.09
C LEU A 337 16.38 -25.31 -12.45
N ALA A 338 15.61 -26.14 -11.77
CA ALA A 338 14.16 -26.22 -11.97
C ALA A 338 13.50 -24.84 -11.98
N SER A 339 13.72 -24.10 -10.89
CA SER A 339 13.26 -22.72 -10.82
C SER A 339 13.58 -21.98 -12.11
N MET A 340 14.86 -21.95 -12.47
CA MET A 340 15.30 -21.28 -13.69
C MET A 340 14.61 -21.85 -14.92
N LEU A 341 14.45 -23.17 -14.93
CA LEU A 341 13.80 -23.84 -16.06
C LEU A 341 12.39 -23.31 -16.29
N ASN A 342 11.49 -23.61 -15.36
CA ASN A 342 10.09 -23.26 -15.54
C ASN A 342 9.88 -21.76 -15.75
N SER A 343 10.59 -20.95 -14.97
CA SER A 343 10.52 -19.50 -15.08
C SER A 343 10.70 -19.10 -16.54
N THR A 344 11.75 -19.62 -17.14
CA THR A 344 12.07 -19.34 -18.53
C THR A 344 10.98 -19.83 -19.46
N ALA A 345 10.55 -21.08 -19.26
CA ALA A 345 9.50 -21.68 -20.06
C ALA A 345 8.22 -20.86 -19.93
N THR A 346 7.71 -20.77 -18.69
CA THR A 346 6.51 -20.02 -18.41
C THR A 346 6.59 -18.64 -19.06
N ILE A 347 7.63 -17.89 -18.71
CA ILE A 347 7.88 -16.60 -19.34
C ILE A 347 7.70 -16.69 -20.83
N PHE A 348 8.35 -17.66 -21.45
CA PHE A 348 8.23 -17.82 -22.89
C PHE A 348 6.80 -18.12 -23.31
N THR A 349 6.29 -19.26 -22.86
CA THR A 349 4.97 -19.72 -23.29
C THR A 349 3.89 -18.67 -23.09
N MET A 350 4.05 -17.81 -22.09
CA MET A 350 3.09 -16.75 -21.85
C MET A 350 3.34 -15.55 -22.74
N ASP A 351 4.45 -14.87 -22.48
CA ASP A 351 4.64 -13.51 -22.96
C ASP A 351 5.09 -13.48 -24.43
N ILE A 352 5.48 -14.65 -24.94
CA ILE A 352 5.83 -14.80 -26.34
C ILE A 352 4.73 -15.57 -27.06
N TYR A 353 4.45 -16.77 -26.56
CA TYR A 353 3.53 -17.68 -27.24
C TYR A 353 2.06 -17.29 -27.01
N LYS A 354 1.71 -16.98 -25.76
CA LYS A 354 0.32 -16.61 -25.44
C LYS A 354 -0.01 -15.21 -25.95
N GLU A 355 0.81 -14.22 -25.63
CA GLU A 355 0.44 -12.85 -25.98
C GLU A 355 0.64 -12.53 -27.46
N TYR A 356 1.62 -13.17 -28.12
CA TYR A 356 1.92 -12.84 -29.52
C TYR A 356 1.77 -13.95 -30.57
N ILE A 357 1.91 -15.22 -30.18
CA ILE A 357 1.75 -16.31 -31.16
C ILE A 357 0.28 -16.72 -31.31
N SER A 358 -0.39 -16.96 -30.19
CA SER A 358 -1.87 -17.05 -30.15
C SER A 358 -2.34 -16.87 -28.71
N PRO A 359 -3.56 -16.32 -28.51
CA PRO A 359 -4.00 -15.99 -27.16
C PRO A 359 -4.37 -17.20 -26.31
N ASP A 360 -5.15 -18.11 -26.88
CA ASP A 360 -5.57 -19.34 -26.20
C ASP A 360 -5.41 -20.55 -27.11
N SER A 361 -4.46 -21.40 -26.76
CA SER A 361 -4.51 -22.81 -27.14
C SER A 361 -5.44 -23.47 -26.12
N GLY A 362 -5.22 -23.13 -24.86
CA GLY A 362 -6.08 -23.52 -23.75
C GLY A 362 -5.41 -23.20 -22.43
N ASP A 363 -5.73 -23.96 -21.40
CA ASP A 363 -4.90 -24.01 -20.18
C ASP A 363 -4.23 -25.40 -20.07
N HIS A 364 -4.55 -26.29 -21.01
CA HIS A 364 -3.95 -27.64 -21.06
C HIS A 364 -2.76 -27.70 -22.03
N LYS A 365 -3.01 -27.35 -23.30
CA LYS A 365 -1.92 -27.23 -24.30
C LYS A 365 -0.90 -26.16 -23.90
N LEU A 366 -1.33 -25.18 -23.11
CA LEU A 366 -0.45 -24.18 -22.50
C LEU A 366 0.63 -24.85 -21.67
N VAL A 367 0.23 -25.80 -20.82
CA VAL A 367 1.16 -26.50 -19.93
C VAL A 367 1.97 -27.54 -20.71
N ASN A 368 1.31 -28.25 -21.63
CA ASN A 368 1.99 -29.18 -22.53
C ASN A 368 3.10 -28.47 -23.31
N VAL A 369 2.73 -27.40 -24.01
CA VAL A 369 3.69 -26.53 -24.72
C VAL A 369 4.57 -25.74 -23.75
N GLY A 370 4.09 -25.57 -22.52
CA GLY A 370 4.83 -24.88 -21.45
C GLY A 370 6.05 -25.63 -20.96
N ARG A 371 5.93 -26.94 -20.79
CA ARG A 371 7.07 -27.79 -20.38
C ARG A 371 7.75 -28.48 -21.58
N THR A 372 7.50 -27.95 -22.78
CA THR A 372 8.25 -28.36 -23.97
C THR A 372 9.51 -27.51 -24.12
N ALA A 373 9.30 -26.19 -24.21
CA ALA A 373 10.41 -25.22 -24.26
C ALA A 373 11.39 -25.53 -23.13
N ALA A 374 10.84 -25.90 -21.97
CA ALA A 374 11.62 -26.32 -20.80
C ALA A 374 12.76 -27.26 -21.16
N VAL A 375 12.50 -28.21 -22.06
CA VAL A 375 13.52 -29.15 -22.49
C VAL A 375 14.38 -28.59 -23.61
N VAL A 376 13.73 -28.01 -24.63
CA VAL A 376 14.44 -27.31 -25.71
C VAL A 376 15.46 -26.33 -25.15
N ALA A 377 15.12 -25.71 -24.01
CA ALA A 377 16.10 -24.95 -23.25
C ALA A 377 17.13 -25.92 -22.70
N LEU A 378 16.72 -26.74 -21.73
CA LEU A 378 17.63 -27.62 -21.00
C LEU A 378 18.69 -28.25 -21.89
N ILE A 379 18.28 -28.71 -23.07
CA ILE A 379 19.21 -29.37 -23.98
C ILE A 379 20.28 -28.41 -24.49
N ILE A 380 19.89 -27.18 -24.81
CA ILE A 380 20.84 -26.15 -25.23
C ILE A 380 21.76 -25.80 -24.07
N ALA A 381 21.16 -25.58 -22.90
CA ALA A 381 21.88 -25.43 -21.66
C ALA A 381 22.92 -26.56 -21.51
N CYS A 382 22.51 -27.79 -21.76
CA CYS A 382 23.42 -28.96 -21.70
C CYS A 382 24.40 -29.02 -22.87
N LEU A 383 24.04 -28.41 -23.99
CA LEU A 383 24.87 -28.43 -25.19
C LEU A 383 26.06 -27.50 -25.02
N ILE A 384 25.77 -26.28 -24.59
CA ILE A 384 26.79 -25.26 -24.35
C ILE A 384 27.31 -25.33 -22.90
N ALA A 385 26.65 -26.10 -22.05
CA ALA A 385 27.04 -26.26 -20.64
C ALA A 385 28.53 -26.54 -20.46
N PRO A 386 29.05 -27.59 -21.11
CA PRO A 386 30.44 -28.01 -20.92
C PRO A 386 31.50 -27.01 -21.38
N MET A 387 31.13 -26.06 -22.24
CA MET A 387 32.10 -25.16 -22.85
C MET A 387 32.79 -24.21 -21.87
N LEU A 388 32.28 -24.14 -20.64
CA LEU A 388 32.83 -23.25 -19.63
C LEU A 388 34.01 -23.87 -18.86
N GLY A 389 34.42 -25.07 -19.25
CA GLY A 389 35.57 -25.73 -18.62
C GLY A 389 36.88 -25.07 -18.97
N GLY A 390 36.86 -24.28 -20.04
CA GLY A 390 37.99 -23.44 -20.42
C GLY A 390 37.77 -22.01 -19.98
N ILE A 391 37.32 -21.86 -18.74
CA ILE A 391 37.17 -20.54 -18.12
C ILE A 391 37.66 -20.61 -16.67
N GLY A 392 38.22 -19.50 -16.22
CA GLY A 392 38.80 -19.42 -14.88
C GLY A 392 37.76 -19.35 -13.79
N GLN A 393 36.93 -18.32 -13.86
CA GLN A 393 35.85 -18.09 -12.89
C GLN A 393 34.53 -17.94 -13.65
N ALA A 394 33.64 -18.88 -13.45
CA ALA A 394 32.30 -18.77 -14.02
C ALA A 394 31.68 -17.49 -13.47
N PHE A 395 31.82 -17.32 -12.16
CA PHE A 395 31.25 -16.18 -11.48
C PHE A 395 31.44 -14.87 -12.25
N GLN A 396 32.64 -14.65 -12.78
CA GLN A 396 32.89 -13.42 -13.53
C GLN A 396 32.27 -13.45 -14.93
N TYR A 397 32.09 -14.65 -15.47
CA TYR A 397 31.35 -14.82 -16.73
C TYR A 397 29.89 -14.41 -16.53
N ILE A 398 29.29 -14.99 -15.49
CA ILE A 398 27.92 -14.69 -15.12
C ILE A 398 27.72 -13.21 -14.90
N GLN A 399 28.57 -12.63 -14.05
CA GLN A 399 28.42 -11.24 -13.65
C GLN A 399 28.66 -10.32 -14.81
N GLU A 400 29.58 -10.70 -15.68
CA GLU A 400 29.94 -9.88 -16.84
C GLU A 400 28.83 -9.74 -17.86
N TYR A 401 28.16 -10.85 -18.12
CA TYR A 401 27.29 -10.95 -19.28
C TYR A 401 25.83 -10.58 -19.07
N THR A 402 25.30 -10.79 -17.87
CA THR A 402 24.02 -10.14 -17.54
C THR A 402 24.25 -8.61 -17.59
N GLY A 403 25.50 -8.22 -17.37
CA GLY A 403 25.92 -6.86 -17.59
C GLY A 403 25.65 -6.34 -19.00
N LEU A 404 25.34 -7.24 -19.94
CA LEU A 404 24.94 -6.83 -21.29
C LEU A 404 23.52 -6.31 -21.31
N VAL A 405 22.69 -6.91 -20.46
CA VAL A 405 21.27 -6.65 -20.49
C VAL A 405 20.81 -5.86 -19.24
N SER A 406 21.30 -6.26 -18.06
CA SER A 406 20.86 -5.68 -16.79
C SER A 406 20.85 -4.15 -16.74
N PRO A 407 21.85 -3.48 -17.34
CA PRO A 407 21.90 -2.02 -17.22
C PRO A 407 20.76 -1.30 -17.95
N GLY A 408 20.51 -1.74 -19.18
CA GLY A 408 19.45 -1.18 -20.00
C GLY A 408 18.06 -1.45 -19.43
N ILE A 409 17.86 -2.66 -18.92
CA ILE A 409 16.56 -3.05 -18.39
C ILE A 409 16.44 -2.68 -16.93
N LEU A 410 17.53 -2.23 -16.33
CA LEU A 410 17.47 -1.56 -15.05
C LEU A 410 17.07 -0.11 -15.30
N ALA A 411 17.77 0.54 -16.23
CA ALA A 411 17.47 1.93 -16.59
C ALA A 411 15.98 2.10 -16.79
N VAL A 412 15.39 1.14 -17.50
CA VAL A 412 13.94 1.08 -17.68
C VAL A 412 13.23 1.10 -16.33
N PHE A 413 13.57 0.15 -15.48
CA PHE A 413 12.90 0.01 -14.20
C PHE A 413 12.97 1.24 -13.33
N LEU A 414 14.17 1.78 -13.14
CA LEU A 414 14.34 2.92 -12.23
C LEU A 414 13.45 4.05 -12.64
N LEU A 415 13.52 4.41 -13.92
CA LEU A 415 12.71 5.49 -14.46
C LEU A 415 11.20 5.17 -14.41
N GLY A 416 10.85 3.93 -14.74
CA GLY A 416 9.47 3.45 -14.56
C GLY A 416 8.98 3.69 -13.14
N LEU A 417 9.61 3.02 -12.16
CA LEU A 417 9.29 3.25 -10.75
C LEU A 417 9.25 4.73 -10.42
N PHE A 418 10.32 5.43 -10.70
CA PHE A 418 10.52 6.72 -10.05
C PHE A 418 10.25 7.95 -10.90
N TRP A 419 10.10 7.78 -12.21
CA TRP A 419 9.91 8.95 -13.08
C TRP A 419 8.63 8.87 -13.88
N LYS A 420 7.65 9.62 -13.39
CA LYS A 420 6.32 9.64 -13.98
C LYS A 420 6.25 10.17 -15.42
N LYS A 421 7.31 10.79 -15.92
CA LYS A 421 7.37 11.25 -17.32
C LYS A 421 7.71 10.14 -18.31
N THR A 422 8.29 9.04 -17.80
CA THR A 422 8.79 7.98 -18.67
C THR A 422 7.65 7.39 -19.52
N THR A 423 7.95 7.10 -20.79
CA THR A 423 6.92 6.60 -21.70
C THR A 423 7.33 5.25 -22.28
N SER A 424 6.32 4.48 -22.66
CA SER A 424 6.52 3.20 -23.34
C SER A 424 7.45 3.39 -24.52
N LYS A 425 7.23 4.46 -25.29
CA LYS A 425 8.06 4.79 -26.45
C LYS A 425 9.53 4.91 -26.08
N GLY A 426 9.81 5.76 -25.08
CA GLY A 426 11.15 5.97 -24.58
C GLY A 426 11.73 4.66 -24.12
N ALA A 427 11.05 4.03 -23.16
CA ALA A 427 11.46 2.72 -22.63
C ALA A 427 11.96 1.80 -23.74
N ILE A 428 11.09 1.59 -24.73
CA ILE A 428 11.38 0.68 -25.84
C ILE A 428 12.68 1.02 -26.56
N ILE A 429 12.78 2.25 -27.05
CA ILE A 429 13.98 2.68 -27.76
C ILE A 429 15.23 2.43 -26.93
N GLY A 430 15.26 3.01 -25.73
CA GLY A 430 16.42 2.99 -24.86
C GLY A 430 16.94 1.59 -24.59
N VAL A 431 16.03 0.69 -24.20
CA VAL A 431 16.43 -0.67 -23.84
C VAL A 431 17.00 -1.43 -25.04
N VAL A 432 16.40 -1.23 -26.21
CA VAL A 432 16.91 -1.84 -27.44
C VAL A 432 18.26 -1.26 -27.81
N ALA A 433 18.34 0.07 -27.81
CA ALA A 433 19.58 0.78 -28.17
C ALA A 433 20.73 0.52 -27.21
N SER A 434 20.43 -0.10 -26.06
CA SER A 434 21.47 -0.50 -25.12
C SER A 434 22.40 -1.54 -25.72
N ILE A 435 21.84 -2.65 -26.13
CA ILE A 435 22.63 -3.78 -26.57
C ILE A 435 23.80 -3.38 -27.49
N PRO A 436 23.51 -2.70 -28.61
CA PRO A 436 24.61 -2.27 -29.46
C PRO A 436 25.69 -1.55 -28.66
N PHE A 437 25.25 -0.56 -27.88
CA PHE A 437 26.14 0.21 -27.03
C PHE A 437 26.96 -0.67 -26.08
N ALA A 438 26.29 -1.53 -25.31
CA ALA A 438 26.95 -2.48 -24.41
C ALA A 438 27.97 -3.38 -25.13
N LEU A 439 27.55 -3.91 -26.28
CA LEU A 439 28.42 -4.70 -27.16
C LEU A 439 29.56 -3.89 -27.74
N PHE A 440 29.26 -2.66 -28.11
CA PHE A 440 30.27 -1.78 -28.66
C PHE A 440 31.42 -1.63 -27.69
N LEU A 441 31.08 -1.28 -26.45
CA LEU A 441 32.08 -1.17 -25.37
C LEU A 441 32.72 -2.50 -25.07
N LYS A 442 31.90 -3.55 -25.01
CA LYS A 442 32.40 -4.88 -24.71
C LYS A 442 33.44 -5.36 -25.74
N PHE A 443 33.26 -4.99 -27.00
CA PHE A 443 34.11 -5.51 -28.08
C PHE A 443 34.85 -4.43 -28.85
N MET A 444 35.39 -3.49 -28.10
CA MET A 444 36.21 -2.42 -28.65
C MET A 444 37.55 -2.47 -27.91
N PRO A 445 38.63 -1.98 -28.56
CA PRO A 445 39.94 -1.92 -27.88
C PRO A 445 39.89 -1.24 -26.52
N LEU A 446 39.51 0.04 -26.50
CA LEU A 446 39.31 0.80 -25.26
C LEU A 446 39.20 -0.13 -24.05
N SER A 447 40.34 -0.42 -23.42
CA SER A 447 40.37 -1.41 -22.35
C SER A 447 39.63 -0.84 -21.18
N MET A 448 38.50 -1.46 -20.85
CA MET A 448 37.61 -0.96 -19.84
C MET A 448 36.94 -2.13 -19.11
N PRO A 449 37.03 -2.13 -17.77
CA PRO A 449 36.41 -3.20 -17.01
C PRO A 449 34.95 -3.28 -17.31
N PHE A 450 34.37 -4.47 -17.15
CA PHE A 450 32.96 -4.64 -17.48
C PHE A 450 32.15 -3.88 -16.44
N MET A 451 32.61 -3.82 -15.18
CA MET A 451 31.88 -3.06 -14.18
C MET A 451 31.83 -1.56 -14.54
N ASP A 452 33.01 -0.95 -14.73
CA ASP A 452 33.17 0.42 -15.31
C ASP A 452 32.28 0.50 -16.59
N GLN A 453 32.29 -0.58 -17.35
CA GLN A 453 31.53 -0.66 -18.60
C GLN A 453 30.03 -0.54 -18.37
N MET A 454 29.48 -1.46 -17.59
CA MET A 454 28.04 -1.64 -17.54
C MET A 454 27.35 -0.53 -16.78
N LEU A 455 28.14 0.32 -16.15
CA LEU A 455 27.63 1.59 -15.65
C LEU A 455 27.25 2.45 -16.85
N TYR A 456 28.27 2.82 -17.63
CA TYR A 456 28.08 3.71 -18.79
C TYR A 456 26.85 3.33 -19.61
N THR A 457 26.66 2.01 -19.78
CA THR A 457 25.50 1.50 -20.49
C THR A 457 24.20 2.03 -19.89
N LEU A 458 23.95 1.71 -18.62
CA LEU A 458 22.73 2.16 -17.95
C LEU A 458 22.57 3.66 -18.14
N LEU A 459 23.62 4.41 -17.84
CA LEU A 459 23.61 5.86 -17.94
C LEU A 459 23.17 6.32 -19.33
N PHE A 460 23.77 5.71 -20.34
CA PHE A 460 23.37 6.00 -21.71
C PHE A 460 21.91 5.64 -21.92
N THR A 461 21.56 4.41 -21.56
CA THR A 461 20.18 3.95 -21.70
C THR A 461 19.24 5.02 -21.17
N MET A 462 19.47 5.43 -19.93
CA MET A 462 18.63 6.44 -19.29
C MET A 462 18.54 7.74 -20.06
N VAL A 463 19.69 8.24 -20.47
CA VAL A 463 19.74 9.52 -21.17
C VAL A 463 18.99 9.46 -22.51
N VAL A 464 18.97 8.29 -23.13
CA VAL A 464 18.15 8.10 -24.30
C VAL A 464 16.67 8.20 -23.91
N ILE A 465 16.16 7.19 -23.21
CA ILE A 465 14.72 7.13 -22.87
C ILE A 465 14.23 8.43 -22.25
N ALA A 466 15.11 9.11 -21.51
CA ALA A 466 14.84 10.46 -21.01
C ALA A 466 14.36 11.39 -22.12
N PHE A 467 15.23 11.72 -23.06
CA PHE A 467 14.88 12.64 -24.15
C PHE A 467 13.79 12.08 -25.05
N THR A 468 13.84 10.77 -25.28
CA THR A 468 12.83 10.11 -26.09
C THR A 468 11.46 10.35 -25.47
N SER A 469 11.29 9.89 -24.23
CA SER A 469 10.01 10.06 -23.52
C SER A 469 9.69 11.54 -23.23
N LEU A 470 10.69 12.41 -23.31
CA LEU A 470 10.52 13.84 -23.08
C LEU A 470 9.85 14.51 -24.28
N SER A 471 10.19 14.04 -25.48
CA SER A 471 9.63 14.59 -26.72
C SER A 471 8.47 13.75 -27.27
N THR A 472 8.06 12.73 -26.53
CA THR A 472 6.90 11.90 -26.92
C THR A 472 5.70 12.09 -26.00
N SER A 473 5.94 12.42 -24.72
CA SER A 473 4.84 12.67 -23.79
C SER A 473 4.01 13.83 -24.33
N ILE A 474 2.86 13.48 -24.92
CA ILE A 474 1.95 14.46 -25.52
C ILE A 474 1.64 15.48 -24.46
N ASN A 475 1.12 14.99 -23.33
CA ASN A 475 0.93 15.79 -22.14
C ASN A 475 2.16 15.62 -21.24
N ASP A 476 2.03 16.05 -19.99
CA ASP A 476 3.11 15.88 -19.02
C ASP A 476 3.26 14.42 -18.63
N ASP A 477 2.55 14.01 -17.58
CA ASP A 477 2.76 12.69 -17.01
C ASP A 477 2.15 11.65 -17.93
N ASP A 478 2.95 10.66 -18.33
CA ASP A 478 2.43 9.48 -18.99
C ASP A 478 1.22 9.07 -18.15
N PRO A 479 0.05 8.87 -18.80
CA PRO A 479 -1.15 8.58 -18.00
C PRO A 479 -0.99 7.28 -17.20
N LYS A 480 -0.28 6.33 -17.80
CA LYS A 480 0.08 5.06 -17.16
C LYS A 480 1.23 5.25 -16.16
N GLY A 481 1.59 6.51 -15.92
CA GLY A 481 2.74 6.87 -15.11
C GLY A 481 2.55 6.51 -13.65
N ILE A 482 3.67 6.35 -12.95
CA ILE A 482 3.66 5.78 -11.61
C ILE A 482 3.15 6.77 -10.61
N SER A 483 2.21 6.28 -9.83
CA SER A 483 1.41 7.10 -8.94
C SER A 483 2.25 8.06 -8.09
N VAL A 484 1.80 9.31 -8.12
CA VAL A 484 2.29 10.35 -7.25
C VAL A 484 2.72 9.76 -5.89
N THR A 485 3.97 9.31 -5.81
CA THR A 485 4.46 8.70 -4.57
C THR A 485 4.68 9.78 -3.51
N SER A 486 4.43 9.41 -2.25
CA SER A 486 4.49 10.35 -1.13
C SER A 486 5.43 9.85 -0.06
N SER A 487 5.46 10.54 1.07
CA SER A 487 6.15 10.04 2.25
C SER A 487 5.43 8.79 2.79
N MET A 488 5.55 7.71 2.01
CA MET A 488 4.98 6.40 2.35
C MET A 488 6.10 5.37 2.54
N PHE A 489 7.34 5.81 2.34
CA PHE A 489 8.51 4.97 2.50
C PHE A 489 8.78 4.85 3.97
N VAL A 490 8.56 5.96 4.66
CA VAL A 490 8.49 5.99 6.12
C VAL A 490 8.53 4.60 6.73
N THR A 491 9.72 4.18 7.08
CA THR A 491 9.96 2.85 7.64
C THR A 491 10.09 2.93 9.16
N ASP A 492 10.01 1.76 9.79
CA ASP A 492 9.85 1.67 11.25
C ASP A 492 11.15 1.71 12.03
N ARG A 493 11.09 2.23 13.25
CA ARG A 493 12.26 2.33 14.13
C ARG A 493 12.61 0.95 14.68
N SER A 494 13.35 0.20 13.88
CA SER A 494 13.66 -1.21 14.14
C SER A 494 14.29 -1.74 12.88
N PHE A 495 13.57 -1.63 11.76
CA PHE A 495 14.19 -1.74 10.45
C PHE A 495 15.26 -0.67 10.37
N ASN A 496 14.88 0.55 10.72
CA ASN A 496 15.80 1.67 10.72
C ASN A 496 17.07 1.39 11.51
N ILE A 497 16.90 1.17 12.81
CA ILE A 497 18.05 0.98 13.70
C ILE A 497 18.96 -0.16 13.22
N ALA A 498 18.37 -1.23 12.70
CA ALA A 498 19.12 -2.34 12.14
C ALA A 498 19.94 -1.88 10.94
N ALA A 499 19.25 -1.22 10.00
CA ALA A 499 19.88 -0.69 8.80
C ALA A 499 21.16 0.07 9.11
N TYR A 500 21.16 0.86 10.17
CA TYR A 500 22.37 1.59 10.58
C TYR A 500 23.48 0.64 11.00
N GLY A 501 23.18 -0.19 11.99
CA GLY A 501 24.14 -1.16 12.50
C GLY A 501 24.88 -1.87 11.39
N ILE A 502 24.12 -2.33 10.40
CA ILE A 502 24.68 -2.92 9.20
C ILE A 502 25.69 -1.98 8.54
N MET A 503 25.27 -0.75 8.25
CA MET A 503 26.13 0.22 7.57
C MET A 503 27.41 0.47 8.36
N ILE A 504 27.24 0.79 9.63
CA ILE A 504 28.37 0.95 10.54
C ILE A 504 29.33 -0.23 10.52
N VAL A 505 28.76 -1.43 10.48
CA VAL A 505 29.55 -2.66 10.42
C VAL A 505 30.35 -2.77 9.13
N LEU A 506 29.75 -2.40 8.01
CA LEU A 506 30.47 -2.42 6.75
C LEU A 506 31.47 -1.28 6.74
N ALA A 507 30.96 -0.06 6.86
CA ALA A 507 31.78 1.12 6.92
C ALA A 507 33.11 0.83 7.63
N VAL A 508 33.02 0.42 8.89
CA VAL A 508 34.21 0.11 9.68
C VAL A 508 35.14 -0.88 8.99
N LEU A 509 34.60 -1.98 8.45
CA LEU A 509 35.45 -3.02 7.90
C LEU A 509 36.11 -2.57 6.59
N TYR A 510 35.38 -1.82 5.78
CA TYR A 510 35.95 -1.28 4.54
C TYR A 510 37.07 -0.32 4.84
N THR A 511 36.90 0.50 5.87
CA THR A 511 38.00 1.30 6.36
C THR A 511 39.08 0.39 6.94
N LEU A 512 38.67 -0.54 7.81
CA LEU A 512 39.60 -1.47 8.47
C LEU A 512 40.64 -2.02 7.51
N PHE A 513 40.21 -2.42 6.34
CA PHE A 513 41.14 -2.95 5.34
C PHE A 513 41.92 -1.84 4.66
N TRP A 514 41.25 -0.95 3.94
CA TRP A 514 41.95 0.18 3.33
C TRP A 514 43.04 0.73 4.26
N VAL A 515 42.74 0.84 5.54
CA VAL A 515 43.69 1.41 6.52
C VAL A 515 44.89 0.49 6.81
N LEU A 516 44.83 -0.76 6.36
CA LEU A 516 46.00 -1.66 6.34
C LEU A 516 46.92 -1.37 5.13
N TYR A 517 46.35 -0.77 4.09
CA TYR A 517 47.08 -0.45 2.85
C TYR A 517 47.03 1.06 2.52
N LYS A 518 47.69 1.85 3.37
CA LYS A 518 47.79 3.33 3.25
C LYS A 518 47.81 4.01 4.62
N UNK B 1 56.81 50.67 -33.81
CA UNK B 1 56.16 51.96 -34.16
C UNK B 1 54.79 51.71 -34.76
N UNK B 2 54.76 50.92 -35.83
CA UNK B 2 53.51 50.50 -36.45
C UNK B 2 52.68 49.69 -35.47
N UNK B 3 53.33 48.69 -34.86
CA UNK B 3 52.71 47.88 -33.82
C UNK B 3 52.22 48.77 -32.67
N UNK B 4 53.03 49.76 -32.32
CA UNK B 4 52.67 50.71 -31.28
C UNK B 4 51.47 51.56 -31.70
N UNK B 5 51.57 52.17 -32.88
CA UNK B 5 50.54 53.06 -33.41
C UNK B 5 49.22 52.33 -33.65
N UNK B 6 49.31 51.12 -34.19
CA UNK B 6 48.12 50.30 -34.46
C UNK B 6 47.43 49.94 -33.16
N UNK B 7 48.20 49.37 -32.23
CA UNK B 7 47.67 48.94 -30.93
C UNK B 7 47.07 50.10 -30.14
N UNK B 8 47.70 51.26 -30.26
CA UNK B 8 47.19 52.49 -29.63
C UNK B 8 45.93 52.97 -30.33
N UNK B 9 46.01 53.10 -31.65
CA UNK B 9 44.88 53.55 -32.48
C UNK B 9 43.67 52.65 -32.33
N UNK B 10 43.91 51.33 -32.26
CA UNK B 10 42.85 50.36 -32.03
C UNK B 10 42.33 50.43 -30.60
N UNK B 11 43.26 50.52 -29.65
CA UNK B 11 42.91 50.65 -28.23
C UNK B 11 42.11 51.92 -27.97
N UNK B 12 42.65 53.06 -28.42
CA UNK B 12 41.96 54.35 -28.33
C UNK B 12 40.61 54.32 -29.05
N UNK B 13 40.59 53.72 -30.25
CA UNK B 13 39.37 53.62 -31.06
C UNK B 13 38.33 52.68 -30.44
N UNK B 14 38.80 51.55 -29.94
CA UNK B 14 37.91 50.59 -29.26
C UNK B 14 37.42 51.15 -27.94
N UNK B 15 38.33 51.80 -27.22
CA UNK B 15 38.00 52.45 -25.95
C UNK B 15 36.94 53.53 -26.16
N UNK B 16 37.28 54.53 -26.98
CA UNK B 16 36.43 55.71 -27.18
C UNK B 16 35.10 55.41 -27.87
N UNK B 17 35.06 54.34 -28.67
CA UNK B 17 33.85 53.96 -29.39
C UNK B 17 33.10 52.87 -28.63
N ALA B 18 17.94 45.49 -22.94
CA ALA B 18 17.40 45.84 -24.24
C ALA B 18 17.82 44.83 -25.32
N GLY B 19 17.48 45.13 -26.57
CA GLY B 19 17.87 44.31 -27.73
C GLY B 19 16.96 44.48 -28.93
N LYS B 20 17.49 45.08 -30.01
CA LYS B 20 16.74 45.26 -31.27
C LYS B 20 16.59 43.96 -32.07
N SER B 21 15.82 43.01 -31.52
CA SER B 21 15.51 41.73 -32.20
C SER B 21 16.76 41.03 -32.76
N LEU B 22 17.67 40.65 -31.87
CA LEU B 22 18.92 40.02 -32.30
C LEU B 22 18.58 38.79 -33.15
N PRO B 23 19.12 38.72 -34.40
CA PRO B 23 18.75 37.63 -35.30
C PRO B 23 19.78 36.51 -35.46
N TRP B 24 19.31 35.45 -36.13
CA TRP B 24 20.14 34.44 -36.80
C TRP B 24 21.58 34.43 -36.29
N TRP B 25 22.41 35.32 -36.84
CA TRP B 25 23.85 35.26 -36.63
C TRP B 25 24.26 36.06 -35.41
N ALA B 26 23.81 37.32 -35.34
CA ALA B 26 24.22 38.24 -34.29
C ALA B 26 24.00 37.64 -32.89
N VAL B 27 23.00 36.77 -32.79
CA VAL B 27 22.73 36.05 -31.55
C VAL B 27 23.93 35.18 -31.13
N GLY B 28 24.18 34.11 -31.90
CA GLY B 28 25.25 33.16 -31.61
C GLY B 28 26.61 33.79 -31.43
N ALA B 29 26.91 34.80 -32.25
CA ALA B 29 28.17 35.54 -32.16
C ALA B 29 28.43 36.06 -30.73
N SER B 30 27.44 36.73 -30.15
CA SER B 30 27.58 37.35 -28.83
C SER B 30 27.91 36.37 -27.71
N LEU B 31 27.43 35.14 -27.85
CA LEU B 31 27.63 34.10 -26.82
C LEU B 31 29.04 33.54 -26.96
N ILE B 32 29.42 33.26 -28.21
CA ILE B 32 30.78 32.85 -28.55
C ILE B 32 31.74 33.95 -28.12
N ALA B 33 31.42 35.18 -28.51
CA ALA B 33 32.19 36.35 -28.10
C ALA B 33 32.38 36.40 -26.59
N ALA B 34 31.26 36.29 -25.87
CA ALA B 34 31.29 36.30 -24.41
C ALA B 34 32.04 35.07 -23.87
N ASN B 35 31.90 33.93 -24.55
CA ASN B 35 32.62 32.67 -24.23
C ASN B 35 34.15 32.81 -24.30
N ILE B 36 34.61 33.43 -25.38
CA ILE B 36 36.03 33.51 -25.70
C ILE B 36 36.80 34.46 -24.80
N SER B 37 38.01 34.03 -24.45
CA SER B 37 38.82 34.75 -23.49
C SER B 37 40.30 34.31 -23.61
N ALA B 38 41.06 34.49 -22.53
CA ALA B 38 42.45 34.05 -22.44
C ALA B 38 42.50 32.54 -22.32
N GLU B 39 41.79 32.01 -21.33
CA GLU B 39 41.70 30.55 -21.10
C GLU B 39 41.68 29.77 -22.42
N GLN B 40 40.94 30.32 -23.38
CA GLN B 40 40.72 29.71 -24.65
C GLN B 40 41.94 29.92 -25.52
N PHE B 41 42.29 31.19 -25.73
CA PHE B 41 43.33 31.57 -26.69
C PHE B 41 44.75 31.26 -26.25
N ILE B 42 44.97 31.17 -24.94
CA ILE B 42 46.30 30.93 -24.39
C ILE B 42 46.34 29.60 -23.67
N GLY B 43 45.44 29.44 -22.69
CA GLY B 43 45.40 28.24 -21.87
C GLY B 43 45.25 27.00 -22.70
N MET B 44 44.33 27.09 -23.67
CA MET B 44 43.94 25.97 -24.53
C MET B 44 44.93 25.74 -25.66
N SER B 45 45.38 26.83 -26.27
CA SER B 45 46.52 26.77 -27.20
C SER B 45 47.72 26.14 -26.48
N GLY B 46 47.96 26.63 -25.27
CA GLY B 46 49.05 26.14 -24.42
C GLY B 46 48.88 24.70 -23.96
N SER B 47 47.63 24.23 -23.95
CA SER B 47 47.34 22.83 -23.69
C SER B 47 47.51 22.00 -24.96
N GLY B 48 47.16 22.60 -26.10
CA GLY B 48 47.39 22.00 -27.41
C GLY B 48 48.87 21.74 -27.66
N TYR B 49 49.70 22.57 -27.04
CA TYR B 49 51.13 22.30 -26.99
C TYR B 49 51.36 20.94 -26.38
N SER B 50 50.86 20.77 -25.16
CA SER B 50 51.24 19.63 -24.34
C SER B 50 50.55 18.34 -24.72
N ILE B 51 49.30 18.43 -25.18
CA ILE B 51 48.55 17.24 -25.55
C ILE B 51 48.28 17.17 -27.05
N GLY B 52 47.74 18.27 -27.57
CA GLY B 52 47.44 18.40 -28.97
C GLY B 52 45.95 18.38 -29.25
N LEU B 53 45.61 17.85 -30.43
CA LEU B 53 44.25 17.90 -30.99
C LEU B 53 43.22 17.30 -30.06
N ALA B 54 43.63 16.25 -29.34
CA ALA B 54 42.77 15.56 -28.38
C ALA B 54 41.91 16.51 -27.55
N ILE B 55 42.44 17.71 -27.28
CA ILE B 55 41.73 18.70 -26.46
C ILE B 55 40.66 19.50 -27.23
N ALA B 56 40.67 19.41 -28.56
CA ALA B 56 39.63 20.01 -29.42
C ALA B 56 38.22 19.46 -29.12
N SER B 57 38.20 18.34 -28.39
CA SER B 57 36.97 17.75 -27.89
C SER B 57 36.19 18.70 -27.00
N TYR B 58 36.91 19.45 -26.15
CA TYR B 58 36.23 20.47 -25.31
C TYR B 58 35.34 21.35 -26.17
N GLU B 59 35.86 21.80 -27.31
CA GLU B 59 35.05 22.59 -28.24
C GLU B 59 34.00 21.74 -28.94
N TRP B 60 34.43 20.61 -29.49
CA TRP B 60 33.55 19.80 -30.34
C TRP B 60 32.44 19.05 -29.62
N MET B 61 32.63 18.71 -28.35
CA MET B 61 31.53 18.15 -27.57
C MET B 61 30.70 19.27 -26.96
N SER B 62 31.23 20.49 -27.00
CA SER B 62 30.44 21.65 -26.60
C SER B 62 29.49 22.03 -27.74
N ALA B 63 29.94 21.78 -28.97
CA ALA B 63 29.12 22.07 -30.13
C ALA B 63 27.86 21.20 -30.09
N ILE B 64 28.02 19.95 -29.73
CA ILE B 64 26.86 19.05 -29.67
C ILE B 64 26.05 19.32 -28.41
N THR B 65 26.72 19.69 -27.32
CA THR B 65 25.99 20.11 -26.12
C THR B 65 24.96 21.18 -26.51
N LEU B 66 25.42 22.20 -27.23
CA LEU B 66 24.60 23.37 -27.52
C LEU B 66 23.28 22.98 -28.18
N ILE B 67 23.35 22.11 -29.17
CA ILE B 67 22.14 21.54 -29.75
C ILE B 67 21.18 21.08 -28.67
N ILE B 68 21.70 20.36 -27.68
CA ILE B 68 20.86 19.80 -26.62
C ILE B 68 20.27 20.87 -25.70
N VAL B 69 21.15 21.73 -25.18
CA VAL B 69 20.65 22.88 -24.41
C VAL B 69 19.70 23.72 -25.26
N GLY B 70 20.05 23.83 -26.54
CA GLY B 70 19.21 24.50 -27.53
C GLY B 70 17.80 23.97 -27.55
N LYS B 71 17.66 22.71 -27.95
CA LYS B 71 16.34 22.08 -28.07
C LYS B 71 15.61 21.90 -26.74
N TYR B 72 16.34 21.64 -25.65
CA TYR B 72 15.70 21.15 -24.43
C TYR B 72 15.72 22.05 -23.22
N PHE B 73 16.67 22.97 -23.15
CA PHE B 73 16.87 23.71 -21.91
C PHE B 73 16.26 25.10 -21.98
N LEU B 74 16.69 25.89 -22.95
CA LEU B 74 16.16 27.26 -23.12
C LEU B 74 14.63 27.34 -23.11
N PRO B 75 13.96 26.58 -24.00
CA PRO B 75 12.50 26.65 -24.05
C PRO B 75 11.83 26.64 -22.68
N ILE B 76 12.44 25.97 -21.71
CA ILE B 76 11.93 25.97 -20.36
C ILE B 76 12.22 27.28 -19.65
N PHE B 77 13.48 27.70 -19.66
CA PHE B 77 13.89 28.95 -19.04
C PHE B 77 13.12 30.12 -19.58
N ILE B 78 12.88 30.12 -20.88
CA ILE B 78 12.22 31.23 -21.55
C ILE B 78 10.72 31.21 -21.29
N GLU B 79 10.07 30.06 -21.50
CA GLU B 79 8.63 29.95 -21.36
C GLU B 79 8.30 30.27 -19.91
N LYS B 80 8.84 29.48 -18.99
CA LYS B 80 8.63 29.73 -17.57
C LYS B 80 9.58 30.85 -17.15
N GLY B 81 9.15 32.07 -17.43
CA GLY B 81 9.99 33.28 -17.48
C GLY B 81 11.13 33.44 -16.50
N ILE B 82 12.23 32.73 -16.76
CA ILE B 82 13.50 32.97 -16.08
C ILE B 82 14.29 33.95 -16.93
N TYR B 83 15.24 34.66 -16.29
CA TYR B 83 16.05 35.67 -16.98
C TYR B 83 17.52 35.63 -16.57
N THR B 84 17.78 35.48 -15.27
CA THR B 84 19.11 35.16 -14.76
C THR B 84 19.04 33.80 -14.08
N ILE B 85 20.19 33.17 -13.90
CA ILE B 85 20.23 31.82 -13.31
C ILE B 85 19.87 31.82 -11.81
N PRO B 86 20.47 32.73 -11.01
CA PRO B 86 20.01 32.89 -9.63
C PRO B 86 18.49 32.91 -9.50
N GLU B 87 17.83 33.57 -10.44
CA GLU B 87 16.37 33.60 -10.48
C GLU B 87 15.80 32.19 -10.58
N PHE B 88 16.36 31.40 -11.50
CA PHE B 88 15.95 30.01 -11.66
C PHE B 88 16.04 29.25 -10.33
N VAL B 89 17.05 29.58 -9.54
CA VAL B 89 17.24 28.93 -8.24
C VAL B 89 16.16 29.38 -7.24
N GLU B 90 16.06 30.68 -7.01
CA GLU B 90 15.07 31.25 -6.08
C GLU B 90 13.67 30.76 -6.47
N LYS B 91 13.42 30.74 -7.78
CA LYS B 91 12.13 30.31 -8.31
C LYS B 91 11.88 28.81 -8.15
N ARG B 92 12.88 27.97 -8.42
CA ARG B 92 12.68 26.51 -8.34
C ARG B 92 12.75 25.97 -6.92
N PHE B 93 13.50 26.65 -6.06
CA PHE B 93 13.76 26.14 -4.73
C PHE B 93 13.61 27.17 -3.62
N ASN B 94 14.63 27.98 -3.42
CA ASN B 94 14.94 28.48 -2.10
C ASN B 94 15.94 29.64 -2.09
N LYS B 95 15.75 30.58 -1.17
CA LYS B 95 16.69 31.70 -0.96
C LYS B 95 18.01 31.25 -0.34
N LYS B 96 17.90 30.33 0.60
CA LYS B 96 19.06 29.76 1.28
C LYS B 96 19.95 29.04 0.28
N LEU B 97 19.36 28.08 -0.43
CA LEU B 97 20.05 27.34 -1.49
C LEU B 97 20.75 28.28 -2.46
N LYS B 98 20.03 29.32 -2.88
CA LYS B 98 20.58 30.31 -3.78
C LYS B 98 21.83 30.94 -3.19
N THR B 99 21.75 31.28 -1.90
CA THR B 99 22.86 31.93 -1.22
C THR B 99 24.08 31.02 -1.11
N ILE B 100 23.85 29.74 -0.83
CA ILE B 100 24.92 28.74 -0.83
C ILE B 100 25.71 28.73 -2.14
N LEU B 101 24.98 28.65 -3.24
CA LEU B 101 25.60 28.65 -4.55
C LEU B 101 26.36 29.93 -4.76
N ALA B 102 25.74 31.03 -4.39
CA ALA B 102 26.40 32.33 -4.39
C ALA B 102 27.80 32.20 -3.79
N VAL B 103 27.89 31.52 -2.65
CA VAL B 103 29.18 31.31 -1.99
C VAL B 103 30.13 30.51 -2.88
N PHE B 104 29.66 29.40 -3.41
CA PHE B 104 30.51 28.59 -4.29
C PHE B 104 30.95 29.40 -5.48
N TRP B 105 29.99 30.06 -6.12
CA TRP B 105 30.33 30.86 -7.28
C TRP B 105 31.41 31.88 -6.96
N ILE B 106 31.14 32.81 -6.05
CA ILE B 106 32.12 33.85 -5.75
C ILE B 106 33.51 33.22 -5.51
N SER B 107 33.55 32.17 -4.67
CA SER B 107 34.79 31.44 -4.39
C SER B 107 35.50 31.07 -5.70
N LEU B 108 34.72 30.47 -6.58
CA LEU B 108 35.22 29.97 -7.85
C LEU B 108 35.70 31.09 -8.80
N TYR B 109 34.95 32.18 -8.87
CA TYR B 109 35.30 33.27 -9.78
C TYR B 109 36.63 33.90 -9.39
N ILE B 110 36.82 34.08 -8.08
CA ILE B 110 38.06 34.64 -7.57
C ILE B 110 39.24 33.70 -7.81
N PHE B 111 39.15 32.50 -7.22
CA PHE B 111 40.31 31.63 -7.07
C PHE B 111 40.78 30.94 -8.33
N VAL B 112 39.88 30.73 -9.28
CA VAL B 112 40.30 30.24 -10.58
C VAL B 112 40.10 31.31 -11.64
N ASN B 113 38.86 31.54 -12.04
CA ASN B 113 38.56 32.28 -13.26
C ASN B 113 39.32 33.58 -13.43
N LEU B 114 39.27 34.44 -12.43
CA LEU B 114 40.02 35.69 -12.45
C LEU B 114 41.51 35.40 -12.38
N THR B 115 41.91 34.68 -11.35
CA THR B 115 43.30 34.30 -11.15
C THR B 115 43.92 33.77 -12.43
N SER B 116 43.27 32.76 -13.00
CA SER B 116 43.74 32.11 -14.23
C SER B 116 43.93 33.11 -15.35
N VAL B 117 42.89 33.89 -15.60
CA VAL B 117 42.90 34.85 -16.69
C VAL B 117 43.88 35.99 -16.42
N LEU B 118 43.98 36.41 -15.16
CA LEU B 118 44.99 37.39 -14.75
C LEU B 118 46.38 36.87 -15.09
N TYR B 119 46.64 35.62 -14.75
CA TYR B 119 47.91 34.97 -15.07
C TYR B 119 48.08 34.80 -16.58
N LEU B 120 47.17 34.04 -17.18
CA LEU B 120 47.22 33.79 -18.62
C LEU B 120 47.38 35.06 -19.41
N GLY B 121 46.69 36.11 -18.98
CA GLY B 121 46.85 37.42 -19.59
C GLY B 121 48.26 37.95 -19.44
N GLY B 122 48.75 37.95 -18.20
CA GLY B 122 50.09 38.44 -17.90
C GLY B 122 51.13 37.81 -18.79
N LEU B 123 51.12 36.48 -18.85
CA LEU B 123 52.03 35.72 -19.71
C LEU B 123 52.12 36.29 -21.11
N ALA B 124 50.96 36.58 -21.68
CA ALA B 124 50.87 37.09 -23.04
C ALA B 124 51.66 38.39 -23.20
N LEU B 125 51.55 39.27 -22.22
CA LEU B 125 52.23 40.56 -22.27
C LEU B 125 53.73 40.37 -22.09
N GLU B 126 54.10 39.71 -21.00
CA GLU B 126 55.49 39.34 -20.75
C GLU B 126 56.15 38.78 -22.00
N THR B 127 55.42 37.91 -22.69
CA THR B 127 55.93 37.21 -23.85
C THR B 127 55.92 38.09 -25.10
N ILE B 128 54.73 38.55 -25.47
CA ILE B 128 54.55 39.32 -26.72
C ILE B 128 55.27 40.67 -26.64
N LEU B 129 55.23 41.29 -25.48
CA LEU B 129 56.01 42.49 -25.20
C LEU B 129 57.19 42.08 -24.34
N GLY B 130 58.02 43.04 -23.95
CA GLY B 130 59.14 42.77 -23.06
C GLY B 130 58.83 43.25 -21.65
N ILE B 131 58.04 42.46 -20.93
CA ILE B 131 57.49 42.86 -19.62
C ILE B 131 57.62 41.73 -18.58
N PRO B 132 57.63 42.09 -17.26
CA PRO B 132 57.52 41.08 -16.19
C PRO B 132 56.08 40.84 -15.72
N LEU B 133 55.83 39.64 -15.20
CA LEU B 133 54.48 39.15 -14.94
C LEU B 133 53.71 39.94 -13.90
N MET B 134 54.32 40.16 -12.74
CA MET B 134 53.60 40.80 -11.64
C MET B 134 53.15 42.20 -12.05
N TYR B 135 54.03 42.92 -12.76
CA TYR B 135 53.67 44.22 -13.34
C TYR B 135 52.57 44.06 -14.40
N SER B 136 52.64 43.00 -15.20
CA SER B 136 51.63 42.73 -16.22
C SER B 136 50.26 42.48 -15.62
N ILE B 137 50.19 41.61 -14.62
CA ILE B 137 48.90 41.27 -14.01
C ILE B 137 48.27 42.48 -13.32
N LEU B 138 49.12 43.39 -12.84
CA LEU B 138 48.65 44.65 -12.23
C LEU B 138 48.36 45.69 -13.31
N GLY B 139 49.17 45.70 -14.37
CA GLY B 139 48.87 46.48 -15.57
C GLY B 139 47.56 46.05 -16.18
N LEU B 140 47.20 44.79 -15.97
CA LEU B 140 45.89 44.27 -16.32
C LEU B 140 44.85 44.61 -15.25
N ALA B 141 45.23 44.41 -13.99
CA ALA B 141 44.34 44.62 -12.85
C ALA B 141 43.85 46.06 -12.77
N LEU B 142 44.79 47.01 -12.85
CA LEU B 142 44.45 48.44 -12.90
C LEU B 142 43.45 48.74 -14.01
N PHE B 143 43.64 48.10 -15.16
CA PHE B 143 42.82 48.34 -16.35
C PHE B 143 41.43 47.72 -16.25
N ALA B 144 41.37 46.50 -15.72
CA ALA B 144 40.09 45.83 -15.47
C ALA B 144 39.18 46.64 -14.55
N LEU B 145 39.77 47.35 -13.59
CA LEU B 145 39.03 48.25 -12.69
C LEU B 145 38.40 49.40 -13.46
N VAL B 146 39.25 50.17 -14.15
CA VAL B 146 38.85 51.40 -14.83
C VAL B 146 37.71 51.17 -15.83
N TYR B 147 37.79 50.07 -16.58
CA TYR B 147 36.76 49.72 -17.57
C TYR B 147 35.41 49.39 -16.93
N SER B 148 35.41 49.08 -15.62
CA SER B 148 34.17 48.91 -14.86
C SER B 148 33.60 50.24 -14.37
N ILE B 149 34.47 51.06 -13.79
CA ILE B 149 34.09 52.36 -13.23
C ILE B 149 34.48 53.48 -14.18
N VAL B 156 26.84 46.97 -24.99
CA VAL B 156 27.38 45.70 -24.50
C VAL B 156 27.73 44.68 -25.59
N VAL B 157 27.23 44.88 -26.82
CA VAL B 157 27.52 43.97 -27.95
C VAL B 157 27.96 44.67 -29.26
N TRP B 158 28.18 45.99 -29.22
CA TRP B 158 28.98 46.68 -30.25
C TRP B 158 30.42 46.15 -30.17
N THR B 159 30.89 45.96 -28.93
CA THR B 159 32.24 45.49 -28.65
C THR B 159 32.39 43.98 -28.90
N ASP B 160 31.38 43.21 -28.54
CA ASP B 160 31.42 41.73 -28.68
C ASP B 160 31.30 41.25 -30.15
N VAL B 161 31.25 42.16 -31.12
CA VAL B 161 31.32 41.81 -32.54
C VAL B 161 32.68 42.18 -33.14
N ILE B 162 33.08 43.43 -32.96
CA ILE B 162 34.35 43.96 -33.47
C ILE B 162 35.57 43.16 -32.98
N GLN B 163 35.47 42.60 -31.77
CA GLN B 163 36.52 41.75 -31.22
C GLN B 163 36.57 40.38 -31.92
N VAL B 164 35.41 39.79 -32.17
CA VAL B 164 35.32 38.46 -32.78
C VAL B 164 35.99 38.44 -34.16
N PHE B 165 35.72 39.44 -34.99
CA PHE B 165 36.42 39.59 -36.27
C PHE B 165 37.92 39.75 -36.04
N PHE B 166 38.29 40.69 -35.16
CA PHE B 166 39.68 40.97 -34.81
C PHE B 166 40.47 39.68 -34.56
N LEU B 167 39.95 38.89 -33.63
CA LEU B 167 40.66 37.74 -33.08
C LEU B 167 40.57 36.48 -33.91
N VAL B 168 39.46 36.30 -34.63
CA VAL B 168 39.33 35.18 -35.56
C VAL B 168 40.38 35.31 -36.67
N LEU B 169 40.51 36.52 -37.22
CA LEU B 169 41.56 36.82 -38.18
C LEU B 169 42.94 36.70 -37.52
N GLY B 170 43.03 37.18 -36.28
CA GLY B 170 44.28 37.09 -35.50
C GLY B 170 44.76 35.66 -35.31
N GLY B 171 43.92 34.83 -34.70
CA GLY B 171 44.23 33.41 -34.47
C GLY B 171 44.57 32.67 -35.75
N PHE B 172 43.84 33.01 -36.81
CA PHE B 172 44.08 32.46 -38.13
C PHE B 172 45.40 32.97 -38.71
N MET B 173 45.69 34.26 -38.53
CA MET B 173 46.93 34.84 -39.04
C MET B 173 48.14 34.11 -38.46
N THR B 174 48.24 34.14 -37.14
CA THR B 174 49.27 33.41 -36.43
C THR B 174 49.34 31.97 -36.92
N THR B 175 48.23 31.26 -36.83
CA THR B 175 48.19 29.84 -37.16
C THR B 175 48.59 29.60 -38.63
N TYR B 176 48.11 30.45 -39.53
CA TYR B 176 48.45 30.31 -40.94
C TYR B 176 49.95 30.39 -41.15
N MET B 177 50.55 31.48 -40.71
CA MET B 177 51.97 31.76 -40.93
C MET B 177 52.88 30.75 -40.22
N ALA B 178 52.42 30.24 -39.09
CA ALA B 178 53.17 29.23 -38.35
C ALA B 178 53.34 27.98 -39.21
N VAL B 179 52.23 27.48 -39.75
CA VAL B 179 52.24 26.30 -40.64
C VAL B 179 52.94 26.61 -41.96
N SER B 180 52.82 27.86 -42.42
CA SER B 180 53.55 28.31 -43.60
C SER B 180 55.05 28.12 -43.41
N PHE B 181 55.53 28.33 -42.18
CA PHE B 181 56.95 28.22 -41.86
C PHE B 181 57.45 26.77 -41.92
N ILE B 182 56.66 25.86 -41.34
CA ILE B 182 57.01 24.43 -41.29
C ILE B 182 57.14 23.84 -42.69
N GLY B 183 56.15 24.09 -43.54
CA GLY B 183 56.17 23.64 -44.93
C GLY B 183 57.28 24.29 -45.76
N GLY B 184 57.57 25.55 -45.45
CA GLY B 184 58.66 26.29 -46.08
C GLY B 184 58.48 26.45 -47.58
N THR B 185 59.18 25.60 -48.34
CA THR B 185 59.20 25.68 -49.80
C THR B 185 58.28 24.69 -50.52
N ASP B 186 57.73 23.72 -49.79
CA ASP B 186 56.83 22.71 -50.37
C ASP B 186 55.35 23.07 -50.20
N GLY B 187 55.06 24.30 -49.77
CA GLY B 187 53.69 24.79 -49.66
C GLY B 187 53.13 24.76 -48.25
N TRP B 188 52.00 25.43 -48.05
CA TRP B 188 51.37 25.57 -46.73
C TRP B 188 50.86 24.22 -46.17
N PHE B 189 50.09 23.52 -46.99
CA PHE B 189 49.50 22.23 -46.59
C PHE B 189 50.58 21.18 -46.28
N ALA B 190 51.62 21.12 -47.11
CA ALA B 190 52.76 20.24 -46.87
C ALA B 190 53.28 20.39 -45.43
N GLY B 191 53.35 21.63 -44.96
CA GLY B 191 53.72 21.93 -43.57
C GLY B 191 52.79 21.28 -42.57
N VAL B 192 51.50 21.27 -42.88
CA VAL B 192 50.51 20.54 -42.09
C VAL B 192 50.87 19.06 -42.04
N SER B 193 51.03 18.47 -43.22
CA SER B 193 51.36 17.06 -43.34
C SER B 193 52.65 16.75 -42.60
N LYS B 194 53.62 17.66 -42.66
CA LYS B 194 54.89 17.47 -41.97
C LYS B 194 54.70 17.46 -40.46
N MET B 195 54.00 18.46 -39.94
CA MET B 195 53.86 18.55 -38.48
C MET B 195 53.07 17.36 -37.93
N VAL B 196 52.18 16.80 -38.73
CA VAL B 196 51.48 15.58 -38.32
C VAL B 196 52.40 14.36 -38.41
N ASP B 197 53.33 14.38 -39.34
CA ASP B 197 54.36 13.34 -39.44
C ASP B 197 55.32 13.43 -38.26
N ALA B 198 55.74 14.66 -37.95
CA ALA B 198 56.76 14.89 -36.93
C ALA B 198 56.20 14.84 -35.50
N ALA B 199 54.89 14.99 -35.36
CA ALA B 199 54.25 14.99 -34.05
C ALA B 199 52.88 14.33 -34.13
N PRO B 200 52.88 13.03 -34.45
CA PRO B 200 51.63 12.28 -34.64
C PRO B 200 50.90 12.04 -33.33
N GLY B 201 51.65 12.11 -32.23
CA GLY B 201 51.06 12.04 -30.90
C GLY B 201 50.00 13.11 -30.67
N HIS B 202 50.14 14.21 -31.37
CA HIS B 202 49.24 15.34 -31.17
C HIS B 202 48.01 15.30 -32.05
N PHE B 203 47.78 14.19 -32.73
CA PHE B 203 46.58 14.02 -33.55
C PHE B 203 45.73 12.80 -33.18
N GLU B 204 46.22 11.99 -32.23
CA GLU B 204 45.34 11.07 -31.51
C GLU B 204 44.31 11.91 -30.75
N MET B 205 43.04 11.53 -30.91
CA MET B 205 41.91 12.23 -30.28
C MET B 205 41.43 11.56 -28.99
N ILE B 206 41.75 10.29 -28.84
CA ILE B 206 41.19 9.44 -27.80
C ILE B 206 42.37 8.72 -27.14
N LEU B 207 42.69 9.14 -25.91
CA LEU B 207 43.97 8.77 -25.31
C LEU B 207 44.03 7.37 -24.73
N ASP B 208 45.23 6.80 -24.75
CA ASP B 208 45.47 5.49 -24.16
C ASP B 208 45.88 5.69 -22.73
N GLN B 209 45.72 4.65 -21.93
CA GLN B 209 46.27 4.64 -20.58
C GLN B 209 47.78 4.92 -20.61
N SER B 210 48.44 4.35 -21.62
CA SER B 210 49.87 4.57 -21.82
C SER B 210 50.21 6.07 -21.85
N ASN B 211 49.44 6.85 -22.61
CA ASN B 211 49.67 8.29 -22.64
C ASN B 211 49.61 8.84 -21.23
N PRO B 212 50.60 9.67 -20.84
CA PRO B 212 50.60 10.28 -19.50
C PRO B 212 49.55 11.38 -19.30
N GLN B 213 49.32 12.16 -20.37
CA GLN B 213 48.27 13.19 -20.38
C GLN B 213 46.85 12.61 -20.23
N TYR B 214 46.73 11.32 -20.50
CA TYR B 214 45.49 10.55 -20.28
C TYR B 214 44.68 10.99 -19.06
N MET B 215 45.39 11.03 -17.93
CA MET B 215 44.80 11.38 -16.65
C MET B 215 44.06 12.74 -16.66
N ASN B 216 44.37 13.60 -17.62
CA ASN B 216 43.60 14.84 -17.81
C ASN B 216 42.48 14.72 -18.83
N LEU B 217 42.59 13.74 -19.72
CA LEU B 217 41.74 13.66 -20.88
C LEU B 217 41.51 12.18 -21.26
N PRO B 218 40.85 11.42 -20.37
CA PRO B 218 40.86 9.95 -20.35
C PRO B 218 40.02 9.21 -21.42
N GLY B 219 40.50 9.20 -22.66
CA GLY B 219 39.87 8.44 -23.74
C GLY B 219 38.40 8.77 -24.03
N ILE B 220 37.53 7.76 -23.94
CA ILE B 220 36.10 7.95 -24.31
C ILE B 220 35.30 8.68 -23.28
N ALA B 221 35.84 8.88 -22.08
CA ALA B 221 35.22 9.85 -21.14
C ALA B 221 34.90 11.18 -21.85
N VAL B 222 35.80 11.56 -22.75
CA VAL B 222 35.58 12.65 -23.69
C VAL B 222 34.20 12.59 -24.32
N LEU B 223 33.89 11.45 -24.92
CA LEU B 223 32.60 11.26 -25.59
C LEU B 223 31.52 10.95 -24.55
N ILE B 224 31.63 9.80 -23.91
CA ILE B 224 30.53 9.29 -23.09
C ILE B 224 30.55 9.75 -21.63
N GLY B 225 31.65 10.28 -21.14
CA GLY B 225 31.81 10.48 -19.71
C GLY B 225 31.80 11.92 -19.24
N GLY B 226 32.58 12.14 -18.18
CA GLY B 226 32.58 13.38 -17.38
C GLY B 226 32.79 14.73 -18.07
N LEU B 227 33.07 14.71 -19.38
CA LEU B 227 33.13 15.95 -20.17
C LEU B 227 31.76 16.62 -20.17
N TRP B 228 30.74 15.82 -20.46
CA TRP B 228 29.37 16.31 -20.46
C TRP B 228 29.04 17.13 -19.24
N VAL B 229 29.50 16.69 -18.07
CA VAL B 229 29.37 17.49 -16.85
C VAL B 229 29.93 18.88 -17.11
N ALA B 230 31.17 18.90 -17.59
CA ALA B 230 31.86 20.14 -17.92
C ALA B 230 31.04 21.03 -18.84
N ASN B 231 30.51 20.41 -19.89
CA ASN B 231 29.77 21.15 -20.90
C ASN B 231 28.33 21.52 -20.49
N LEU B 232 27.52 20.52 -20.17
CA LEU B 232 26.15 20.75 -19.71
C LEU B 232 26.14 21.92 -18.73
N TYR B 233 26.88 21.77 -17.64
CA TYR B 233 26.94 22.83 -16.63
C TYR B 233 27.32 24.19 -17.23
N TYR B 234 28.35 24.19 -18.07
CA TYR B 234 28.83 25.45 -18.61
C TYR B 234 27.76 26.06 -19.47
N TRP B 235 27.32 25.31 -20.47
CA TRP B 235 26.42 25.84 -21.48
C TRP B 235 24.97 25.84 -21.01
N GLY B 236 24.39 24.65 -20.91
CA GLY B 236 22.96 24.47 -20.64
C GLY B 236 22.42 25.43 -19.63
N PHE B 237 23.09 25.51 -18.49
CA PHE B 237 22.70 26.41 -17.41
C PHE B 237 23.57 27.62 -17.37
N ASN B 238 24.69 27.54 -16.64
CA ASN B 238 25.44 28.72 -16.19
C ASN B 238 25.38 29.91 -17.17
N GLN B 239 25.42 29.61 -18.48
CA GLN B 239 25.29 30.64 -19.53
C GLN B 239 24.11 31.60 -19.33
N TYR B 240 24.36 32.64 -18.52
CA TYR B 240 23.51 33.82 -18.40
C TYR B 240 23.56 34.50 -19.76
N ILE B 241 24.75 34.47 -20.35
CA ILE B 241 25.02 35.15 -21.59
C ILE B 241 24.25 34.47 -22.74
N ILE B 242 23.85 33.21 -22.54
CA ILE B 242 22.83 32.55 -23.38
C ILE B 242 21.50 33.26 -23.13
N GLN B 243 21.12 33.29 -21.86
CA GLN B 243 19.81 33.71 -21.42
C GLN B 243 19.55 35.16 -21.76
N ARG B 244 20.44 36.02 -21.29
CA ARG B 244 20.40 37.45 -21.54
C ARG B 244 20.35 37.73 -23.04
N THR B 245 21.09 36.93 -23.81
CA THR B 245 21.16 37.08 -25.28
C THR B 245 20.00 36.36 -26.00
N LEU B 246 19.41 35.35 -25.36
CA LEU B 246 18.21 34.67 -25.88
C LEU B 246 16.93 35.52 -25.76
N ALA B 247 16.87 36.36 -24.74
CA ALA B 247 15.79 37.32 -24.57
C ALA B 247 15.83 38.43 -25.64
N ALA B 248 16.14 38.06 -26.88
CA ALA B 248 16.17 38.99 -28.01
C ALA B 248 14.93 38.82 -28.87
N LYS B 249 14.94 37.80 -29.75
CA LYS B 249 13.84 37.56 -30.68
C LYS B 249 13.27 36.13 -30.54
N SER B 250 12.14 35.90 -31.20
CA SER B 250 11.57 34.57 -31.45
C SER B 250 12.43 33.43 -30.93
N VAL B 251 11.98 32.80 -29.86
CA VAL B 251 12.70 31.66 -29.30
C VAL B 251 12.99 30.65 -30.41
N SER B 252 12.00 30.45 -31.28
CA SER B 252 12.20 29.73 -32.54
C SER B 252 13.54 30.11 -33.17
N GLU B 253 13.72 31.41 -33.41
CA GLU B 253 14.95 31.93 -34.02
C GLU B 253 16.14 31.93 -33.06
N ALA B 254 15.90 32.20 -31.79
CA ALA B 254 16.94 32.13 -30.76
C ALA B 254 17.68 30.79 -30.78
N GLN B 255 16.96 29.73 -31.13
CA GLN B 255 17.53 28.41 -31.33
C GLN B 255 18.53 28.38 -32.49
N LYS B 256 18.16 29.02 -33.61
CA LYS B 256 19.04 29.11 -34.80
C LYS B 256 20.40 29.76 -34.48
N GLY B 257 20.40 30.71 -33.54
CA GLY B 257 21.64 31.32 -33.07
C GLY B 257 22.49 30.36 -32.26
N ILE B 258 21.82 29.48 -31.52
CA ILE B 258 22.50 28.42 -30.79
C ILE B 258 23.12 27.42 -31.76
N VAL B 259 22.41 27.08 -32.83
CA VAL B 259 22.96 26.20 -33.86
C VAL B 259 24.17 26.84 -34.55
N PHE B 260 24.00 28.08 -34.98
CA PHE B 260 25.09 28.85 -35.60
C PHE B 260 26.29 28.96 -34.66
N ALA B 261 26.02 29.26 -33.40
CA ALA B 261 27.05 29.27 -32.37
C ALA B 261 27.73 27.89 -32.28
N ALA B 262 26.91 26.85 -32.21
CA ALA B 262 27.38 25.45 -32.18
C ALA B 262 28.28 25.17 -33.36
N PHE B 263 27.90 25.66 -34.53
CA PHE B 263 28.69 25.50 -35.75
C PHE B 263 30.07 26.17 -35.60
N LEU B 264 30.10 27.34 -34.98
CA LEU B 264 31.36 28.08 -34.80
C LEU B 264 32.37 27.31 -33.96
N LYS B 265 31.87 26.66 -32.90
CA LYS B 265 32.70 25.84 -32.02
C LYS B 265 33.51 24.78 -32.77
N LEU B 266 33.02 24.35 -33.92
CA LEU B 266 33.80 23.47 -34.79
C LEU B 266 35.09 24.14 -35.26
N ILE B 267 35.00 25.44 -35.54
CA ILE B 267 36.10 26.17 -36.13
C ILE B 267 37.10 26.70 -35.10
N VAL B 268 36.68 26.76 -33.83
CA VAL B 268 37.53 27.32 -32.77
C VAL B 268 38.93 26.66 -32.66
N PRO B 269 38.98 25.31 -32.63
CA PRO B 269 40.25 24.58 -32.47
C PRO B 269 41.35 24.98 -33.44
N PHE B 270 40.95 25.40 -34.63
CA PHE B 270 41.89 25.75 -35.69
C PHE B 270 42.54 27.10 -35.41
N LEU B 271 42.02 27.80 -34.41
CA LEU B 271 42.55 29.10 -34.01
C LEU B 271 43.24 29.06 -32.66
N VAL B 272 42.91 28.05 -31.85
CA VAL B 272 43.46 27.98 -30.49
C VAL B 272 44.38 26.78 -30.31
N VAL B 273 43.85 25.58 -30.52
CA VAL B 273 44.59 24.34 -30.24
C VAL B 273 45.60 24.00 -31.33
N LEU B 274 45.33 24.46 -32.56
CA LEU B 274 46.18 24.12 -33.71
C LEU B 274 47.52 24.89 -33.75
N PRO B 275 47.51 26.17 -33.33
CA PRO B 275 48.80 26.82 -33.09
C PRO B 275 49.67 26.08 -32.06
N GLY B 276 49.04 25.58 -31.00
CA GLY B 276 49.74 24.80 -29.98
C GLY B 276 50.51 23.61 -30.54
N ILE B 277 49.91 22.89 -31.48
CA ILE B 277 50.58 21.75 -32.12
C ILE B 277 51.71 22.22 -33.05
N ALA B 278 51.47 23.31 -33.76
CA ALA B 278 52.49 23.90 -34.64
C ALA B 278 53.69 24.36 -33.83
N ALA B 279 53.40 25.06 -32.74
CA ALA B 279 54.42 25.58 -31.83
C ALA B 279 55.28 24.47 -31.27
N TYR B 280 54.64 23.42 -30.80
CA TYR B 280 55.35 22.28 -30.26
C TYR B 280 56.35 21.76 -31.27
N VAL B 281 55.83 21.44 -32.46
CA VAL B 281 56.61 20.81 -33.54
C VAL B 281 57.89 21.57 -33.82
N ILE B 282 57.73 22.87 -33.97
CA ILE B 282 58.84 23.78 -34.20
C ILE B 282 59.85 23.72 -33.06
N THR B 283 59.34 23.85 -31.84
CA THR B 283 60.18 23.89 -30.65
C THR B 283 61.01 22.63 -30.48
N SER B 284 60.36 21.48 -30.59
CA SER B 284 61.05 20.19 -30.43
C SER B 284 61.83 19.76 -31.68
N ASP B 285 61.70 20.51 -32.77
CA ASP B 285 62.55 20.32 -33.96
C ASP B 285 63.71 21.30 -33.93
N PRO B 286 64.95 20.79 -34.02
CA PRO B 286 66.16 21.62 -33.89
C PRO B 286 66.56 22.37 -35.17
N GLN B 287 66.27 21.80 -36.34
CA GLN B 287 66.65 22.41 -37.62
C GLN B 287 65.92 23.74 -37.75
N LEU B 288 64.63 23.72 -37.46
CA LEU B 288 63.76 24.90 -37.57
C LEU B 288 64.09 25.91 -36.48
N MET B 289 64.43 25.39 -35.31
CA MET B 289 64.64 26.22 -34.13
C MET B 289 65.90 27.07 -34.28
N ALA B 290 67.00 26.41 -34.62
CA ALA B 290 68.25 27.09 -34.87
C ALA B 290 68.13 27.98 -36.11
N SER B 291 67.21 27.62 -37.01
CA SER B 291 66.93 28.40 -38.22
C SER B 291 66.34 29.76 -37.89
N LEU B 292 65.37 29.78 -36.96
CA LEU B 292 64.81 31.04 -36.48
C LEU B 292 65.93 31.97 -36.07
N GLY B 293 66.80 31.45 -35.20
CA GLY B 293 68.00 32.15 -34.83
C GLY B 293 68.16 32.25 -33.33
N ASP B 294 69.01 33.20 -32.94
CA ASP B 294 69.38 33.41 -31.55
C ASP B 294 68.24 34.09 -30.79
N ILE B 295 67.40 34.81 -31.52
CA ILE B 295 66.35 35.64 -30.94
C ILE B 295 65.02 34.88 -30.72
N ALA B 296 65.06 33.55 -30.76
CA ALA B 296 63.98 32.75 -30.16
C ALA B 296 64.16 32.96 -28.67
N ALA B 297 64.07 34.24 -28.28
CA ALA B 297 64.72 34.75 -27.08
C ALA B 297 63.88 34.47 -25.85
N THR B 298 63.90 33.21 -25.44
CA THR B 298 63.12 32.72 -24.30
C THR B 298 61.65 33.17 -24.40
N ASN B 299 60.94 33.17 -23.27
CA ASN B 299 59.49 33.11 -23.27
C ASN B 299 59.11 31.92 -24.16
N LEU B 300 60.01 30.93 -24.16
CA LEU B 300 59.91 29.74 -25.00
C LEU B 300 59.01 28.75 -24.27
N PRO B 301 57.98 28.23 -24.97
CA PRO B 301 57.09 27.27 -24.34
C PRO B 301 57.81 25.95 -24.16
N SER B 302 57.36 25.18 -23.19
CA SER B 302 57.97 23.90 -22.89
C SER B 302 57.01 23.08 -22.07
N ALA B 303 57.44 21.86 -21.76
CA ALA B 303 56.75 21.03 -20.78
C ALA B 303 56.56 21.83 -19.49
N ALA B 304 57.58 22.61 -19.14
CA ALA B 304 57.54 23.52 -17.99
C ALA B 304 56.36 24.50 -18.09
N ASN B 305 56.50 25.54 -18.90
CA ASN B 305 55.42 26.51 -19.08
C ASN B 305 54.87 26.48 -20.51
N ALA B 306 53.97 25.53 -20.74
CA ALA B 306 53.41 25.27 -22.06
C ALA B 306 52.52 26.40 -22.53
N ASP B 307 51.91 27.11 -21.58
CA ASP B 307 50.95 28.18 -21.90
C ASP B 307 51.57 29.30 -22.72
N LYS B 308 52.86 29.56 -22.50
CA LYS B 308 53.64 30.54 -23.27
C LYS B 308 53.55 30.33 -24.78
N ALA B 309 53.06 29.17 -25.18
CA ALA B 309 52.96 28.76 -26.58
C ALA B 309 52.46 29.87 -27.50
N TYR B 310 51.17 30.16 -27.46
CA TYR B 310 50.55 31.08 -28.43
C TYR B 310 51.15 32.48 -28.43
N PRO B 311 51.38 33.05 -27.24
CA PRO B 311 51.95 34.40 -27.24
C PRO B 311 53.37 34.45 -27.82
N TRP B 312 54.09 33.35 -27.68
CA TRP B 312 55.41 33.24 -28.28
C TRP B 312 55.34 33.18 -29.81
N LEU B 313 54.26 32.62 -30.34
CA LEU B 313 54.02 32.60 -31.79
C LEU B 313 53.74 34.00 -32.34
N THR B 314 53.00 34.79 -31.57
CA THR B 314 52.67 36.17 -31.94
C THR B 314 53.91 37.06 -31.88
N GLN B 315 54.87 36.67 -31.03
CA GLN B 315 56.21 37.28 -31.01
C GLN B 315 56.88 37.29 -32.39
N PHE B 316 56.42 36.38 -33.25
CA PHE B 316 57.02 36.08 -34.54
C PHE B 316 56.10 36.55 -35.70
N LEU B 317 55.03 37.28 -35.38
CA LEU B 317 54.05 37.79 -36.37
C LEU B 317 54.66 38.89 -37.27
N PRO B 318 53.89 39.37 -38.29
CA PRO B 318 54.38 40.47 -39.13
C PRO B 318 54.17 41.90 -38.60
N VAL B 319 54.42 42.87 -39.50
CA VAL B 319 54.52 44.33 -39.22
C VAL B 319 53.71 44.92 -38.04
N GLY B 320 52.62 45.62 -38.36
CA GLY B 320 51.74 46.20 -37.34
C GLY B 320 50.64 45.21 -37.00
N VAL B 321 50.48 44.21 -37.87
CA VAL B 321 49.57 43.08 -37.64
C VAL B 321 49.76 42.52 -36.23
N LYS B 322 51.01 42.45 -35.78
CA LYS B 322 51.31 42.12 -34.40
C LYS B 322 50.48 42.96 -33.45
N GLY B 323 50.79 44.26 -33.42
CA GLY B 323 50.16 45.21 -32.51
C GLY B 323 48.65 45.27 -32.62
N VAL B 324 48.14 44.98 -33.81
CA VAL B 324 46.69 44.89 -34.04
C VAL B 324 46.14 43.60 -33.45
N VAL B 325 46.68 42.48 -33.89
CA VAL B 325 46.32 41.18 -33.34
C VAL B 325 46.52 41.20 -31.83
N PHE B 326 47.64 41.79 -31.40
CA PHE B 326 47.95 41.94 -29.99
C PHE B 326 46.94 42.82 -29.25
N ALA B 327 46.72 44.03 -29.75
CA ALA B 327 45.76 44.96 -29.16
C ALA B 327 44.37 44.36 -29.14
N ALA B 328 44.07 43.56 -30.17
CA ALA B 328 42.83 42.79 -30.24
C ALA B 328 42.69 41.87 -29.03
N LEU B 329 43.75 41.15 -28.72
CA LEU B 329 43.77 40.29 -27.54
C LEU B 329 43.72 41.13 -26.27
N ALA B 330 44.53 42.18 -26.24
CA ALA B 330 44.59 43.10 -25.12
C ALA B 330 43.18 43.42 -24.61
N ALA B 331 42.35 44.00 -25.47
CA ALA B 331 40.98 44.36 -25.12
C ALA B 331 40.16 43.12 -24.73
N ALA B 332 40.27 42.06 -25.54
CA ALA B 332 39.51 40.81 -25.34
C ALA B 332 39.72 40.15 -23.97
N ILE B 333 40.75 40.59 -23.26
CA ILE B 333 41.11 40.04 -21.95
C ILE B 333 40.60 40.94 -20.82
N VAL B 334 40.99 42.21 -20.83
CA VAL B 334 40.49 43.19 -19.84
C VAL B 334 38.95 43.18 -19.82
N SER B 335 38.37 42.85 -20.98
CA SER B 335 36.94 42.49 -21.09
C SER B 335 36.53 41.38 -20.13
N SER B 336 36.94 40.16 -20.43
CA SER B 336 36.51 38.98 -19.68
C SER B 336 36.69 39.13 -18.16
N LEU B 337 37.73 39.86 -17.75
CA LEU B 337 37.97 40.13 -16.33
C LEU B 337 36.81 40.93 -15.72
N ALA B 338 36.55 42.11 -16.28
CA ALA B 338 35.47 42.99 -15.82
C ALA B 338 34.17 42.22 -15.63
N SER B 339 33.74 41.54 -16.69
CA SER B 339 32.58 40.65 -16.63
C SER B 339 32.65 39.79 -15.38
N MET B 340 33.71 39.03 -15.26
CA MET B 340 33.92 38.16 -14.11
C MET B 340 33.89 38.96 -12.81
N LEU B 341 34.51 40.14 -12.82
CA LEU B 341 34.58 40.98 -11.63
C LEU B 341 33.19 41.33 -11.11
N ASN B 342 32.46 42.14 -11.87
CA ASN B 342 31.16 42.64 -11.42
C ASN B 342 30.17 41.52 -11.11
N SER B 343 30.15 40.49 -11.95
CA SER B 343 29.30 39.33 -11.76
C SER B 343 29.47 38.82 -10.35
N THR B 344 30.73 38.60 -9.98
CA THR B 344 31.09 38.11 -8.66
C THR B 344 30.65 39.09 -7.58
N ALA B 345 30.98 40.36 -7.77
CA ALA B 345 30.62 41.41 -6.82
C ALA B 345 29.10 41.46 -6.67
N THR B 346 28.43 41.73 -7.79
CA THR B 346 26.98 41.81 -7.82
C THR B 346 26.38 40.60 -7.12
N ILE B 347 26.72 39.42 -7.62
CA ILE B 347 26.31 38.18 -6.97
C ILE B 347 26.47 38.31 -5.46
N PHE B 348 27.66 38.68 -5.02
CA PHE B 348 27.92 38.78 -3.59
C PHE B 348 27.01 39.81 -2.93
N THR B 349 27.15 41.06 -3.34
CA THR B 349 26.42 42.17 -2.71
C THR B 349 24.91 41.92 -2.64
N MET B 350 24.39 41.18 -3.61
CA MET B 350 22.97 40.86 -3.62
C MET B 350 22.66 39.67 -2.72
N ASP B 351 23.11 38.50 -3.15
CA ASP B 351 22.59 37.25 -2.63
C ASP B 351 23.19 36.89 -1.27
N ILE B 352 24.26 37.59 -0.91
CA ILE B 352 24.87 37.43 0.40
C ILE B 352 24.56 38.64 1.25
N TYR B 353 24.92 39.83 0.76
CA TYR B 353 24.81 41.05 1.53
C TYR B 353 23.38 41.58 1.59
N LYS B 354 22.70 41.60 0.45
CA LYS B 354 21.33 42.10 0.40
C LYS B 354 20.36 41.10 1.04
N GLU B 355 20.39 39.85 0.64
CA GLU B 355 19.38 38.91 1.12
C GLU B 355 19.63 38.45 2.56
N TYR B 356 20.89 38.37 2.99
CA TYR B 356 21.21 37.84 4.33
C TYR B 356 21.88 38.79 5.33
N ILE B 357 22.66 39.77 4.85
CA ILE B 357 23.32 40.70 5.79
C ILE B 357 22.40 41.85 6.18
N SER B 358 21.80 42.50 5.19
CA SER B 358 20.66 43.41 5.41
C SER B 358 19.91 43.63 4.10
N PRO B 359 18.58 43.86 4.16
CA PRO B 359 17.79 43.93 2.91
C PRO B 359 18.04 45.18 2.09
N ASP B 360 18.02 46.34 2.76
CA ASP B 360 18.26 47.61 2.09
C ASP B 360 19.24 48.46 2.89
N SER B 361 20.44 48.64 2.33
CA SER B 361 21.25 49.82 2.65
C SER B 361 20.68 50.95 1.80
N GLY B 362 20.46 50.62 0.52
CA GLY B 362 19.78 51.50 -0.44
C GLY B 362 19.91 50.92 -1.84
N ASP B 363 19.90 51.79 -2.84
CA ASP B 363 20.38 51.45 -4.19
C ASP B 363 21.68 52.21 -4.49
N HIS B 364 22.10 53.08 -3.56
CA HIS B 364 23.36 53.86 -3.69
C HIS B 364 24.52 53.18 -2.95
N LYS B 365 24.36 52.95 -1.64
CA LYS B 365 25.33 52.18 -0.85
C LYS B 365 25.47 50.73 -1.37
N LEU B 366 24.43 50.23 -2.03
CA LEU B 366 24.48 48.94 -2.74
C LEU B 366 25.56 48.91 -3.81
N VAL B 367 25.63 49.97 -4.61
CA VAL B 367 26.62 50.06 -5.68
C VAL B 367 28.00 50.41 -5.11
N ASN B 368 28.04 51.33 -4.13
CA ASN B 368 29.28 51.67 -3.41
C ASN B 368 29.90 50.41 -2.80
N VAL B 369 29.12 49.69 -1.99
CA VAL B 369 29.52 48.40 -1.43
C VAL B 369 29.60 47.30 -2.51
N GLY B 370 28.90 47.52 -3.63
CA GLY B 370 28.93 46.60 -4.77
C GLY B 370 30.23 46.55 -5.55
N ARG B 371 30.85 47.71 -5.75
CA ARG B 371 32.17 47.77 -6.40
C ARG B 371 33.32 47.87 -5.38
N THR B 372 33.05 47.51 -4.13
CA THR B 372 34.09 47.36 -3.11
C THR B 372 34.64 45.94 -3.14
N ALA B 373 33.76 44.96 -2.94
CA ALA B 373 34.11 43.55 -3.06
C ALA B 373 34.86 43.31 -4.37
N ALA B 374 34.43 44.01 -5.42
CA ALA B 374 35.08 43.97 -6.74
C ALA B 374 36.61 44.06 -6.65
N VAL B 375 37.09 44.93 -5.77
CA VAL B 375 38.52 45.12 -5.57
C VAL B 375 39.09 44.09 -4.59
N VAL B 376 38.43 43.93 -3.45
CA VAL B 376 38.79 42.89 -2.46
C VAL B 376 38.95 41.53 -3.15
N ALA B 377 38.14 41.29 -4.17
CA ALA B 377 38.35 40.17 -5.07
C ALA B 377 39.62 40.41 -5.85
N LEU B 378 39.58 41.38 -6.77
CA LEU B 378 40.69 41.63 -7.68
C LEU B 378 42.06 41.49 -7.03
N ILE B 379 42.21 42.03 -5.84
CA ILE B 379 43.49 42.00 -5.13
C ILE B 379 43.91 40.58 -4.77
N ILE B 380 42.96 39.77 -4.33
CA ILE B 380 43.21 38.36 -4.03
C ILE B 380 43.53 37.62 -5.32
N ALA B 381 42.71 37.86 -6.35
CA ALA B 381 42.99 37.39 -7.70
C ALA B 381 44.43 37.72 -8.09
N CYS B 382 44.84 38.96 -7.84
CA CYS B 382 46.21 39.40 -8.10
C CYS B 382 47.24 38.81 -7.15
N LEU B 383 46.81 38.48 -5.94
CA LEU B 383 47.71 37.95 -4.92
C LEU B 383 48.11 36.53 -5.27
N ILE B 384 47.10 35.72 -5.56
CA ILE B 384 47.31 34.32 -5.93
C ILE B 384 47.52 34.15 -7.44
N ALA B 385 47.26 35.23 -8.19
CA ALA B 385 47.44 35.23 -9.66
C ALA B 385 48.76 34.61 -10.11
N PRO B 386 49.89 35.15 -9.63
CA PRO B 386 51.20 34.71 -10.09
C PRO B 386 51.56 33.25 -9.76
N MET B 387 50.88 32.65 -8.81
CA MET B 387 51.27 31.32 -8.34
C MET B 387 51.10 30.22 -9.37
N LEU B 388 50.44 30.53 -10.48
CA LEU B 388 50.19 29.53 -11.53
C LEU B 388 51.34 29.42 -12.54
N GLY B 389 52.43 30.15 -12.29
CA GLY B 389 53.63 30.09 -13.14
C GLY B 389 54.39 28.79 -12.99
N GLY B 390 54.12 28.07 -11.90
CA GLY B 390 54.61 26.72 -11.70
C GLY B 390 53.55 25.67 -12.03
N ILE B 391 52.88 25.88 -13.16
CA ILE B 391 51.89 24.94 -13.67
C ILE B 391 52.06 24.83 -15.15
N GLY B 392 51.80 23.62 -15.66
CA GLY B 392 51.98 23.29 -17.08
C GLY B 392 50.90 23.89 -17.97
N GLN B 393 49.66 23.50 -17.68
CA GLN B 393 48.49 23.99 -18.43
C GLN B 393 47.48 24.57 -17.44
N ALA B 394 47.29 25.88 -17.52
CA ALA B 394 46.26 26.51 -16.73
C ALA B 394 44.93 25.87 -17.09
N PHE B 395 44.73 25.67 -18.40
CA PHE B 395 43.49 25.10 -18.90
C PHE B 395 43.03 23.85 -18.14
N GLN B 396 43.95 22.95 -17.82
CA GLN B 396 43.60 21.76 -17.05
C GLN B 396 43.37 22.07 -15.55
N TYR B 397 44.03 23.11 -15.04
CA TYR B 397 43.73 23.62 -13.68
C TYR B 397 42.30 24.16 -13.58
N ILE B 398 41.95 25.01 -14.53
CA ILE B 398 40.60 25.55 -14.63
C ILE B 398 39.55 24.46 -14.74
N GLN B 399 39.76 23.55 -15.69
CA GLN B 399 38.78 22.51 -15.98
C GLN B 399 38.65 21.57 -14.82
N GLU B 400 39.76 21.29 -14.16
CA GLU B 400 39.78 20.35 -13.06
C GLU B 400 38.99 20.79 -11.85
N TYR B 401 39.13 22.08 -11.52
CA TYR B 401 38.73 22.58 -10.22
C TYR B 401 37.31 23.13 -10.13
N THR B 402 36.78 23.65 -11.24
CA THR B 402 35.32 23.86 -11.30
C THR B 402 34.62 22.48 -11.22
N GLY B 403 35.37 21.46 -11.65
CA GLY B 403 35.00 20.06 -11.44
C GLY B 403 34.75 19.68 -9.99
N LEU B 404 35.17 20.53 -9.04
CA LEU B 404 34.84 20.37 -7.61
C LEU B 404 33.40 20.76 -7.33
N VAL B 405 32.92 21.77 -8.04
CA VAL B 405 31.64 22.36 -7.73
C VAL B 405 30.61 22.03 -8.81
N SER B 406 31.02 22.15 -10.07
CA SER B 406 30.11 22.01 -11.23
C SER B 406 29.22 20.75 -11.21
N PRO B 407 29.77 19.60 -10.76
CA PRO B 407 28.96 18.38 -10.82
C PRO B 407 27.78 18.39 -9.85
N GLY B 408 28.07 18.82 -8.61
CA GLY B 408 27.05 18.91 -7.58
C GLY B 408 25.99 19.95 -7.91
N ILE B 409 26.42 21.09 -8.45
CA ILE B 409 25.47 22.17 -8.74
C ILE B 409 24.90 22.04 -10.14
N LEU B 410 25.42 21.09 -10.91
CA LEU B 410 24.74 20.67 -12.12
C LEU B 410 23.64 19.69 -11.69
N ALA B 411 24.00 18.69 -10.88
CA ALA B 411 23.03 17.70 -10.43
C ALA B 411 21.77 18.38 -9.95
N VAL B 412 21.96 19.47 -9.20
CA VAL B 412 20.85 20.31 -8.74
C VAL B 412 20.03 20.83 -9.92
N PHE B 413 20.69 21.44 -10.87
CA PHE B 413 20.01 22.01 -12.02
C PHE B 413 19.22 21.01 -12.81
N LEU B 414 19.85 19.90 -13.21
CA LEU B 414 19.18 18.91 -14.07
C LEU B 414 17.89 18.45 -13.44
N LEU B 415 17.99 18.03 -12.19
CA LEU B 415 16.81 17.58 -11.47
C LEU B 415 15.79 18.70 -11.26
N GLY B 416 16.27 19.89 -10.96
CA GLY B 416 15.40 21.07 -10.88
C GLY B 416 14.60 21.24 -12.16
N LEU B 417 15.29 21.49 -13.26
CA LEU B 417 14.66 21.58 -14.57
C LEU B 417 13.71 20.41 -14.82
N PHE B 418 14.24 19.19 -14.72
CA PHE B 418 13.56 18.05 -15.33
C PHE B 418 12.81 17.13 -14.38
N TRP B 419 13.01 17.28 -13.08
CA TRP B 419 12.37 16.39 -12.13
C TRP B 419 11.53 17.12 -11.11
N LYS B 420 10.23 17.09 -11.36
CA LYS B 420 9.24 17.78 -10.55
C LYS B 420 9.13 17.30 -9.10
N LYS B 421 9.73 16.15 -8.79
CA LYS B 421 9.77 15.68 -7.40
C LYS B 421 10.86 16.35 -6.56
N THR B 422 11.84 16.96 -7.21
CA THR B 422 13.00 17.50 -6.50
C THR B 422 12.58 18.56 -5.50
N THR B 423 13.19 18.57 -4.33
CA THR B 423 12.83 19.50 -3.27
C THR B 423 14.01 20.34 -2.84
N SER B 424 13.72 21.53 -2.29
CA SER B 424 14.72 22.41 -1.73
C SER B 424 15.58 21.67 -0.72
N LYS B 425 14.93 20.87 0.12
CA LYS B 425 15.63 20.06 1.13
C LYS B 425 16.68 19.15 0.48
N GLY B 426 16.23 18.33 -0.47
CA GLY B 426 17.12 17.44 -1.21
C GLY B 426 18.25 18.22 -1.84
N ALA B 427 17.89 19.18 -2.68
CA ALA B 427 18.85 20.07 -3.35
C ALA B 427 19.96 20.48 -2.40
N ILE B 428 19.57 21.08 -1.29
CA ILE B 428 20.51 21.61 -0.29
C ILE B 428 21.49 20.56 0.22
N ILE B 429 20.96 19.45 0.73
CA ILE B 429 21.81 18.36 1.21
C ILE B 429 22.81 17.91 0.16
N GLY B 430 22.28 17.50 -1.00
CA GLY B 430 23.09 16.92 -2.04
C GLY B 430 24.25 17.80 -2.47
N VAL B 431 23.95 19.07 -2.74
CA VAL B 431 24.96 19.97 -3.25
C VAL B 431 26.07 20.21 -2.23
N VAL B 432 25.69 20.30 -0.97
CA VAL B 432 26.65 20.43 0.11
C VAL B 432 27.47 19.18 0.26
N ALA B 433 26.77 18.05 0.33
CA ALA B 433 27.42 16.76 0.50
C ALA B 433 28.32 16.38 -0.67
N SER B 434 28.24 17.11 -1.79
CA SER B 434 29.14 16.90 -2.93
C SER B 434 30.59 17.19 -2.59
N ILE B 435 30.85 18.40 -2.10
CA ILE B 435 32.22 18.85 -1.86
C ILE B 435 33.10 17.81 -1.16
N PRO B 436 32.69 17.35 0.06
CA PRO B 436 33.48 16.30 0.70
C PRO B 436 33.78 15.15 -0.24
N PHE B 437 32.74 14.64 -0.88
CA PHE B 437 32.86 13.56 -1.84
C PHE B 437 33.86 13.90 -2.96
N ALA B 438 33.65 15.03 -3.62
CA ALA B 438 34.56 15.49 -4.69
C ALA B 438 36.00 15.59 -4.20
N LEU B 439 36.18 16.19 -3.02
CA LEU B 439 37.49 16.29 -2.38
C LEU B 439 38.06 14.95 -2.00
N PHE B 440 37.18 14.08 -1.51
CA PHE B 440 37.59 12.76 -1.11
C PHE B 440 38.25 12.03 -2.26
N LEU B 441 37.56 12.02 -3.39
CA LEU B 441 38.10 11.43 -4.62
C LEU B 441 39.31 12.19 -5.11
N LYS B 442 39.24 13.51 -5.06
CA LYS B 442 40.36 14.35 -5.51
C LYS B 442 41.63 14.09 -4.71
N PHE B 443 41.51 13.81 -3.41
CA PHE B 443 42.68 13.70 -2.53
C PHE B 443 42.80 12.34 -1.85
N MET B 444 42.58 11.31 -2.65
CA MET B 444 42.73 9.94 -2.20
C MET B 444 43.69 9.26 -3.17
N PRO B 445 44.43 8.23 -2.70
CA PRO B 445 45.32 7.48 -3.59
C PRO B 445 44.65 7.02 -4.89
N LEU B 446 43.61 6.19 -4.78
CA LEU B 446 42.81 5.75 -5.93
C LEU B 446 43.04 6.68 -7.13
N SER B 447 44.00 6.29 -7.97
CA SER B 447 44.39 7.14 -9.09
C SER B 447 43.26 7.14 -10.09
N MET B 448 42.65 8.31 -10.23
CA MET B 448 41.45 8.46 -11.03
C MET B 448 41.42 9.83 -11.69
N PRO B 449 41.22 9.88 -13.01
CA PRO B 449 41.21 11.15 -13.72
C PRO B 449 40.15 12.06 -13.19
N PHE B 450 40.35 13.36 -13.33
CA PHE B 450 39.37 14.27 -12.73
C PHE B 450 38.09 14.20 -13.53
N MET B 451 38.22 13.92 -14.83
CA MET B 451 37.04 13.78 -15.66
C MET B 451 36.22 12.56 -15.23
N ASP B 452 36.84 11.37 -15.22
CA ASP B 452 36.29 10.11 -14.60
C ASP B 452 35.79 10.46 -13.16
N GLN B 453 36.52 11.32 -12.47
CA GLN B 453 36.18 11.72 -11.12
C GLN B 453 34.87 12.49 -11.07
N MET B 454 34.81 13.60 -11.78
CA MET B 454 33.73 14.59 -11.60
C MET B 454 32.40 14.12 -12.18
N LEU B 455 32.44 13.01 -12.89
CA LEU B 455 31.23 12.29 -13.21
C LEU B 455 30.69 11.70 -11.91
N TYR B 456 31.43 10.76 -11.32
CA TYR B 456 30.99 10.08 -10.10
C TYR B 456 30.36 11.03 -9.09
N THR B 457 30.95 12.21 -8.96
CA THR B 457 30.44 13.27 -8.09
C THR B 457 28.99 13.61 -8.43
N LEU B 458 28.77 14.10 -9.65
CA LEU B 458 27.41 14.46 -10.04
C LEU B 458 26.46 13.32 -9.75
N LEU B 459 26.82 12.11 -10.19
CA LEU B 459 25.99 10.91 -10.00
C LEU B 459 25.64 10.65 -8.55
N PHE B 460 26.64 10.77 -7.68
CA PHE B 460 26.41 10.68 -6.25
C PHE B 460 25.50 11.79 -5.78
N THR B 461 25.82 13.02 -6.15
CA THR B 461 24.98 14.19 -5.80
C THR B 461 23.53 13.89 -6.11
N MET B 462 23.26 13.48 -7.34
CA MET B 462 21.89 13.17 -7.74
C MET B 462 21.26 12.11 -6.85
N VAL B 463 21.97 11.01 -6.66
CA VAL B 463 21.41 9.87 -5.93
C VAL B 463 21.07 10.25 -4.48
N VAL B 464 21.80 11.21 -3.93
CA VAL B 464 21.45 11.77 -2.64
C VAL B 464 20.14 12.53 -2.74
N ILE B 465 20.18 13.70 -3.38
CA ILE B 465 19.00 14.57 -3.46
C ILE B 465 17.76 13.81 -3.91
N ALA B 466 17.95 12.81 -4.77
CA ALA B 466 16.88 11.89 -5.14
C ALA B 466 16.18 11.34 -3.92
N PHE B 467 16.87 10.51 -3.14
CA PHE B 467 16.25 9.88 -1.98
C PHE B 467 15.85 10.89 -0.93
N THR B 468 16.67 11.93 -0.75
CA THR B 468 16.36 12.99 0.20
C THR B 468 15.01 13.63 -0.15
N SER B 469 14.91 14.17 -1.35
CA SER B 469 13.67 14.79 -1.81
C SER B 469 12.53 13.78 -1.96
N LEU B 470 12.86 12.50 -2.02
CA LEU B 470 11.87 11.43 -2.14
C LEU B 470 11.18 11.20 -0.82
N SER B 471 11.93 11.32 0.26
CA SER B 471 11.40 11.11 1.62
C SER B 471 11.05 12.41 2.33
N THR B 472 11.14 13.54 1.62
CA THR B 472 10.74 14.84 2.16
C THR B 472 9.48 15.41 1.51
N SER B 473 9.27 15.09 0.22
CA SER B 473 8.08 15.56 -0.49
C SER B 473 6.86 15.05 0.27
N ILE B 474 6.25 15.95 1.03
CA ILE B 474 5.06 15.63 1.82
C ILE B 474 4.04 15.02 0.88
N ASN B 475 3.70 15.79 -0.15
CA ASN B 475 2.87 15.30 -1.24
C ASN B 475 3.78 14.80 -2.36
N ASP B 476 3.21 14.59 -3.55
CA ASP B 476 4.01 14.20 -4.69
C ASP B 476 4.87 15.35 -5.17
N ASP B 477 4.36 16.14 -6.10
CA ASP B 477 5.18 17.14 -6.77
C ASP B 477 5.44 18.28 -5.81
N ASP B 478 6.72 18.62 -5.63
CA ASP B 478 7.10 19.85 -4.95
C ASP B 478 6.20 20.93 -5.56
N PRO B 479 5.49 21.69 -4.73
CA PRO B 479 4.54 22.66 -5.31
C PRO B 479 5.26 23.67 -6.19
N LYS B 480 6.48 24.01 -5.79
CA LYS B 480 7.36 24.90 -6.54
C LYS B 480 8.00 24.15 -7.71
N GLY B 481 7.54 22.93 -7.95
CA GLY B 481 8.13 22.03 -8.94
C GLY B 481 7.92 22.52 -10.34
N ILE B 482 8.78 22.07 -11.25
CA ILE B 482 8.85 22.62 -12.59
C ILE B 482 7.71 22.13 -13.43
N SER B 483 7.08 23.12 -14.06
CA SER B 483 5.81 22.96 -14.74
C SER B 483 5.79 21.74 -15.67
N VAL B 484 4.72 20.97 -15.50
CA VAL B 484 4.36 19.89 -16.41
C VAL B 484 4.80 20.19 -17.86
N THR B 485 6.06 19.88 -18.18
CA THR B 485 6.59 20.18 -19.50
C THR B 485 5.99 19.23 -20.53
N SER B 486 5.76 19.76 -21.74
CA SER B 486 5.07 19.02 -22.80
C SER B 486 5.93 18.96 -24.05
N SER B 487 5.37 18.45 -25.12
CA SER B 487 6.00 18.54 -26.44
C SER B 487 6.04 20.01 -26.90
N MET B 488 6.88 20.79 -26.22
CA MET B 488 7.09 22.20 -26.51
C MET B 488 8.53 22.44 -26.93
N PHE B 489 9.32 21.37 -26.94
CA PHE B 489 10.71 21.40 -27.36
C PHE B 489 10.74 21.45 -28.87
N VAL B 490 9.81 20.70 -29.46
CA VAL B 490 9.45 20.80 -30.88
C VAL B 490 10.16 21.96 -31.55
N THR B 491 11.32 21.66 -32.13
CA THR B 491 12.14 22.66 -32.78
C THR B 491 11.93 22.62 -34.29
N ASP B 492 12.41 23.65 -34.96
CA ASP B 492 12.09 23.90 -36.36
C ASP B 492 12.98 23.15 -37.37
N ARG B 493 12.40 22.84 -38.53
CA ARG B 493 13.14 22.16 -39.62
C ARG B 493 14.10 23.14 -40.31
N SER B 494 15.27 23.29 -39.70
CA SER B 494 16.27 24.29 -40.07
C SER B 494 17.33 24.28 -38.98
N PHE B 495 16.88 24.54 -37.75
CA PHE B 495 17.67 24.21 -36.57
C PHE B 495 17.96 22.72 -36.64
N ASN B 496 16.89 21.94 -36.82
CA ASN B 496 16.99 20.49 -36.92
C ASN B 496 18.03 20.06 -37.95
N ILE B 497 17.77 20.40 -39.21
CA ILE B 497 18.65 19.98 -40.30
C ILE B 497 20.11 20.37 -40.03
N ALA B 498 20.33 21.55 -39.47
CA ALA B 498 21.66 22.02 -39.12
C ALA B 498 22.29 21.13 -38.05
N ALA B 499 21.52 20.89 -37.00
CA ALA B 499 21.94 20.02 -35.91
C ALA B 499 22.51 18.70 -36.42
N TYR B 500 21.85 18.09 -37.41
CA TYR B 500 22.33 16.83 -37.99
C TYR B 500 23.69 17.01 -38.65
N GLY B 501 23.75 17.92 -39.62
CA GLY B 501 24.96 18.20 -40.36
C GLY B 501 26.16 18.30 -39.44
N ILE B 502 25.98 19.06 -38.35
CA ILE B 502 26.98 19.16 -37.29
C ILE B 502 27.38 17.77 -36.80
N MET B 503 26.40 16.99 -36.37
CA MET B 503 26.66 15.67 -35.81
C MET B 503 27.41 14.77 -36.80
N ILE B 504 26.86 14.68 -38.00
CA ILE B 504 27.50 13.96 -39.09
C ILE B 504 28.96 14.40 -39.28
N VAL B 505 29.18 15.71 -39.20
CA VAL B 505 30.53 16.29 -39.35
C VAL B 505 31.48 15.84 -38.25
N LEU B 506 30.99 15.79 -37.03
CA LEU B 506 31.81 15.32 -35.92
C LEU B 506 31.96 13.82 -36.00
N ALA B 507 30.84 13.11 -35.97
CA ALA B 507 30.82 11.66 -36.12
C ALA B 507 31.94 11.20 -37.06
N VAL B 508 31.87 11.66 -38.31
CA VAL B 508 32.86 11.29 -39.33
C VAL B 508 34.30 11.52 -38.86
N LEU B 509 34.58 12.71 -38.31
CA LEU B 509 35.96 13.06 -37.98
C LEU B 509 36.46 12.22 -36.81
N TYR B 510 35.60 11.99 -35.84
CA TYR B 510 35.97 11.14 -34.69
C TYR B 510 36.27 9.73 -35.14
N THR B 511 35.48 9.23 -36.08
CA THR B 511 35.82 7.97 -36.72
C THR B 511 37.10 8.14 -37.52
N LEU B 512 37.14 9.19 -38.35
CA LEU B 512 38.29 9.46 -39.22
C LEU B 512 39.62 9.27 -38.50
N PHE B 513 39.70 9.77 -37.28
CA PHE B 513 40.91 9.64 -36.49
C PHE B 513 41.04 8.26 -35.90
N TRP B 514 40.13 7.86 -35.03
CA TRP B 514 40.17 6.50 -34.50
C TRP B 514 40.56 5.49 -35.58
N VAL B 515 40.03 5.64 -36.79
CA VAL B 515 40.30 4.70 -37.89
C VAL B 515 41.73 4.77 -38.45
N LEU B 516 42.47 5.81 -38.06
CA LEU B 516 43.94 5.88 -38.30
C LEU B 516 44.73 5.05 -37.28
N TYR B 517 44.11 4.82 -36.11
CA TYR B 517 44.73 4.08 -35.01
C TYR B 517 43.87 2.85 -34.61
N LYS B 518 43.83 1.87 -35.51
CA LYS B 518 43.10 0.58 -35.33
C LYS B 518 42.50 0.09 -36.64
N UNK C 1 -36.48 40.24 41.98
CA UNK C 1 -35.36 41.05 42.52
C UNK C 1 -34.24 40.14 43.03
N UNK C 2 -34.60 39.25 43.94
CA UNK C 2 -33.67 38.25 44.45
C UNK C 2 -33.23 37.34 43.31
N UNK C 3 -34.21 36.81 42.56
CA UNK C 3 -33.95 36.00 41.37
C UNK C 3 -33.09 36.77 40.37
N UNK C 4 -33.37 38.06 40.22
CA UNK C 4 -32.60 38.95 39.36
C UNK C 4 -31.17 39.13 39.88
N UNK C 5 -31.06 39.52 41.16
CA UNK C 5 -29.76 39.78 41.79
C UNK C 5 -28.89 38.53 41.85
N UNK C 6 -29.51 37.40 42.18
CA UNK C 6 -28.80 36.12 42.26
C UNK C 6 -28.27 35.71 40.88
N UNK C 7 -29.17 35.67 39.89
CA UNK C 7 -28.82 35.29 38.51
C UNK C 7 -27.76 36.20 37.91
N UNK C 8 -27.83 37.49 38.26
CA UNK C 8 -26.83 38.47 37.84
C UNK C 8 -25.51 38.25 38.58
N UNK C 9 -25.58 38.19 39.90
CA UNK C 9 -24.41 37.96 40.75
C UNK C 9 -23.68 36.67 40.39
N UNK C 10 -24.45 35.61 40.12
CA UNK C 10 -23.90 34.32 39.69
C UNK C 10 -23.34 34.40 38.27
N UNK C 11 -24.10 35.04 37.37
CA UNK C 11 -23.67 35.25 35.98
C UNK C 11 -22.40 36.08 35.92
N UNK C 12 -22.42 37.24 36.56
CA UNK C 12 -21.25 38.11 36.67
C UNK C 12 -20.08 37.39 37.33
N UNK C 13 -20.36 36.66 38.40
CA UNK C 13 -19.33 35.91 39.15
C UNK C 13 -18.75 34.75 38.34
N UNK C 14 -19.63 34.01 37.67
CA UNK C 14 -19.23 32.89 36.82
C UNK C 14 -18.50 33.40 35.59
N UNK C 15 -19.01 34.50 35.02
CA UNK C 15 -18.39 35.16 33.88
C UNK C 15 -16.98 35.65 34.23
N UNK C 16 -16.91 36.53 35.23
CA UNK C 16 -15.64 37.18 35.60
C UNK C 16 -14.59 36.23 36.18
N UNK C 17 -15.04 35.13 36.79
CA UNK C 17 -14.13 34.15 37.39
C UNK C 17 -13.87 33.00 36.44
N ALA C 18 -3.08 20.93 29.03
CA ALA C 18 -2.50 20.78 30.36
C ALA C 18 -3.36 19.89 31.27
N GLY C 19 -2.95 19.79 32.54
CA GLY C 19 -3.71 19.03 33.54
C GLY C 19 -2.86 18.60 34.73
N LYS C 20 -3.14 19.17 35.92
CA LYS C 20 -2.44 18.82 37.16
C LYS C 20 -2.89 17.45 37.71
N SER C 21 -2.56 16.37 36.99
CA SER C 21 -2.84 15.00 37.44
C SER C 21 -4.28 14.82 37.93
N LEU C 22 -5.24 15.01 37.02
CA LEU C 22 -6.65 14.92 37.38
C LEU C 22 -6.89 13.53 38.02
N PRO C 23 -7.47 13.48 39.24
CA PRO C 23 -7.63 12.21 39.94
C PRO C 23 -9.04 11.60 39.94
N TRP C 24 -9.10 10.36 40.38
CA TRP C 24 -10.31 9.71 40.90
C TRP C 24 -11.60 10.39 40.44
N TRP C 25 -12.00 11.43 41.16
CA TRP C 25 -13.32 12.03 40.99
C TRP C 25 -13.31 13.13 39.95
N ALA C 26 -12.37 14.06 40.09
CA ALA C 26 -12.30 15.23 39.21
C ALA C 26 -12.30 14.84 37.74
N VAL C 27 -11.77 13.66 37.45
CA VAL C 27 -11.77 13.11 36.10
C VAL C 27 -13.21 12.91 35.59
N GLY C 28 -13.91 11.93 36.16
CA GLY C 28 -15.27 11.59 35.75
C GLY C 28 -16.24 12.77 35.73
N ALA C 29 -16.10 13.66 36.71
CA ALA C 29 -16.93 14.86 36.79
C ALA C 29 -16.89 15.67 35.48
N SER C 30 -15.69 15.96 34.99
CA SER C 30 -15.49 16.80 33.80
C SER C 30 -16.15 16.25 32.54
N LEU C 31 -16.25 14.93 32.45
CA LEU C 31 -16.84 14.26 31.27
C LEU C 31 -18.35 14.34 31.34
N ILE C 32 -18.86 14.05 32.54
CA ILE C 32 -20.27 14.20 32.87
C ILE C 32 -20.65 15.67 32.67
N ALA C 33 -19.85 16.55 33.25
CA ALA C 33 -20.03 17.99 33.08
C ALA C 33 -20.11 18.36 31.61
N ALA C 34 -19.13 17.91 30.83
CA ALA C 34 -19.10 18.17 29.40
C ALA C 34 -20.28 17.48 28.69
N ASN C 35 -20.64 16.29 29.16
CA ASN C 35 -21.82 15.53 28.67
C ASN C 35 -23.14 16.28 28.81
N ILE C 36 -23.34 16.86 30.00
CA ILE C 36 -24.62 17.48 30.37
C ILE C 36 -24.87 18.82 29.67
N SER C 37 -26.13 19.02 29.30
CA SER C 37 -26.54 20.17 28.50
C SER C 37 -28.05 20.40 28.61
N ALA C 38 -28.62 21.04 27.59
CA ALA C 38 -30.06 21.25 27.48
C ALA C 38 -30.75 19.95 27.10
N GLU C 39 -30.29 19.33 26.02
CA GLU C 39 -30.83 18.04 25.53
C GLU C 39 -31.18 17.12 26.69
N GLN C 40 -30.32 17.14 27.70
CA GLN C 40 -30.45 16.28 28.86
C GLN C 40 -31.50 16.85 29.79
N PHE C 41 -31.29 18.09 30.22
CA PHE C 41 -32.10 18.70 31.27
C PHE C 41 -33.49 19.11 30.83
N ILE C 42 -33.67 19.33 29.53
CA ILE C 42 -34.95 19.77 29.00
C ILE C 42 -35.52 18.72 28.08
N GLY C 43 -34.75 18.37 27.06
CA GLY C 43 -35.19 17.42 26.03
C GLY C 43 -35.61 16.11 26.65
N MET C 44 -34.77 15.64 27.57
CA MET C 44 -34.94 14.34 28.22
C MET C 44 -35.97 14.36 29.34
N SER C 45 -35.93 15.42 30.14
CA SER C 45 -37.02 15.69 31.07
C SER C 45 -38.34 15.77 30.31
N GLY C 46 -38.31 16.51 29.20
CA GLY C 46 -39.46 16.68 28.32
C GLY C 46 -39.90 15.40 27.61
N SER C 47 -38.97 14.46 27.48
CA SER C 47 -39.29 13.14 26.96
C SER C 47 -39.85 12.27 28.09
N GLY C 48 -39.32 12.45 29.31
CA GLY C 48 -39.85 11.79 30.51
C GLY C 48 -41.31 12.15 30.78
N TYR C 49 -41.68 13.34 30.33
CA TYR C 49 -43.08 13.72 30.27
C TYR C 49 -43.84 12.70 29.44
N SER C 50 -43.41 12.55 28.20
CA SER C 50 -44.19 11.84 27.20
C SER C 50 -44.13 10.33 27.33
N ILE C 51 -42.99 9.81 27.77
CA ILE C 51 -42.84 8.37 27.90
C ILE C 51 -42.68 7.98 29.36
N GLY C 52 -41.72 8.62 30.02
CA GLY C 52 -41.48 8.37 31.43
C GLY C 52 -40.15 7.68 31.65
N LEU C 53 -40.12 6.87 32.71
CA LEU C 53 -38.89 6.24 33.22
C LEU C 53 -38.19 5.41 32.16
N ALA C 54 -38.96 4.76 31.29
CA ALA C 54 -38.44 3.95 30.19
C ALA C 54 -37.23 4.57 29.49
N ILE C 55 -37.19 5.89 29.47
CA ILE C 55 -36.09 6.61 28.82
C ILE C 55 -34.82 6.72 29.67
N ALA C 56 -34.93 6.45 30.97
CA ALA C 56 -33.76 6.42 31.87
C ALA C 56 -32.73 5.38 31.43
N SER C 57 -33.14 4.48 30.53
CA SER C 57 -32.25 3.51 29.86
C SER C 57 -31.11 4.18 29.12
N TYR C 58 -31.40 5.29 28.44
CA TYR C 58 -30.33 6.04 27.76
C TYR C 58 -29.18 6.32 28.73
N GLU C 59 -29.50 6.73 29.96
CA GLU C 59 -28.46 6.95 30.98
C GLU C 59 -27.91 5.64 31.52
N TRP C 60 -28.79 4.72 31.86
CA TRP C 60 -28.38 3.48 32.52
C TRP C 60 -27.67 2.45 31.65
N MET C 61 -27.95 2.43 30.36
CA MET C 61 -27.15 1.60 29.45
C MET C 61 -25.89 2.34 29.00
N SER C 62 -25.85 3.65 29.26
CA SER C 62 -24.62 4.42 29.06
C SER C 62 -23.67 4.16 30.21
N ALA C 63 -24.23 3.92 31.39
CA ALA C 63 -23.41 3.63 32.56
C ALA C 63 -22.64 2.34 32.33
N ILE C 64 -23.31 1.35 31.76
CA ILE C 64 -22.64 0.08 31.50
C ILE C 64 -21.74 0.18 30.28
N THR C 65 -22.15 0.97 29.29
CA THR C 65 -21.27 1.24 28.15
C THR C 65 -19.90 1.68 28.67
N LEU C 66 -19.90 2.65 29.58
CA LEU C 66 -18.66 3.30 30.04
C LEU C 66 -17.65 2.30 30.58
N ILE C 67 -18.14 1.38 31.41
CA ILE C 67 -17.31 0.25 31.84
C ILE C 67 -16.59 -0.38 30.65
N ILE C 68 -17.32 -0.64 29.58
CA ILE C 68 -16.75 -1.32 28.42
C ILE C 68 -15.75 -0.45 27.68
N VAL C 69 -16.14 0.76 27.34
CA VAL C 69 -15.18 1.71 26.76
C VAL C 69 -14.00 1.89 27.72
N GLY C 70 -14.33 1.95 29.01
CA GLY C 70 -13.32 2.03 30.07
C GLY C 70 -12.27 0.94 29.96
N LYS C 71 -12.69 -0.31 30.13
CA LYS C 71 -11.77 -1.44 30.09
C LYS C 71 -11.13 -1.69 28.73
N TYR C 72 -11.85 -1.43 27.62
CA TYR C 72 -11.42 -1.93 26.31
C TYR C 72 -11.04 -0.91 25.25
N PHE C 73 -11.46 0.33 25.39
CA PHE C 73 -11.28 1.28 24.30
C PHE C 73 -10.14 2.24 24.57
N LEU C 74 -10.23 2.96 25.69
CA LEU C 74 -9.18 3.92 26.07
C LEU C 74 -7.77 3.36 26.02
N PRO C 75 -7.52 2.25 26.74
CA PRO C 75 -6.17 1.67 26.75
C PRO C 75 -5.52 1.64 25.37
N ILE C 76 -6.32 1.44 24.33
CA ILE C 76 -5.81 1.45 22.98
C ILE C 76 -5.49 2.85 22.55
N PHE C 77 -6.46 3.75 22.66
CA PHE C 77 -6.26 5.15 22.26
C PHE C 77 -5.08 5.76 22.98
N ILE C 78 -4.95 5.44 24.25
CA ILE C 78 -3.90 6.04 25.06
C ILE C 78 -2.53 5.42 24.74
N GLU C 79 -2.45 4.09 24.74
CA GLU C 79 -1.17 3.40 24.52
C GLU C 79 -0.67 3.79 23.14
N LYS C 80 -1.46 3.48 22.12
CA LYS C 80 -1.10 3.85 20.76
C LYS C 80 -1.48 5.32 20.57
N GLY C 81 -0.58 6.18 21.04
CA GLY C 81 -0.83 7.60 21.32
C GLY C 81 -1.75 8.40 20.42
N ILE C 82 -3.05 8.19 20.59
CA ILE C 82 -4.09 9.05 20.00
C ILE C 82 -4.43 10.12 21.03
N TYR C 83 -4.95 11.26 20.55
CA TYR C 83 -5.29 12.38 21.43
C TYR C 83 -6.62 13.03 21.07
N THR C 84 -6.85 13.23 19.77
CA THR C 84 -8.18 13.60 19.26
C THR C 84 -8.67 12.47 18.37
N ILE C 85 -9.97 12.44 18.13
CA ILE C 85 -10.56 11.35 17.32
C ILE C 85 -10.16 11.44 15.84
N PRO C 86 -10.29 12.64 15.22
CA PRO C 86 -9.76 12.81 13.88
C PRO C 86 -8.37 12.18 13.70
N GLU C 87 -7.52 12.35 14.71
CA GLU C 87 -6.19 11.76 14.70
C GLU C 87 -6.29 10.25 14.53
N PHE C 88 -7.16 9.64 15.33
CA PHE C 88 -7.37 8.20 15.23
C PHE C 88 -7.72 7.79 13.78
N VAL C 89 -8.45 8.65 13.10
CA VAL C 89 -8.85 8.37 11.73
C VAL C 89 -7.65 8.45 10.80
N GLU C 90 -7.01 9.61 10.78
CA GLU C 90 -5.83 9.85 9.93
C GLU C 90 -4.80 8.76 10.19
N LYS C 91 -4.63 8.41 11.47
CA LYS C 91 -3.67 7.40 11.87
C LYS C 91 -4.07 5.99 11.43
N ARG C 92 -5.34 5.64 11.60
CA ARG C 92 -5.76 4.28 11.27
C ARG C 92 -6.00 4.06 9.78
N PHE C 93 -6.35 5.14 9.07
CA PHE C 93 -6.75 5.00 7.69
C PHE C 93 -6.13 6.03 6.76
N ASN C 94 -6.71 7.22 6.75
CA ASN C 94 -6.71 8.02 5.53
C ASN C 94 -7.13 9.47 5.74
N LYS C 95 -6.53 10.39 4.99
CA LYS C 95 -6.88 11.80 5.03
C LYS C 95 -8.25 12.06 4.39
N LYS C 96 -8.51 11.37 3.30
CA LYS C 96 -9.77 11.47 2.57
C LYS C 96 -10.90 11.05 3.48
N LEU C 97 -10.81 9.82 3.98
CA LEU C 97 -11.80 9.29 4.91
C LEU C 97 -12.06 10.26 6.05
N LYS C 98 -10.99 10.81 6.61
CA LYS C 98 -11.11 11.77 7.68
C LYS C 98 -11.96 12.95 7.24
N THR C 99 -11.69 13.44 6.04
CA THR C 99 -12.38 14.61 5.53
C THR C 99 -13.87 14.34 5.30
N ILE C 100 -14.19 13.15 4.80
CA ILE C 100 -15.58 12.72 4.67
C ILE C 100 -16.33 12.84 5.98
N LEU C 101 -15.76 12.26 7.03
CA LEU C 101 -16.38 12.30 8.33
C LEU C 101 -16.54 13.73 8.79
N ALA C 102 -15.49 14.52 8.57
CA ALA C 102 -15.54 15.95 8.83
C ALA C 102 -16.82 16.55 8.26
N VAL C 103 -17.17 16.17 7.03
CA VAL C 103 -18.39 16.65 6.40
C VAL C 103 -19.63 16.20 7.17
N PHE C 104 -19.71 14.90 7.48
CA PHE C 104 -20.85 14.39 8.24
C PHE C 104 -20.95 15.08 9.57
N TRP C 105 -19.84 15.16 10.29
CA TRP C 105 -19.84 15.82 11.58
C TRP C 105 -20.38 17.25 11.48
N ILE C 106 -19.71 18.10 10.71
CA ILE C 106 -20.14 19.50 10.62
C ILE C 106 -21.64 19.57 10.31
N SER C 107 -22.08 18.81 9.32
CA SER C 107 -23.51 18.73 8.97
C SER C 107 -24.35 18.48 10.20
N LEU C 108 -23.95 17.46 10.95
CA LEU C 108 -24.67 17.01 12.14
C LEU C 108 -24.66 18.04 13.26
N TYR C 109 -23.52 18.68 13.51
CA TYR C 109 -23.41 19.66 14.59
C TYR C 109 -24.34 20.84 14.37
N ILE C 110 -24.38 21.29 13.12
CA ILE C 110 -25.23 22.40 12.75
C ILE C 110 -26.71 22.02 12.89
N PHE C 111 -27.12 21.03 12.10
CA PHE C 111 -28.54 20.77 11.83
C PHE C 111 -29.31 20.15 12.99
N VAL C 112 -28.62 19.41 13.85
CA VAL C 112 -29.26 18.93 15.05
C VAL C 112 -28.68 19.62 16.28
N ASN C 113 -27.47 19.22 16.67
CA ASN C 113 -26.93 19.56 17.99
C ASN C 113 -27.09 21.03 18.39
N LEU C 114 -26.62 21.93 17.54
CA LEU C 114 -26.77 23.36 17.81
C LEU C 114 -28.24 23.75 17.75
N THR C 115 -28.87 23.46 16.61
CA THR C 115 -30.28 23.74 16.41
C THR C 115 -31.11 23.33 17.61
N SER C 116 -30.99 22.06 17.97
CA SER C 116 -31.73 21.46 19.09
C SER C 116 -31.53 22.24 20.38
N VAL C 117 -30.26 22.46 20.72
CA VAL C 117 -29.91 23.12 21.95
C VAL C 117 -30.30 24.60 21.91
N LEU C 118 -30.15 25.22 20.73
CA LEU C 118 -30.64 26.59 20.53
C LEU C 118 -32.13 26.67 20.84
N TYR C 119 -32.88 25.70 20.32
CA TYR C 119 -34.32 25.63 20.56
C TYR C 119 -34.62 25.30 22.02
N LEU C 120 -34.14 24.15 22.46
CA LEU C 120 -34.37 23.68 23.83
C LEU C 120 -34.00 24.76 24.83
N GLY C 121 -32.92 25.48 24.56
CA GLY C 121 -32.51 26.59 25.40
C GLY C 121 -33.56 27.70 25.38
N GLY C 122 -33.95 28.10 24.17
CA GLY C 122 -34.93 29.16 24.01
C GLY C 122 -36.18 28.89 24.81
N LEU C 123 -36.73 27.69 24.64
CA LEU C 123 -37.92 27.24 25.38
C LEU C 123 -37.83 27.57 26.87
N ALA C 124 -36.68 27.24 27.44
CA ALA C 124 -36.43 27.44 28.87
C ALA C 124 -36.61 28.89 29.26
N LEU C 125 -36.09 29.80 28.44
CA LEU C 125 -36.15 31.22 28.73
C LEU C 125 -37.58 31.73 28.58
N GLU C 126 -38.15 31.48 27.40
CA GLU C 126 -39.55 31.78 27.15
C GLU C 126 -40.42 31.36 28.31
N THR C 127 -40.17 30.15 28.81
CA THR C 127 -40.98 29.55 29.86
C THR C 127 -40.64 30.12 31.23
N ILE C 128 -39.38 29.96 31.65
CA ILE C 128 -38.96 30.37 32.99
C ILE C 128 -39.03 31.88 33.17
N LEU C 129 -38.68 32.61 32.11
CA LEU C 129 -38.87 34.06 32.08
C LEU C 129 -40.08 34.33 31.19
N GLY C 130 -40.39 35.61 31.01
CA GLY C 130 -41.49 36.00 30.12
C GLY C 130 -40.94 36.53 28.81
N ILE C 131 -40.54 35.61 27.93
CA ILE C 131 -39.82 35.95 26.69
C ILE C 131 -40.37 35.17 25.48
N PRO C 132 -40.17 35.71 24.25
CA PRO C 132 -40.45 34.97 23.02
C PRO C 132 -39.24 34.21 22.48
N LEU C 133 -39.51 33.13 21.75
CA LEU C 133 -38.49 32.16 21.37
C LEU C 133 -37.41 32.72 20.44
N MET C 134 -37.82 33.37 19.36
CA MET C 134 -36.86 33.81 18.37
C MET C 134 -35.87 34.79 19.00
N TYR C 135 -36.38 35.68 19.84
CA TYR C 135 -35.53 36.59 20.62
C TYR C 135 -34.65 35.81 21.60
N SER C 136 -35.21 34.76 22.21
CA SER C 136 -34.45 33.92 23.13
C SER C 136 -33.28 33.23 22.44
N ILE C 137 -33.54 32.59 21.32
CA ILE C 137 -32.49 31.83 20.61
C ILE C 137 -31.39 32.77 20.12
N LEU C 138 -31.74 34.01 19.83
CA LEU C 138 -30.76 35.03 19.42
C LEU C 138 -30.10 35.66 20.66
N GLY C 139 -30.87 35.84 21.72
CA GLY C 139 -30.33 36.20 23.02
C GLY C 139 -29.34 35.15 23.51
N LEU C 140 -29.55 33.91 23.07
CA LEU C 140 -28.60 32.83 23.28
C LEU C 140 -27.47 32.88 22.25
N ALA C 141 -27.84 33.07 20.99
CA ALA C 141 -26.90 33.07 19.87
C ALA C 141 -25.85 34.16 20.03
N LEU C 142 -26.29 35.38 20.30
CA LEU C 142 -25.38 36.50 20.58
C LEU C 142 -24.40 36.16 21.69
N PHE C 143 -24.90 35.48 22.71
CA PHE C 143 -24.09 35.14 23.89
C PHE C 143 -23.11 34.02 23.63
N ALA C 144 -23.54 32.99 22.91
CA ALA C 144 -22.66 31.90 22.52
C ALA C 144 -21.45 32.39 21.72
N LEU C 145 -21.64 33.44 20.92
CA LEU C 145 -20.55 34.07 20.16
C LEU C 145 -19.53 34.70 21.10
N VAL C 146 -20.00 35.63 21.93
CA VAL C 146 -19.15 36.44 22.79
C VAL C 146 -18.25 35.58 23.69
N TYR C 147 -18.82 34.52 24.24
CA TYR C 147 -18.09 33.61 25.13
C TYR C 147 -16.98 32.85 24.39
N SER C 148 -17.05 32.78 23.06
CA SER C 148 -15.98 32.22 22.24
C SER C 148 -14.88 33.25 21.96
N ILE C 149 -15.29 34.45 21.56
CA ILE C 149 -14.37 35.53 21.22
C ILE C 149 -14.29 36.53 22.36
N VAL C 156 -10.58 25.68 31.61
CA VAL C 156 -11.59 24.85 30.93
C VAL C 156 -12.39 23.90 31.85
N VAL C 157 -11.91 23.68 33.08
CA VAL C 157 -12.60 22.80 34.05
C VAL C 157 -12.75 23.38 35.49
N TRP C 158 -12.39 24.66 35.67
CA TRP C 158 -12.85 25.45 36.83
C TRP C 158 -14.38 25.60 36.71
N THR C 159 -14.83 25.84 35.48
CA THR C 159 -16.24 26.05 35.17
C THR C 159 -17.03 24.73 35.17
N ASP C 160 -16.43 23.67 34.64
CA ASP C 160 -17.10 22.35 34.52
C ASP C 160 -17.26 21.62 35.88
N VAL C 161 -16.86 22.25 36.98
CA VAL C 161 -17.12 21.74 38.34
C VAL C 161 -18.22 22.54 39.04
N ILE C 162 -18.04 23.86 39.09
CA ILE C 162 -19.00 24.78 39.71
C ILE C 162 -20.42 24.66 39.16
N GLN C 163 -20.51 24.33 37.87
CA GLN C 163 -21.81 24.10 37.22
C GLN C 163 -22.47 22.79 37.67
N VAL C 164 -21.66 21.74 37.77
CA VAL C 164 -22.18 20.41 38.15
C VAL C 164 -22.87 20.45 39.52
N PHE C 165 -22.21 21.08 40.50
CA PHE C 165 -22.84 21.30 41.80
C PHE C 165 -24.11 22.13 41.67
N PHE C 166 -24.00 23.26 40.98
CA PHE C 166 -25.14 24.16 40.73
C PHE C 166 -26.39 23.38 40.28
N LEU C 167 -26.22 22.61 39.21
CA LEU C 167 -27.32 21.99 38.50
C LEU C 167 -27.81 20.68 39.10
N VAL C 168 -26.91 19.95 39.75
CA VAL C 168 -27.31 18.73 40.45
C VAL C 168 -28.24 19.10 41.62
N LEU C 169 -27.86 20.14 42.37
CA LEU C 169 -28.73 20.69 43.40
C LEU C 169 -29.99 21.29 42.76
N GLY C 170 -29.83 21.97 41.63
CA GLY C 170 -30.96 22.54 40.89
C GLY C 170 -32.00 21.51 40.48
N GLY C 171 -31.56 20.52 39.71
CA GLY C 171 -32.44 19.42 39.26
C GLY C 171 -33.11 18.69 40.41
N PHE C 172 -32.36 18.51 41.49
CA PHE C 172 -32.87 17.89 42.71
C PHE C 172 -33.87 18.82 43.43
N MET C 173 -33.58 20.12 43.46
CA MET C 173 -34.47 21.09 44.11
C MET C 173 -35.85 21.05 43.46
N THR C 174 -35.87 21.33 42.16
CA THR C 174 -37.09 21.23 41.36
C THR C 174 -37.78 19.89 41.60
N THR C 175 -37.07 18.80 41.34
CA THR C 175 -37.65 17.46 41.43
C THR C 175 -38.17 17.17 42.85
N TYR C 176 -37.42 17.58 43.87
CA TYR C 176 -37.84 17.37 45.25
C TYR C 176 -39.18 18.05 45.53
N MET C 177 -39.22 19.36 45.31
CA MET C 177 -40.40 20.16 45.63
C MET C 177 -41.62 19.77 44.78
N ALA C 178 -41.39 19.30 43.56
CA ALA C 178 -42.47 18.84 42.68
C ALA C 178 -43.17 17.66 43.33
N VAL C 179 -42.41 16.64 43.73
CA VAL C 179 -42.97 15.47 44.41
C VAL C 179 -43.53 15.82 45.79
N SER C 180 -42.92 16.80 46.45
CA SER C 180 -43.42 17.32 47.72
C SER C 180 -44.86 17.83 47.57
N PHE C 181 -45.15 18.41 46.41
CA PHE C 181 -46.46 18.97 46.11
C PHE C 181 -47.52 17.87 45.95
N ILE C 182 -47.18 16.83 45.19
CA ILE C 182 -48.10 15.72 44.91
C ILE C 182 -48.53 15.01 46.21
N GLY C 183 -47.55 14.68 47.05
CA GLY C 183 -47.83 14.05 48.34
C GLY C 183 -48.57 14.96 49.31
N GLY C 184 -48.30 16.26 49.22
CA GLY C 184 -49.00 17.27 50.01
C GLY C 184 -48.83 17.09 51.51
N THR C 185 -49.84 16.50 52.13
CA THR C 185 -49.89 16.34 53.59
C THR C 185 -49.51 14.93 54.09
N ASP C 186 -49.39 13.97 53.17
CA ASP C 186 -49.04 12.59 53.55
C ASP C 186 -47.54 12.30 53.38
N GLY C 187 -46.74 13.35 53.17
CA GLY C 187 -45.29 13.22 53.11
C GLY C 187 -44.73 13.19 51.69
N TRP C 188 -43.42 13.34 51.59
CA TRP C 188 -42.74 13.41 50.29
C TRP C 188 -42.84 12.10 49.50
N PHE C 189 -42.46 11.00 50.15
CA PHE C 189 -42.46 9.68 49.51
C PHE C 189 -43.86 9.28 49.06
N ALA C 190 -44.86 9.52 49.91
CA ALA C 190 -46.25 9.25 49.56
C ALA C 190 -46.59 9.85 48.19
N GLY C 191 -46.10 11.07 47.93
CA GLY C 191 -46.27 11.71 46.62
C GLY C 191 -45.67 10.91 45.49
N VAL C 192 -44.51 10.30 45.75
CA VAL C 192 -43.90 9.37 44.81
C VAL C 192 -44.85 8.22 44.53
N SER C 193 -45.29 7.55 45.59
CA SER C 193 -46.20 6.42 45.48
C SER C 193 -47.49 6.81 44.73
N LYS C 194 -47.96 8.02 44.97
CA LYS C 194 -49.17 8.52 44.32
C LYS C 194 -48.94 8.68 42.83
N MET C 195 -47.86 9.37 42.46
CA MET C 195 -47.63 9.62 41.04
C MET C 195 -47.40 8.33 40.27
N VAL C 196 -46.86 7.31 40.93
CA VAL C 196 -46.72 6.00 40.29
C VAL C 196 -48.08 5.29 40.20
N ASP C 197 -48.94 5.54 41.17
CA ASP C 197 -50.32 5.03 41.12
C ASP C 197 -51.11 5.72 40.00
N ALA C 198 -50.95 7.03 39.91
CA ALA C 198 -51.73 7.85 38.99
C ALA C 198 -51.18 7.81 37.56
N ALA C 199 -49.93 7.40 37.42
CA ALA C 199 -49.30 7.36 36.09
C ALA C 199 -48.36 6.16 36.02
N PRO C 200 -48.91 4.95 36.11
CA PRO C 200 -48.13 3.72 36.12
C PRO C 200 -47.54 3.41 34.75
N GLY C 201 -48.13 3.99 33.70
CA GLY C 201 -47.58 3.90 32.37
C GLY C 201 -46.15 4.42 32.29
N HIS C 202 -45.82 5.37 33.17
CA HIS C 202 -44.53 6.02 33.14
C HIS C 202 -43.44 5.31 33.93
N PHE C 203 -43.74 4.11 34.42
CA PHE C 203 -42.75 3.32 35.15
C PHE C 203 -42.48 1.94 34.56
N GLU C 204 -43.23 1.58 33.51
CA GLU C 204 -42.81 0.51 32.60
C GLU C 204 -41.49 0.92 31.96
N MET C 205 -40.51 0.03 32.02
CA MET C 205 -39.17 0.29 31.47
C MET C 205 -39.00 -0.25 30.04
N ILE C 206 -39.80 -1.25 29.71
CA ILE C 206 -39.60 -2.07 28.53
C ILE C 206 -40.96 -2.08 27.80
N LEU C 207 -41.03 -1.38 26.68
CA LEU C 207 -42.32 -1.07 26.07
C LEU C 207 -42.92 -2.19 25.26
N ASP C 208 -44.24 -2.21 25.23
CA ASP C 208 -44.99 -3.17 24.44
C ASP C 208 -45.25 -2.57 23.10
N GLN C 209 -45.52 -3.42 22.12
CA GLN C 209 -45.95 -2.96 20.80
C GLN C 209 -47.19 -2.10 20.92
N SER C 210 -48.07 -2.47 21.84
CA SER C 210 -49.28 -1.71 22.12
C SER C 210 -48.94 -0.25 22.42
N ASN C 211 -47.96 0.00 23.28
CA ASN C 211 -47.55 1.37 23.56
C ASN C 211 -47.22 2.08 22.25
N PRO C 212 -47.73 3.31 22.06
CA PRO C 212 -47.42 4.08 20.83
C PRO C 212 -45.98 4.64 20.80
N GLN C 213 -45.49 5.06 21.96
CA GLN C 213 -44.10 5.52 22.13
C GLN C 213 -43.07 4.45 21.81
N TYR C 214 -43.49 3.19 21.86
CA TYR C 214 -42.69 2.02 21.48
C TYR C 214 -41.75 2.26 20.31
N MET C 215 -42.33 2.78 19.23
CA MET C 215 -41.60 3.08 18.00
C MET C 215 -40.34 3.95 18.21
N ASN C 216 -40.29 4.67 19.33
CA ASN C 216 -39.07 5.42 19.70
C ASN C 216 -38.14 4.67 20.63
N LEU C 217 -38.69 3.70 21.36
CA LEU C 217 -37.98 3.07 22.46
C LEU C 217 -38.42 1.60 22.58
N PRO C 218 -38.14 0.81 21.54
CA PRO C 218 -38.76 -0.50 21.28
C PRO C 218 -38.31 -1.66 22.17
N GLY C 219 -38.85 -1.71 23.39
CA GLY C 219 -38.66 -2.85 24.31
C GLY C 219 -37.20 -3.22 24.58
N ILE C 220 -36.85 -4.48 24.33
CA ILE C 220 -35.50 -4.96 24.67
C ILE C 220 -34.42 -4.46 23.74
N ALA C 221 -34.77 -3.85 22.62
CA ALA C 221 -33.75 -3.14 21.82
C ALA C 221 -32.94 -2.21 22.72
N VAL C 222 -33.63 -1.63 23.71
CA VAL C 222 -33.00 -0.90 24.82
C VAL C 222 -31.80 -1.66 25.40
N LEU C 223 -32.03 -2.91 25.80
CA LEU C 223 -30.97 -3.72 26.38
C LEU C 223 -30.10 -4.30 25.28
N ILE C 224 -30.68 -5.15 24.45
CA ILE C 224 -29.85 -5.94 23.51
C ILE C 224 -29.60 -5.28 22.15
N GLY C 225 -30.36 -4.25 21.79
CA GLY C 225 -30.33 -3.77 20.41
C GLY C 225 -29.70 -2.43 20.17
N GLY C 226 -30.26 -1.74 19.18
CA GLY C 226 -29.70 -0.51 18.64
C GLY C 226 -29.35 0.64 19.56
N LEU C 227 -29.68 0.54 20.86
CA LEU C 227 -29.24 1.56 21.83
C LEU C 227 -27.74 1.57 21.89
N TRP C 228 -27.15 0.40 22.01
CA TRP C 228 -25.70 0.25 22.05
C TRP C 228 -25.02 1.09 20.98
N VAL C 229 -25.56 1.06 19.76
CA VAL C 229 -25.05 1.91 18.69
C VAL C 229 -24.95 3.32 19.24
N ALA C 230 -26.09 3.81 19.74
CA ALA C 230 -26.20 5.15 20.29
C ALA C 230 -25.12 5.41 21.32
N ASN C 231 -24.96 4.48 22.24
CA ASN C 231 -24.01 4.65 23.34
C ASN C 231 -22.55 4.44 22.95
N LEU C 232 -22.22 3.26 22.43
CA LEU C 232 -20.86 2.97 21.96
C LEU C 232 -20.30 4.16 21.19
N TYR C 233 -20.98 4.53 20.11
CA TYR C 233 -20.56 5.65 19.30
C TYR C 233 -20.36 6.91 20.13
N TYR C 234 -21.31 7.21 21.00
CA TYR C 234 -21.24 8.44 21.76
C TYR C 234 -20.06 8.39 22.70
N TRP C 235 -20.04 7.37 23.53
CA TRP C 235 -19.04 7.28 24.57
C TRP C 235 -17.69 6.74 24.07
N GLY C 236 -17.67 5.45 23.74
CA GLY C 236 -16.44 4.74 23.39
C GLY C 236 -15.49 5.56 22.54
N PHE C 237 -16.01 6.10 21.44
CA PHE C 237 -15.22 6.90 20.52
C PHE C 237 -15.50 8.37 20.72
N ASN C 238 -16.50 8.88 20.01
CA ASN C 238 -16.67 10.34 19.81
C ASN C 238 -16.16 11.19 20.98
N GLN C 239 -16.38 10.74 22.22
CA GLN C 239 -15.87 11.42 23.41
C GLN C 239 -14.39 11.80 23.34
N TYR C 240 -14.16 12.97 22.73
CA TYR C 240 -12.87 13.69 22.79
C TYR C 240 -12.69 14.07 24.24
N ILE C 241 -13.81 14.45 24.84
CA ILE C 241 -13.81 14.97 26.20
C ILE C 241 -13.43 13.84 27.18
N ILE C 242 -13.60 12.58 26.75
CA ILE C 242 -12.99 11.43 27.44
C ILE C 242 -11.49 11.54 27.28
N GLN C 243 -11.08 11.60 26.02
CA GLN C 243 -9.69 11.49 25.61
C GLN C 243 -8.86 12.61 26.20
N ARG C 244 -9.28 13.84 25.90
CA ARG C 244 -8.65 15.05 26.40
C ARG C 244 -8.55 15.02 27.92
N THR C 245 -9.59 14.51 28.56
CA THR C 245 -9.64 14.42 30.02
C THR C 245 -8.93 13.17 30.57
N LEU C 246 -8.79 12.13 29.74
CA LEU C 246 -8.03 10.93 30.10
C LEU C 246 -6.51 11.15 30.08
N ALA C 247 -6.07 12.06 29.22
CA ALA C 247 -4.66 12.46 29.19
C ALA C 247 -4.29 13.31 30.42
N ALA C 248 -4.75 12.89 31.59
CA ALA C 248 -4.44 13.55 32.85
C ALA C 248 -3.42 12.71 33.64
N LYS C 249 -3.90 11.67 34.33
CA LYS C 249 -3.04 10.81 35.18
C LYS C 249 -3.12 9.33 34.78
N SER C 250 -2.22 8.53 35.37
CA SER C 250 -2.27 7.07 35.36
C SER C 250 -3.51 6.52 34.68
N VAL C 251 -3.33 5.94 33.50
CA VAL C 251 -4.45 5.33 32.78
C VAL C 251 -5.18 4.37 33.71
N SER C 252 -4.41 3.62 34.51
CA SER C 252 -4.96 2.87 35.63
C SER C 252 -6.04 3.66 36.37
N GLU C 253 -5.66 4.85 36.83
CA GLU C 253 -6.57 5.73 37.57
C GLU C 253 -7.61 6.41 36.67
N ALA C 254 -7.23 6.75 35.44
CA ALA C 254 -8.16 7.31 34.45
C ALA C 254 -9.40 6.42 34.27
N GLN C 255 -9.20 5.11 34.42
CA GLN C 255 -10.29 4.14 34.41
C GLN C 255 -11.24 4.34 35.60
N LYS C 256 -10.67 4.57 36.78
CA LYS C 256 -11.48 4.84 37.99
C LYS C 256 -12.42 6.05 37.84
N GLY C 257 -12.00 7.05 37.09
CA GLY C 257 -12.85 8.20 36.75
C GLY C 257 -13.99 7.83 35.84
N ILE C 258 -13.73 6.89 34.92
CA ILE C 258 -14.76 6.35 34.05
C ILE C 258 -15.80 5.57 34.85
N VAL C 259 -15.34 4.80 35.82
CA VAL C 259 -16.24 4.08 36.72
C VAL C 259 -17.09 5.04 37.53
N PHE C 260 -16.42 5.99 38.16
CA PHE C 260 -17.10 7.03 38.94
C PHE C 260 -18.11 7.79 38.09
N ALA C 261 -17.68 8.16 36.88
CA ALA C 261 -18.57 8.77 35.89
C ALA C 261 -19.76 7.85 35.58
N ALA C 262 -19.46 6.58 35.31
CA ALA C 262 -20.48 5.56 35.06
C ALA C 262 -21.47 5.49 36.22
N PHE C 263 -20.97 5.56 37.45
CA PHE C 263 -21.80 5.57 38.65
C PHE C 263 -22.75 6.76 38.69
N LEU C 264 -22.26 7.92 38.27
CA LEU C 264 -23.08 9.14 38.26
C LEU C 264 -24.28 9.02 37.32
N LYS C 265 -24.06 8.40 36.17
CA LYS C 265 -25.12 8.18 35.18
C LYS C 265 -26.35 7.48 35.76
N LEU C 266 -26.12 6.68 36.81
CA LEU C 266 -27.24 6.09 37.55
C LEU C 266 -28.13 7.15 38.16
N ILE C 267 -27.51 8.21 38.67
CA ILE C 267 -28.22 9.26 39.41
C ILE C 267 -28.85 10.34 38.52
N VAL C 268 -28.41 10.41 37.27
CA VAL C 268 -28.92 11.44 36.34
C VAL C 268 -30.45 11.46 36.18
N PRO C 269 -31.07 10.28 35.89
CA PRO C 269 -32.52 10.20 35.64
C PRO C 269 -33.39 10.86 36.70
N PHE C 270 -32.90 10.88 37.93
CA PHE C 270 -33.63 11.40 39.08
C PHE C 270 -33.64 12.94 39.05
N LEU C 271 -32.81 13.51 38.18
CA LEU C 271 -32.73 14.95 38.03
C LEU C 271 -33.31 15.41 36.71
N VAL C 272 -33.41 14.52 35.73
CA VAL C 272 -33.89 14.90 34.40
C VAL C 272 -35.23 14.25 34.05
N VAL C 273 -35.26 12.92 34.05
CA VAL C 273 -36.44 12.20 33.58
C VAL C 273 -37.54 12.15 34.63
N LEU C 274 -37.17 12.25 35.90
CA LEU C 274 -38.12 12.12 37.01
C LEU C 274 -39.01 13.34 37.23
N PRO C 275 -38.45 14.56 37.04
CA PRO C 275 -39.32 15.73 36.96
C PRO C 275 -40.37 15.61 35.86
N GLY C 276 -39.98 15.07 34.71
CA GLY C 276 -40.90 14.85 33.60
C GLY C 276 -42.13 14.04 33.99
N ILE C 277 -41.92 12.97 34.76
CA ILE C 277 -43.03 12.14 35.22
C ILE C 277 -43.89 12.89 36.22
N ALA C 278 -43.25 13.63 37.11
CA ALA C 278 -43.95 14.44 38.11
C ALA C 278 -44.81 15.47 37.41
N ALA C 279 -44.21 16.17 36.45
CA ALA C 279 -44.88 17.22 35.70
C ALA C 279 -46.10 16.69 35.00
N TYR C 280 -45.93 15.57 34.33
CA TYR C 280 -47.04 14.94 33.63
C TYR C 280 -48.20 14.73 34.58
N VAL C 281 -47.92 14.03 35.67
CA VAL C 281 -48.94 13.62 36.65
C VAL C 281 -49.80 14.81 37.11
N ILE C 282 -49.11 15.87 37.48
CA ILE C 282 -49.73 17.12 37.90
C ILE C 282 -50.62 17.69 36.79
N THR C 283 -50.06 17.80 35.60
CA THR C 283 -50.76 18.39 34.46
C THR C 283 -52.05 17.65 34.12
N SER C 284 -51.95 16.33 34.01
CA SER C 284 -53.09 15.51 33.65
C SER C 284 -54.04 15.23 34.83
N ASP C 285 -53.64 15.66 36.04
CA ASP C 285 -54.54 15.65 37.19
C ASP C 285 -55.18 17.02 37.39
N PRO C 286 -56.52 17.08 37.41
CA PRO C 286 -57.25 18.35 37.47
C PRO C 286 -57.35 18.98 38.86
N GLN C 287 -57.38 18.15 39.90
CA GLN C 287 -57.50 18.64 41.28
C GLN C 287 -56.28 19.49 41.61
N LEU C 288 -55.12 18.97 41.28
CA LEU C 288 -53.84 19.63 41.56
C LEU C 288 -53.66 20.84 40.67
N MET C 289 -54.15 20.72 39.45
CA MET C 289 -53.94 21.75 38.44
C MET C 289 -54.72 23.01 38.78
N ALA C 290 -56.02 22.83 39.03
CA ALA C 290 -56.87 23.94 39.44
C ALA C 290 -56.43 24.46 40.81
N SER C 291 -55.80 23.60 41.60
CA SER C 291 -55.27 23.98 42.91
C SER C 291 -54.13 24.99 42.78
N LEU C 292 -53.21 24.75 41.85
CA LEU C 292 -52.14 25.71 41.56
C LEU C 292 -52.74 27.09 41.35
N GLY C 293 -53.71 27.14 40.45
CA GLY C 293 -54.49 28.33 40.24
C GLY C 293 -54.54 28.75 38.79
N ASP C 294 -54.89 30.01 38.60
CA ASP C 294 -55.07 30.59 37.27
C ASP C 294 -53.71 30.83 36.59
N ILE C 295 -52.67 31.00 37.42
CA ILE C 295 -51.35 31.39 36.93
C ILE C 295 -50.46 30.19 36.57
N ALA C 296 -51.05 29.02 36.37
CA ALA C 296 -50.40 27.95 35.62
C ALA C 296 -50.43 28.46 34.18
N ALA C 297 -49.79 29.62 34.02
CA ALA C 297 -50.11 30.55 32.94
C ALA C 297 -49.42 30.16 31.66
N THR C 298 -49.95 29.12 31.03
CA THR C 298 -49.40 28.54 29.79
C THR C 298 -47.89 28.28 29.92
N ASN C 299 -47.20 28.18 28.78
CA ASN C 299 -45.91 27.51 28.72
C ASN C 299 -46.11 26.14 29.37
N LEU C 300 -47.34 25.64 29.24
CA LEU C 300 -47.79 24.41 29.86
C LEU C 300 -47.37 23.27 28.95
N PRO C 301 -46.67 22.26 29.51
CA PRO C 301 -46.26 21.14 28.70
C PRO C 301 -47.47 20.31 28.31
N SER C 302 -47.33 19.58 27.22
CA SER C 302 -48.41 18.75 26.73
C SER C 302 -47.87 17.74 25.76
N ALA C 303 -48.76 16.89 25.26
CA ALA C 303 -48.44 16.03 24.13
C ALA C 303 -47.89 16.89 22.98
N ALA C 304 -48.48 18.07 22.81
CA ALA C 304 -48.00 19.04 21.82
C ALA C 304 -46.52 19.38 22.03
N ASN C 305 -46.23 20.24 23.02
CA ASN C 305 -44.85 20.62 23.34
C ASN C 305 -44.43 20.14 24.72
N ALA C 306 -44.02 18.87 24.75
CA ALA C 306 -43.69 18.17 25.98
C ALA C 306 -42.44 18.74 26.62
N ASP C 307 -41.55 19.26 25.78
CA ASP C 307 -40.25 19.73 26.23
C ASP C 307 -40.36 20.86 27.26
N LYS C 308 -41.41 21.68 27.12
CA LYS C 308 -41.72 22.75 28.08
C LYS C 308 -41.79 22.28 29.53
N ALA C 309 -41.85 20.97 29.71
CA ALA C 309 -41.98 20.33 31.01
C ALA C 309 -41.10 20.95 32.10
N TYR C 310 -39.80 20.65 32.06
CA TYR C 310 -38.90 21.04 33.15
C TYR C 310 -38.87 22.55 33.41
N PRO C 311 -38.78 23.36 32.34
CA PRO C 311 -38.72 24.80 32.59
C PRO C 311 -40.00 25.34 33.22
N TRP C 312 -41.12 24.69 32.93
CA TRP C 312 -42.38 25.06 33.53
C TRP C 312 -42.40 24.72 35.03
N LEU C 313 -41.68 23.67 35.42
CA LEU C 313 -41.54 23.32 36.84
C LEU C 313 -40.71 24.34 37.60
N THR C 314 -39.68 24.86 36.95
CA THR C 314 -38.80 25.88 37.54
C THR C 314 -39.54 27.21 37.67
N GLN C 315 -40.54 27.41 36.81
CA GLN C 315 -41.49 28.53 36.93
C GLN C 315 -42.13 28.58 38.32
N PHE C 316 -42.15 27.44 38.98
CA PHE C 316 -42.87 27.21 40.24
C PHE C 316 -41.88 27.04 41.43
N LEU C 317 -40.58 27.29 41.18
CA LEU C 317 -39.52 27.16 42.22
C LEU C 317 -39.63 28.26 43.32
N PRO C 318 -38.78 28.19 44.37
CA PRO C 318 -38.80 29.23 45.40
C PRO C 318 -37.97 30.50 45.12
N VAL C 319 -37.84 31.32 46.17
CA VAL C 319 -37.31 32.70 46.15
C VAL C 319 -36.27 33.07 45.07
N GLY C 320 -35.00 33.18 45.45
CA GLY C 320 -33.92 33.49 44.52
C GLY C 320 -33.35 32.20 43.98
N VAL C 321 -33.66 31.10 44.67
CA VAL C 321 -33.31 29.76 44.22
C VAL C 321 -33.66 29.59 42.76
N LYS C 322 -34.80 30.14 42.35
CA LYS C 322 -35.15 30.20 40.93
C LYS C 322 -34.00 30.75 40.11
N GLY C 323 -33.73 32.04 40.31
CA GLY C 323 -32.72 32.76 39.53
C GLY C 323 -31.34 32.14 39.60
N VAL C 324 -31.04 31.49 40.72
CA VAL C 324 -29.79 30.77 40.88
C VAL C 324 -29.81 29.49 40.05
N VAL C 325 -30.80 28.64 40.32
CA VAL C 325 -30.99 27.42 39.54
C VAL C 325 -31.12 27.77 38.07
N PHE C 326 -31.86 28.84 37.79
CA PHE C 326 -32.01 29.36 36.44
C PHE C 326 -30.68 29.82 35.84
N ALA C 327 -29.99 30.73 36.53
CA ALA C 327 -28.70 31.24 36.05
C ALA C 327 -27.70 30.11 35.88
N ALA C 328 -27.82 29.11 36.75
CA ALA C 328 -27.01 27.89 36.64
C ALA C 328 -27.23 27.22 35.28
N LEU C 329 -28.50 27.06 34.89
CA LEU C 329 -28.83 26.51 33.59
C LEU C 329 -28.38 27.44 32.49
N ALA C 330 -28.64 28.73 32.67
CA ALA C 330 -28.25 29.76 31.71
C ALA C 330 -26.84 29.54 31.21
N ALA C 331 -25.89 29.55 32.14
CA ALA C 331 -24.48 29.35 31.80
C ALA C 331 -24.25 27.96 31.18
N ALA C 332 -24.82 26.93 31.80
CA ALA C 332 -24.65 25.54 31.36
C ALA C 332 -25.05 25.28 29.90
N ILE C 333 -25.78 26.24 29.32
CA ILE C 333 -26.29 26.12 27.95
C ILE C 333 -25.40 26.89 26.98
N VAL C 334 -25.20 28.18 27.22
CA VAL C 334 -24.30 28.99 26.39
C VAL C 334 -22.92 28.32 26.31
N SER C 335 -22.58 27.60 27.37
CA SER C 335 -21.44 26.68 27.37
C SER C 335 -21.50 25.69 26.21
N SER C 336 -22.40 24.71 26.33
CA SER C 336 -22.48 23.60 25.36
C SER C 336 -22.52 24.08 23.90
N LEU C 337 -23.13 25.23 23.66
CA LEU C 337 -23.18 25.81 22.32
C LEU C 337 -21.78 26.15 21.83
N ALA C 338 -21.06 26.97 22.58
CA ALA C 338 -19.69 27.38 22.23
C ALA C 338 -18.83 26.17 21.87
N SER C 339 -18.77 25.20 22.78
CA SER C 339 -18.09 23.93 22.52
C SER C 339 -18.47 23.40 21.13
N MET C 340 -19.77 23.17 20.93
CA MET C 340 -20.26 22.68 19.65
C MET C 340 -19.84 23.60 18.50
N LEU C 341 -19.91 24.90 18.73
CA LEU C 341 -19.57 25.88 17.71
C LEU C 341 -18.15 25.67 17.22
N ASN C 342 -17.17 25.97 18.07
CA ASN C 342 -15.76 25.94 17.67
C ASN C 342 -15.32 24.58 17.13
N SER C 343 -15.78 23.52 17.79
CA SER C 343 -15.49 22.16 17.37
C SER C 343 -15.81 22.03 15.90
N THR C 344 -17.03 22.43 15.55
CA THR C 344 -17.51 22.35 14.18
C THR C 344 -16.65 23.20 13.26
N ALA C 345 -16.41 24.45 13.68
CA ALA C 345 -15.61 25.38 12.90
C ALA C 345 -14.21 24.82 12.72
N THR C 346 -13.54 24.60 13.84
CA THR C 346 -12.19 24.04 13.84
C THR C 346 -12.15 22.83 12.93
N ILE C 347 -12.98 21.84 13.22
CA ILE C 347 -13.12 20.67 12.36
C ILE C 347 -13.15 21.09 10.90
N PHE C 348 -14.04 22.02 10.56
CA PHE C 348 -14.17 22.46 9.19
C PHE C 348 -12.89 23.08 8.68
N THR C 349 -12.50 24.19 9.30
CA THR C 349 -11.35 24.97 8.84
C THR C 349 -10.09 24.13 8.69
N MET C 350 -9.95 23.09 9.50
CA MET C 350 -8.80 22.21 9.41
C MET C 350 -8.98 21.16 8.32
N ASP C 351 -9.91 20.25 8.54
CA ASP C 351 -9.95 18.99 7.79
C ASP C 351 -10.60 19.15 6.42
N ILE C 352 -11.26 20.29 6.21
CA ILE C 352 -11.84 20.64 4.93
C ILE C 352 -11.00 21.71 4.27
N TYR C 353 -10.84 22.84 4.98
CA TYR C 353 -10.17 24.02 4.41
C TYR C 353 -8.64 23.89 4.40
N LYS C 354 -8.06 23.43 5.50
CA LYS C 354 -6.61 23.29 5.57
C LYS C 354 -6.13 22.10 4.75
N GLU C 355 -6.71 20.93 4.94
CA GLU C 355 -6.19 19.72 4.28
C GLU C 355 -6.55 19.65 2.79
N TYR C 356 -7.70 20.20 2.40
CA TYR C 356 -8.16 20.09 1.00
C TYR C 356 -8.33 21.39 0.21
N ILE C 357 -8.63 22.51 0.86
CA ILE C 357 -8.80 23.79 0.14
C ILE C 357 -7.46 24.49 -0.09
N SER C 358 -6.67 24.63 0.97
CA SER C 358 -5.24 25.00 0.87
C SER C 358 -4.53 24.64 2.17
N PRO C 359 -3.23 24.32 2.11
CA PRO C 359 -2.53 23.82 3.31
C PRO C 359 -2.25 24.90 4.33
N ASP C 360 -1.73 26.03 3.88
CA ASP C 360 -1.43 27.16 4.76
C ASP C 360 -1.93 28.46 4.15
N SER C 361 -2.95 29.04 4.77
CA SER C 361 -3.18 30.49 4.69
C SER C 361 -2.22 31.10 5.70
N GLY C 362 -2.21 30.50 6.90
CA GLY C 362 -1.25 30.83 7.96
C GLY C 362 -1.67 30.15 9.25
N ASP C 363 -1.33 30.76 10.38
CA ASP C 363 -1.95 30.43 11.67
C ASP C 363 -2.81 31.62 12.14
N HIS C 364 -2.80 32.72 11.38
CA HIS C 364 -3.62 33.90 11.68
C HIS C 364 -4.92 33.91 10.88
N LYS C 365 -4.82 33.87 9.54
CA LYS C 365 -6.01 33.73 8.67
C LYS C 365 -6.77 32.44 8.94
N LEU C 366 -6.07 31.42 9.46
CA LEU C 366 -6.69 30.18 9.95
C LEU C 366 -7.73 30.44 11.03
N VAL C 367 -7.37 31.28 12.01
CA VAL C 367 -8.25 31.61 13.12
C VAL C 367 -9.33 32.60 12.66
N ASN C 368 -8.93 33.58 11.85
CA ASN C 368 -9.88 34.53 11.23
C ASN C 368 -10.96 33.77 10.45
N VAL C 369 -10.53 32.93 9.51
CA VAL C 369 -11.43 32.04 8.74
C VAL C 369 -12.02 30.92 9.62
N GLY C 370 -11.35 30.63 10.73
CA GLY C 370 -11.80 29.62 11.70
C GLY C 370 -13.03 30.01 12.50
N ARG C 371 -13.10 31.27 12.92
CA ARG C 371 -14.29 31.78 13.62
C ARG C 371 -15.25 32.52 12.67
N THR C 372 -15.10 32.30 11.36
CA THR C 372 -16.07 32.77 10.37
C THR C 372 -17.18 31.74 10.17
N ALA C 373 -16.76 30.53 9.79
CA ALA C 373 -17.69 29.40 9.67
C ALA C 373 -18.52 29.30 10.94
N ALA C 374 -17.88 29.56 12.09
CA ALA C 374 -18.55 29.60 13.41
C ALA C 374 -19.88 30.34 13.38
N VAL C 375 -19.92 31.46 12.68
CA VAL C 375 -21.13 32.26 12.56
C VAL C 375 -22.04 31.76 11.44
N VAL C 376 -21.46 31.53 10.26
CA VAL C 376 -22.18 30.92 9.14
C VAL C 376 -22.95 29.67 9.60
N ALA C 377 -22.35 28.93 10.54
CA ALA C 377 -23.06 27.86 11.24
C ALA C 377 -24.14 28.50 12.10
N LEU C 378 -23.74 29.18 13.17
CA LEU C 378 -24.66 29.73 14.16
C LEU C 378 -25.93 30.30 13.55
N ILE C 379 -25.79 31.05 12.45
CA ILE C 379 -26.94 31.68 11.79
C ILE C 379 -27.90 30.65 11.20
N ILE C 380 -27.36 29.59 10.61
CA ILE C 380 -28.19 28.48 10.09
C ILE C 380 -28.84 27.73 11.24
N ALA C 381 -28.05 27.44 12.26
CA ALA C 381 -28.56 26.92 13.52
C ALA C 381 -29.72 27.76 14.02
N CYS C 382 -29.56 29.08 14.00
CA CYS C 382 -30.63 30.02 14.39
C CYS C 382 -31.77 30.09 13.39
N LEU C 383 -31.47 29.80 12.13
CA LEU C 383 -32.46 29.89 11.05
C LEU C 383 -33.44 28.74 11.18
N ILE C 384 -32.89 27.55 11.29
CA ILE C 384 -33.68 26.33 11.41
C ILE C 384 -34.01 26.02 12.89
N ALA C 385 -33.35 26.73 13.80
CA ALA C 385 -33.55 26.55 15.24
C ALA C 385 -35.03 26.50 15.64
N PRO C 386 -35.80 27.55 15.29
CA PRO C 386 -37.19 27.64 15.72
C PRO C 386 -38.13 26.55 15.16
N MET C 387 -37.73 25.87 14.09
CA MET C 387 -38.63 24.93 13.41
C MET C 387 -38.99 23.71 14.23
N LEU C 388 -38.31 23.51 15.35
CA LEU C 388 -38.54 22.36 16.23
C LEU C 388 -39.67 22.58 17.25
N GLY C 389 -40.34 23.73 17.17
CA GLY C 389 -41.49 24.04 18.03
C GLY C 389 -42.73 23.21 17.70
N GLY C 390 -42.75 22.65 16.49
CA GLY C 390 -43.76 21.69 16.07
C GLY C 390 -43.26 20.25 16.19
N ILE C 391 -42.61 19.97 17.31
CA ILE C 391 -42.15 18.61 17.61
C ILE C 391 -42.42 18.35 19.07
N GLY C 392 -42.71 17.08 19.36
CA GLY C 392 -43.04 16.66 20.71
C GLY C 392 -41.85 16.60 21.63
N GLN C 393 -40.88 15.76 21.26
CA GLN C 393 -39.64 15.55 22.04
C GLN C 393 -38.45 15.80 21.13
N ALA C 394 -37.72 16.86 21.41
CA ALA C 394 -36.49 17.10 20.70
C ALA C 394 -35.59 15.89 20.90
N PHE C 395 -35.53 15.43 22.15
CA PHE C 395 -34.67 14.33 22.51
C PHE C 395 -34.74 13.18 21.51
N GLN C 396 -35.94 12.82 21.08
CA GLN C 396 -36.11 11.73 20.11
C GLN C 396 -35.70 12.13 18.68
N TYR C 397 -35.83 13.41 18.37
CA TYR C 397 -35.30 13.96 17.11
C TYR C 397 -33.79 13.79 17.06
N ILE C 398 -33.14 14.26 18.13
CA ILE C 398 -31.68 14.18 18.27
C ILE C 398 -31.20 12.74 18.15
N GLN C 399 -31.81 11.89 18.95
CA GLN C 399 -31.38 10.51 19.03
C GLN C 399 -31.61 9.80 17.73
N GLU C 400 -32.71 10.15 17.06
CA GLU C 400 -33.08 9.50 15.80
C GLU C 400 -32.14 9.77 14.66
N TYR C 401 -31.72 11.01 14.55
CA TYR C 401 -31.08 11.52 13.35
C TYR C 401 -29.55 11.40 13.31
N THR C 402 -28.89 11.48 14.46
CA THR C 402 -27.49 11.05 14.53
C THR C 402 -27.45 9.54 14.18
N GLY C 403 -28.57 8.86 14.45
CA GLY C 403 -28.81 7.50 13.99
C GLY C 403 -28.70 7.31 12.48
N LEU C 404 -28.68 8.40 11.72
CA LEU C 404 -28.41 8.33 10.28
C LEU C 404 -26.94 8.10 10.00
N VAL C 405 -26.10 8.69 10.86
CA VAL C 405 -24.67 8.73 10.63
C VAL C 405 -23.91 7.82 11.62
N SER C 406 -24.29 7.88 12.90
CA SER C 406 -23.57 7.18 13.97
C SER C 406 -23.31 5.69 13.72
N PRO C 407 -24.24 4.97 13.05
CA PRO C 407 -24.04 3.53 12.89
C PRO C 407 -22.95 3.20 11.89
N GLY C 408 -22.94 3.93 10.77
CA GLY C 408 -21.93 3.74 9.75
C GLY C 408 -20.56 4.13 10.23
N ILE C 409 -20.49 5.25 10.96
CA ILE C 409 -19.19 5.78 11.38
C ILE C 409 -18.77 5.18 12.71
N LEU C 410 -19.68 4.42 13.32
CA LEU C 410 -19.31 3.54 14.42
C LEU C 410 -18.73 2.25 13.81
N ALA C 411 -19.43 1.67 12.84
CA ALA C 411 -18.95 0.45 12.18
C ALA C 411 -17.50 0.61 11.78
N VAL C 412 -17.19 1.79 11.24
CA VAL C 412 -15.81 2.15 10.91
C VAL C 412 -14.91 2.05 12.13
N PHE C 413 -15.29 2.74 13.18
CA PHE C 413 -14.48 2.76 14.39
C PHE C 413 -14.22 1.40 14.99
N LEU C 414 -15.27 0.61 15.20
CA LEU C 414 -15.11 -0.70 15.84
C LEU C 414 -14.11 -1.54 15.10
N LEU C 415 -14.32 -1.67 13.79
CA LEU C 415 -13.42 -2.45 12.95
C LEU C 415 -12.01 -1.86 12.89
N GLY C 416 -11.93 -0.54 12.81
CA GLY C 416 -10.64 0.14 12.93
C GLY C 416 -9.92 -0.26 14.21
N LEU C 417 -10.48 0.09 15.36
CA LEU C 417 -9.91 -0.31 16.63
C LEU C 417 -9.55 -1.79 16.62
N PHE C 418 -10.53 -2.63 16.33
CA PHE C 418 -10.45 -4.03 16.72
C PHE C 418 -10.12 -5.02 15.60
N TRP C 419 -10.19 -4.57 14.36
CA TRP C 419 -9.95 -5.49 13.26
C TRP C 419 -8.83 -5.03 12.36
N LYS C 420 -7.67 -5.66 12.55
CA LYS C 420 -6.44 -5.31 11.83
C LYS C 420 -6.49 -5.56 10.32
N LYS C 421 -7.50 -6.26 9.83
CA LYS C 421 -7.67 -6.44 8.38
C LYS C 421 -8.33 -5.24 7.71
N THR C 422 -8.98 -4.40 8.49
CA THR C 422 -9.79 -3.32 7.92
C THR C 422 -8.91 -2.38 7.10
N THR C 423 -9.42 -1.92 5.97
CA THR C 423 -8.66 -1.06 5.07
C THR C 423 -9.35 0.28 4.81
N SER C 424 -8.56 1.29 4.49
CA SER C 424 -9.07 2.61 4.14
C SER C 424 -10.14 2.48 3.06
N LYS C 425 -9.86 1.63 2.07
CA LYS C 425 -10.78 1.36 0.95
C LYS C 425 -12.15 0.89 1.44
N GLY C 426 -12.14 -0.17 2.26
CA GLY C 426 -13.34 -0.71 2.87
C GLY C 426 -14.06 0.36 3.67
N ALA C 427 -13.35 0.92 4.65
CA ALA C 427 -13.88 2.01 5.47
C ALA C 427 -14.66 3.01 4.64
N ILE C 428 -13.99 3.56 3.65
CA ILE C 428 -14.58 4.57 2.79
C ILE C 428 -15.91 4.13 2.15
N ILE C 429 -15.89 3.01 1.42
CA ILE C 429 -17.09 2.48 0.78
C ILE C 429 -18.23 2.32 1.77
N GLY C 430 -17.97 1.55 2.82
CA GLY C 430 -18.99 1.20 3.79
C GLY C 430 -19.68 2.41 4.38
N VAL C 431 -18.89 3.36 4.87
CA VAL C 431 -19.44 4.52 5.57
C VAL C 431 -20.30 5.39 4.65
N VAL C 432 -19.87 5.51 3.39
CA VAL C 432 -20.65 6.21 2.38
C VAL C 432 -21.92 5.45 2.04
N ALA C 433 -21.77 4.16 1.78
CA ALA C 433 -22.89 3.32 1.41
C ALA C 433 -23.93 3.17 2.53
N SER C 434 -23.60 3.61 3.74
CA SER C 434 -24.54 3.62 4.89
C SER C 434 -25.72 4.56 4.67
N ILE C 435 -25.41 5.82 4.38
CA ILE C 435 -26.43 6.84 4.28
C ILE C 435 -27.64 6.41 3.43
N PRO C 436 -27.42 6.04 2.16
CA PRO C 436 -28.55 5.53 1.36
C PRO C 436 -29.35 4.48 2.10
N PHE C 437 -28.66 3.48 2.59
CA PHE C 437 -29.26 2.42 3.37
C PHE C 437 -30.07 2.96 4.57
N ALA C 438 -29.42 3.77 5.41
CA ALA C 438 -30.09 4.38 6.57
C ALA C 438 -31.32 5.17 6.19
N LEU C 439 -31.18 5.96 5.14
CA LEU C 439 -32.30 6.72 4.54
C LEU C 439 -33.35 5.82 3.95
N PHE C 440 -32.90 4.76 3.29
CA PHE C 440 -33.83 3.83 2.68
C PHE C 440 -34.78 3.27 3.71
N LEU C 441 -34.22 2.77 4.80
CA LEU C 441 -35.00 2.29 5.94
C LEU C 441 -35.80 3.40 6.61
N LYS C 442 -35.18 4.55 6.79
CA LYS C 442 -35.85 5.68 7.40
C LYS C 442 -37.11 6.12 6.61
N PHE C 443 -37.05 6.06 5.28
CA PHE C 443 -38.13 6.60 4.44
C PHE C 443 -38.76 5.55 3.55
N MET C 444 -39.04 4.40 4.15
CA MET C 444 -39.74 3.33 3.46
C MET C 444 -40.95 2.98 4.33
N PRO C 445 -42.03 2.44 3.72
CA PRO C 445 -43.20 2.00 4.50
C PRO C 445 -42.83 1.10 5.68
N LEU C 446 -42.24 -0.07 5.39
CA LEU C 446 -41.73 -0.99 6.43
C LEU C 446 -41.60 -0.30 7.79
N SER C 447 -42.66 -0.36 8.58
CA SER C 447 -42.69 0.39 9.83
C SER C 447 -41.71 -0.25 10.77
N MET C 448 -40.66 0.49 11.07
CA MET C 448 -39.55 -0.02 11.85
C MET C 448 -38.99 1.09 12.74
N PRO C 449 -38.89 0.83 14.03
CA PRO C 449 -38.35 1.84 14.94
C PRO C 449 -36.96 2.28 14.54
N PHE C 450 -36.58 3.50 14.91
CA PHE C 450 -35.29 3.99 14.47
C PHE C 450 -34.20 3.25 15.23
N MET C 451 -34.47 2.85 16.45
CA MET C 451 -33.49 2.06 17.19
C MET C 451 -33.25 0.70 16.54
N ASP C 452 -34.33 -0.10 16.34
CA ASP C 452 -34.34 -1.34 15.48
C ASP C 452 -33.68 -1.01 14.10
N GLN C 453 -33.95 0.19 13.60
CA GLN C 453 -33.40 0.64 12.32
C GLN C 453 -31.88 0.78 12.33
N MET C 454 -31.39 1.62 13.24
CA MET C 454 -29.99 2.07 13.17
C MET C 454 -29.00 1.00 13.62
N LEU C 455 -29.54 -0.09 14.15
CA LEU C 455 -28.76 -1.31 14.29
C LEU C 455 -28.47 -1.88 12.90
N TYR C 456 -29.52 -2.28 12.18
CA TYR C 456 -29.37 -2.88 10.85
C TYR C 456 -28.36 -2.11 10.00
N THR C 457 -28.41 -0.79 10.09
CA THR C 457 -27.44 0.07 9.39
C THR C 457 -26.00 -0.30 9.74
N LEU C 458 -25.63 -0.16 11.01
CA LEU C 458 -24.28 -0.49 11.41
C LEU C 458 -23.89 -1.87 10.90
N LEU C 459 -24.75 -2.85 11.12
CA LEU C 459 -24.50 -4.23 10.70
C LEU C 459 -24.23 -4.35 9.21
N PHE C 460 -25.05 -3.70 8.43
CA PHE C 460 -24.82 -3.63 7.00
C PHE C 460 -23.50 -2.95 6.70
N THR C 461 -23.28 -1.78 7.27
CA THR C 461 -22.03 -1.04 7.10
C THR C 461 -20.83 -1.99 7.31
N MET C 462 -20.81 -2.67 8.45
CA MET C 462 -19.74 -3.59 8.75
C MET C 462 -19.58 -4.68 7.70
N VAL C 463 -20.68 -5.30 7.34
CA VAL C 463 -20.63 -6.42 6.41
C VAL C 463 -20.11 -5.98 5.02
N VAL C 464 -20.35 -4.73 4.66
CA VAL C 464 -19.74 -4.16 3.46
C VAL C 464 -18.23 -4.04 3.63
N ILE C 465 -17.80 -3.11 4.48
CA ILE C 465 -16.37 -2.84 4.68
C ILE C 465 -15.56 -4.13 4.94
N ALA C 466 -16.19 -5.08 5.63
CA ALA C 466 -15.64 -6.43 5.80
C ALA C 466 -15.20 -7.01 4.46
N PHE C 467 -16.13 -7.33 3.58
CA PHE C 467 -15.79 -7.95 2.29
C PHE C 467 -14.97 -7.03 1.41
N THR C 468 -15.25 -5.74 1.46
CA THR C 468 -14.49 -4.76 0.70
C THR C 468 -13.02 -4.85 1.10
N SER C 469 -12.75 -4.61 2.38
CA SER C 469 -11.38 -4.65 2.89
C SER C 469 -10.77 -6.05 2.85
N LEU C 470 -11.61 -7.06 2.68
CA LEU C 470 -11.17 -8.44 2.58
C LEU C 470 -10.60 -8.72 1.20
N SER C 471 -11.18 -8.11 0.18
CA SER C 471 -10.74 -8.31 -1.19
C SER C 471 -9.82 -7.18 -1.68
N THR C 472 -9.47 -6.26 -0.79
CA THR C 472 -8.53 -5.19 -1.13
C THR C 472 -7.18 -5.31 -0.43
N SER C 473 -7.16 -5.90 0.77
CA SER C 473 -5.91 -6.10 1.50
C SER C 473 -4.99 -6.95 0.65
N ILE C 474 -4.02 -6.29 0.02
CA ILE C 474 -3.07 -6.94 -0.85
C ILE C 474 -2.43 -8.08 -0.07
N ASN C 475 -1.84 -7.71 1.07
CA ASN C 475 -1.34 -8.67 2.04
C ASN C 475 -2.42 -8.91 3.10
N ASP C 476 -2.05 -9.55 4.19
CA ASP C 476 -2.99 -9.75 5.27
C ASP C 476 -3.29 -8.43 5.97
N ASP C 477 -2.54 -8.12 7.02
CA ASP C 477 -2.89 -7.00 7.86
C ASP C 477 -2.61 -5.70 7.11
N ASP C 478 -3.62 -4.83 7.04
CA ASP C 478 -3.41 -3.47 6.59
C ASP C 478 -2.16 -2.99 7.34
N PRO C 479 -1.17 -2.48 6.63
CA PRO C 479 0.07 -2.11 7.33
C PRO C 479 -0.18 -1.05 8.40
N LYS C 480 -1.13 -0.16 8.10
CA LYS C 480 -1.58 0.87 9.02
C LYS C 480 -2.53 0.29 10.06
N GLY C 481 -2.63 -1.04 10.09
CA GLY C 481 -3.57 -1.76 10.93
C GLY C 481 -3.23 -1.65 12.40
N ILE C 482 -4.25 -1.83 13.24
CA ILE C 482 -4.12 -1.52 14.65
C ILE C 482 -3.33 -2.58 15.37
N SER C 483 -2.38 -2.08 16.14
CA SER C 483 -1.32 -2.88 16.73
C SER C 483 -1.84 -4.12 17.44
N VAL C 484 -1.20 -5.23 17.10
CA VAL C 484 -1.38 -6.49 17.79
C VAL C 484 -1.70 -6.28 19.29
N THR C 485 -2.98 -6.09 19.60
CA THR C 485 -3.40 -5.82 20.99
C THR C 485 -3.27 -7.10 21.82
N SER C 486 -2.90 -6.93 23.09
CA SER C 486 -2.65 -8.06 23.98
C SER C 486 -3.48 -7.95 25.23
N SER C 487 -3.24 -8.83 26.18
CA SER C 487 -3.82 -8.70 27.51
C SER C 487 -3.25 -7.46 28.21
N MET C 488 -3.66 -6.30 27.71
CA MET C 488 -3.26 -5.00 28.25
C MET C 488 -4.49 -4.25 28.75
N PHE C 489 -5.66 -4.87 28.61
CA PHE C 489 -6.92 -4.32 29.07
C PHE C 489 -7.00 -4.52 30.56
N VAL C 490 -6.50 -5.68 30.98
CA VAL C 490 -6.20 -5.98 32.38
C VAL C 490 -6.38 -4.76 33.28
N THR C 491 -7.57 -4.64 33.84
CA THR C 491 -7.92 -3.51 34.67
C THR C 491 -7.81 -3.89 36.14
N ASP C 492 -7.83 -2.87 37.00
CA ASP C 492 -7.47 -3.01 38.41
C ASP C 492 -8.63 -3.47 39.30
N ARG C 493 -8.30 -4.18 40.38
CA ARG C 493 -9.29 -4.66 41.34
C ARG C 493 -9.76 -3.50 42.22
N SER C 494 -10.75 -2.76 41.69
CA SER C 494 -11.24 -1.52 42.26
C SER C 494 -12.16 -0.88 41.22
N PHE C 495 -11.60 -0.64 40.04
CA PHE C 495 -12.41 -0.41 38.85
C PHE C 495 -13.30 -1.63 38.67
N ASN C 496 -12.68 -2.81 38.69
CA ASN C 496 -13.39 -4.07 38.55
C ASN C 496 -14.55 -4.19 39.52
N ILE C 497 -14.24 -4.19 40.81
CA ILE C 497 -15.25 -4.38 41.84
C ILE C 497 -16.40 -3.38 41.71
N ALA C 498 -16.07 -2.14 41.35
CA ALA C 498 -17.07 -1.10 41.15
C ALA C 498 -17.96 -1.45 39.96
N ALA C 499 -17.33 -1.80 38.86
CA ALA C 499 -18.03 -2.22 37.64
C ALA C 499 -19.12 -3.24 37.93
N TYR C 500 -18.83 -4.22 38.79
CA TYR C 500 -19.82 -5.22 39.17
C TYR C 500 -21.00 -4.60 39.89
N GLY C 501 -20.70 -3.93 40.99
CA GLY C 501 -21.72 -3.29 41.83
C GLY C 501 -22.71 -2.52 40.99
N ILE C 502 -22.19 -1.76 40.02
CA ILE C 502 -23.00 -1.07 39.03
C ILE C 502 -23.93 -2.03 38.32
N MET C 503 -23.36 -3.08 37.73
CA MET C 503 -24.14 -4.05 36.96
C MET C 503 -25.23 -4.70 37.81
N ILE C 504 -24.82 -5.23 38.97
CA ILE C 504 -25.76 -5.77 39.93
C ILE C 504 -26.90 -4.78 40.25
N VAL C 505 -26.56 -3.51 40.40
CA VAL C 505 -27.53 -2.46 40.71
C VAL C 505 -28.52 -2.25 39.58
N LEU C 506 -28.04 -2.32 38.35
CA LEU C 506 -28.93 -2.21 37.19
C LEU C 506 -29.71 -3.50 37.02
N ALA C 507 -28.99 -4.60 36.83
CA ALA C 507 -29.61 -5.92 36.74
C ALA C 507 -30.87 -6.03 37.63
N VAL C 508 -30.65 -5.84 38.94
CA VAL C 508 -31.74 -5.91 39.92
C VAL C 508 -32.93 -5.01 39.53
N LEU C 509 -32.66 -3.75 39.21
CA LEU C 509 -33.74 -2.79 39.00
C LEU C 509 -34.51 -3.12 37.71
N TYR C 510 -33.79 -3.56 36.68
CA TYR C 510 -34.42 -3.95 35.43
C TYR C 510 -35.32 -5.14 35.62
N THR C 511 -34.86 -6.08 36.43
CA THR C 511 -35.72 -7.16 36.86
C THR C 511 -36.84 -6.61 37.74
N LEU C 512 -36.47 -5.80 38.72
CA LEU C 512 -37.43 -5.20 39.68
C LEU C 512 -38.68 -4.69 38.98
N PHE C 513 -38.49 -4.00 37.86
CA PHE C 513 -39.63 -3.48 37.11
C PHE C 513 -40.29 -4.54 36.30
N TRP C 514 -39.60 -5.15 35.34
CA TRP C 514 -40.19 -6.26 34.60
C TRP C 514 -41.03 -7.18 35.49
N VAL C 515 -40.53 -7.46 36.70
CA VAL C 515 -41.22 -8.38 37.63
C VAL C 515 -42.51 -7.79 38.24
N LEU C 516 -42.72 -6.49 38.07
CA LEU C 516 -44.02 -5.85 38.36
C LEU C 516 -45.05 -6.06 37.24
N TYR C 517 -44.53 -6.34 36.03
CA TYR C 517 -45.38 -6.55 34.84
C TYR C 517 -45.10 -7.94 34.21
N LYS C 518 -45.51 -8.99 34.93
CA LYS C 518 -45.38 -10.41 34.51
C LYS C 518 -45.10 -11.33 35.70
N UNK D 1 -51.47 -50.52 -11.44
CA UNK D 1 -50.66 -51.56 -12.13
C UNK D 1 -49.45 -50.91 -12.80
N UNK D 2 -49.71 -49.93 -13.65
CA UNK D 2 -48.65 -49.15 -14.29
C UNK D 2 -47.84 -48.42 -13.23
N UNK D 3 -48.55 -47.71 -12.36
CA UNK D 3 -47.95 -47.03 -11.20
C UNK D 3 -47.15 -48.01 -10.35
N UNK D 4 -47.71 -49.21 -10.15
CA UNK D 4 -47.04 -50.26 -9.40
C UNK D 4 -45.78 -50.74 -10.13
N UNK D 5 -45.95 -51.09 -11.40
CA UNK D 5 -44.86 -51.63 -12.22
C UNK D 5 -43.74 -50.62 -12.42
N UNK D 6 -44.11 -49.36 -12.66
CA UNK D 6 -43.15 -48.29 -12.86
C UNK D 6 -42.34 -48.06 -11.58
N UNK D 7 -43.05 -47.86 -10.47
CA UNK D 7 -42.42 -47.61 -9.16
C UNK D 7 -41.53 -48.76 -8.73
N UNK D 8 -41.96 -49.98 -9.04
CA UNK D 8 -41.16 -51.18 -8.78
C UNK D 8 -39.95 -51.25 -9.70
N UNK D 9 -40.19 -51.11 -11.00
CA UNK D 9 -39.13 -51.15 -12.01
C UNK D 9 -38.09 -50.07 -11.77
N UNK D 10 -38.54 -48.88 -11.40
CA UNK D 10 -37.65 -47.76 -11.07
C UNK D 10 -36.92 -48.02 -9.75
N UNK D 11 -37.67 -48.50 -8.75
CA UNK D 11 -37.13 -48.86 -7.44
C UNK D 11 -36.08 -49.95 -7.56
N UNK D 12 -36.47 -51.06 -8.20
CA UNK D 12 -35.56 -52.18 -8.47
C UNK D 12 -34.36 -51.75 -9.31
N UNK D 13 -34.62 -50.90 -10.32
CA UNK D 13 -33.57 -50.39 -11.21
C UNK D 13 -32.63 -49.41 -10.51
N UNK D 14 -33.20 -48.51 -9.70
CA UNK D 14 -32.41 -47.55 -8.93
C UNK D 14 -31.64 -48.26 -7.82
N UNK D 15 -32.31 -49.22 -7.17
CA UNK D 15 -31.71 -50.04 -6.12
C UNK D 15 -30.52 -50.83 -6.67
N UNK D 16 -30.80 -51.69 -7.66
CA UNK D 16 -29.80 -52.61 -8.23
C UNK D 16 -28.65 -51.92 -8.98
N UNK D 17 -28.90 -50.71 -9.50
CA UNK D 17 -27.88 -49.94 -10.22
C UNK D 17 -27.25 -48.89 -9.31
N ALA D 18 -12.94 -39.96 -3.65
CA ALA D 18 -12.54 -39.91 -5.05
C ALA D 18 -13.30 -38.82 -5.82
N GLY D 19 -13.06 -38.76 -7.14
CA GLY D 19 -13.76 -37.82 -8.03
C GLY D 19 -13.01 -37.57 -9.33
N LYS D 20 -13.58 -38.00 -10.45
CA LYS D 20 -13.00 -37.77 -11.79
C LYS D 20 -13.20 -36.32 -12.27
N SER D 21 -12.52 -35.38 -11.61
CA SER D 21 -12.53 -33.96 -12.00
C SER D 21 -13.95 -33.43 -12.26
N LEU D 22 -14.78 -33.43 -11.22
CA LEU D 22 -16.16 -33.00 -11.38
C LEU D 22 -16.15 -31.57 -11.97
N PRO D 23 -16.88 -31.35 -13.09
CA PRO D 23 -16.86 -30.04 -13.75
C PRO D 23 -18.08 -29.13 -13.55
N TRP D 24 -17.91 -27.88 -13.99
CA TRP D 24 -19.00 -26.96 -14.33
C TRP D 24 -20.33 -27.34 -13.69
N TRP D 25 -21.06 -28.24 -14.34
CA TRP D 25 -22.45 -28.52 -13.97
C TRP D 25 -22.54 -29.62 -12.94
N ALA D 26 -21.88 -30.74 -13.21
CA ALA D 26 -21.98 -31.92 -12.34
C ALA D 26 -21.67 -31.58 -10.89
N VAL D 27 -20.82 -30.58 -10.68
CA VAL D 27 -20.50 -30.10 -9.35
C VAL D 27 -21.76 -29.59 -8.65
N GLY D 28 -22.29 -28.46 -9.11
CA GLY D 28 -23.46 -27.83 -8.50
C GLY D 28 -24.65 -28.76 -8.33
N ALA D 29 -24.88 -29.63 -9.33
CA ALA D 29 -25.97 -30.59 -9.27
C ALA D 29 -25.94 -31.44 -7.99
N SER D 30 -24.77 -32.00 -7.68
CA SER D 30 -24.61 -32.90 -6.52
C SER D 30 -24.94 -32.24 -5.18
N LEU D 31 -24.70 -30.94 -5.08
CA LEU D 31 -24.95 -30.20 -3.82
C LEU D 31 -26.43 -29.92 -3.68
N ILE D 32 -27.02 -29.47 -4.79
CA ILE D 32 -28.45 -29.28 -4.89
C ILE D 32 -29.12 -30.62 -4.64
N ALA D 33 -28.64 -31.66 -5.33
CA ALA D 33 -29.14 -33.01 -5.13
C ALA D 33 -29.07 -33.42 -3.67
N ALA D 34 -27.91 -33.22 -3.04
CA ALA D 34 -27.75 -33.51 -1.62
C ALA D 34 -28.59 -32.59 -0.73
N ASN D 35 -28.75 -31.33 -1.16
CA ASN D 35 -29.63 -30.35 -0.49
C ASN D 35 -31.12 -30.75 -0.44
N ILE D 36 -31.62 -31.21 -1.57
CA ILE D 36 -33.04 -31.53 -1.76
C ILE D 36 -33.49 -32.79 -1.04
N SER D 37 -34.69 -32.71 -0.47
CA SER D 37 -35.23 -33.77 0.39
C SER D 37 -36.76 -33.63 0.51
N ALA D 38 -37.30 -34.17 1.59
CA ALA D 38 -38.71 -34.05 1.91
C ALA D 38 -38.99 -32.62 2.36
N GLU D 39 -38.24 -32.17 3.39
CA GLU D 39 -38.40 -30.81 3.95
C GLU D 39 -38.69 -29.77 2.85
N GLN D 40 -38.03 -29.97 1.72
CA GLN D 40 -38.12 -29.06 0.59
C GLN D 40 -39.39 -29.34 -0.19
N PHE D 41 -39.54 -30.58 -0.64
CA PHE D 41 -40.64 -30.95 -1.55
C PHE D 41 -42.02 -31.03 -0.90
N ILE D 42 -42.06 -31.27 0.40
CA ILE D 42 -43.31 -31.43 1.13
C ILE D 42 -43.46 -30.30 2.12
N GLY D 43 -42.48 -30.18 3.03
CA GLY D 43 -42.53 -29.19 4.10
C GLY D 43 -42.71 -27.80 3.56
N MET D 44 -41.93 -27.51 2.51
CA MET D 44 -41.90 -26.19 1.89
C MET D 44 -43.08 -25.94 0.96
N SER D 45 -43.39 -26.94 0.14
CA SER D 45 -44.64 -26.91 -0.63
C SER D 45 -45.81 -26.70 0.32
N GLY D 46 -45.79 -27.45 1.42
CA GLY D 46 -46.81 -27.37 2.46
C GLY D 46 -46.82 -26.06 3.22
N SER D 47 -45.69 -25.36 3.21
CA SER D 47 -45.62 -24.01 3.78
C SER D 47 -46.13 -23.00 2.75
N GLY D 48 -45.85 -23.27 1.46
CA GLY D 48 -46.38 -22.46 0.35
C GLY D 48 -47.91 -22.46 0.32
N TYR D 49 -48.48 -23.53 0.84
CA TYR D 49 -49.90 -23.59 1.08
C TYR D 49 -50.28 -22.47 2.01
N SER D 50 -49.64 -22.46 3.18
CA SER D 50 -50.07 -21.61 4.29
C SER D 50 -49.66 -20.15 4.15
N ILE D 51 -48.52 -19.89 3.53
CA ILE D 51 -48.05 -18.51 3.36
C ILE D 51 -48.02 -18.11 1.91
N GLY D 52 -47.35 -18.94 1.11
CA GLY D 52 -47.24 -18.71 -0.32
C GLY D 52 -45.83 -18.34 -0.76
N LEU D 53 -45.76 -17.53 -1.81
CA LEU D 53 -44.51 -17.20 -2.49
C LEU D 53 -43.49 -16.60 -1.54
N ALA D 54 -43.95 -15.82 -0.56
CA ALA D 54 -43.11 -15.17 0.44
C ALA D 54 -41.99 -16.05 0.94
N ILE D 55 -42.26 -17.36 0.99
CA ILE D 55 -41.27 -18.34 1.46
C ILE D 55 -40.18 -18.72 0.42
N ALA D 56 -40.44 -18.40 -0.85
CA ALA D 56 -39.44 -18.59 -1.92
C ALA D 56 -38.14 -17.83 -1.64
N SER D 57 -38.21 -16.89 -0.70
CA SER D 57 -37.03 -16.19 -0.18
C SER D 57 -35.99 -17.14 0.41
N TYR D 58 -36.43 -18.18 1.13
CA TYR D 58 -35.47 -19.18 1.63
C TYR D 58 -34.57 -19.68 0.49
N GLU D 59 -35.16 -19.96 -0.67
CA GLU D 59 -34.36 -20.38 -1.83
C GLU D 59 -33.61 -19.21 -2.45
N TRP D 60 -34.29 -18.10 -2.65
CA TRP D 60 -33.68 -16.97 -3.37
C TRP D 60 -32.63 -16.16 -2.61
N MET D 61 -32.70 -16.11 -1.29
CA MET D 61 -31.61 -15.53 -0.50
C MET D 61 -30.51 -16.56 -0.23
N SER D 62 -30.82 -17.83 -0.48
CA SER D 62 -29.80 -18.87 -0.46
C SER D 62 -28.98 -18.80 -1.74
N ALA D 63 -29.63 -18.42 -2.85
CA ALA D 63 -28.94 -18.28 -4.12
C ALA D 63 -27.86 -17.21 -4.04
N ILE D 64 -28.17 -16.11 -3.37
CA ILE D 64 -27.20 -15.04 -3.21
C ILE D 64 -26.18 -15.41 -2.13
N THR D 65 -26.63 -16.08 -1.09
CA THR D 65 -25.69 -16.57 -0.10
C THR D 65 -24.57 -17.31 -0.83
N LEU D 66 -24.93 -18.23 -1.73
CA LEU D 66 -23.96 -19.13 -2.37
C LEU D 66 -22.82 -18.37 -3.04
N ILE D 67 -23.18 -17.32 -3.78
CA ILE D 67 -22.18 -16.43 -4.34
C ILE D 67 -21.17 -16.01 -3.28
N ILE D 68 -21.66 -15.62 -2.11
CA ILE D 68 -20.78 -15.13 -1.05
C ILE D 68 -19.91 -16.24 -0.49
N VAL D 69 -20.53 -17.32 -0.06
CA VAL D 69 -19.74 -18.48 0.37
C VAL D 69 -18.77 -18.90 -0.76
N GLY D 70 -19.29 -18.86 -1.98
CA GLY D 70 -18.51 -19.15 -3.17
C GLY D 70 -17.22 -18.34 -3.23
N LYS D 71 -17.37 -17.02 -3.34
CA LYS D 71 -16.21 -16.13 -3.44
C LYS D 71 -15.33 -16.08 -2.18
N TYR D 72 -15.91 -16.20 -1.00
CA TYR D 72 -15.18 -15.86 0.23
C TYR D 72 -14.90 -16.98 1.18
N PHE D 73 -15.65 -18.08 1.13
CA PHE D 73 -15.55 -19.09 2.18
C PHE D 73 -14.70 -20.26 1.73
N LEU D 74 -15.13 -20.92 0.67
CA LEU D 74 -14.40 -22.09 0.15
C LEU D 74 -12.91 -21.86 -0.01
N PRO D 75 -12.53 -20.82 -0.76
CA PRO D 75 -11.11 -20.58 -0.96
C PRO D 75 -10.29 -20.75 0.32
N ILE D 76 -10.85 -20.39 1.47
CA ILE D 76 -10.15 -20.55 2.73
C ILE D 76 -10.08 -22.01 3.13
N PHE D 77 -11.23 -22.66 3.15
CA PHE D 77 -11.31 -24.08 3.50
C PHE D 77 -10.43 -24.94 2.62
N ILE D 78 -10.41 -24.61 1.34
CA ILE D 78 -9.67 -25.42 0.38
C ILE D 78 -8.18 -25.15 0.50
N GLU D 79 -7.79 -23.87 0.50
CA GLU D 79 -6.36 -23.51 0.52
C GLU D 79 -5.80 -24.04 1.82
N LYS D 80 -6.35 -23.58 2.94
CA LYS D 80 -5.90 -24.07 4.23
C LYS D 80 -6.56 -25.41 4.48
N GLY D 81 -5.96 -26.44 3.87
CA GLY D 81 -6.57 -27.75 3.62
C GLY D 81 -7.50 -28.34 4.65
N ILE D 82 -8.73 -27.82 4.68
CA ILE D 82 -9.83 -28.44 5.42
C ILE D 82 -10.58 -29.36 4.46
N TYR D 83 -11.26 -30.37 5.00
CA TYR D 83 -11.97 -31.37 4.19
C TYR D 83 -13.36 -31.72 4.74
N THR D 84 -13.43 -31.90 6.06
CA THR D 84 -14.71 -31.97 6.76
C THR D 84 -14.78 -30.81 7.75
N ILE D 85 -15.99 -30.47 8.17
CA ILE D 85 -16.18 -29.30 9.04
C ILE D 85 -15.65 -29.50 10.46
N PRO D 86 -15.96 -30.65 11.09
CA PRO D 86 -15.27 -30.99 12.33
C PRO D 86 -13.76 -30.72 12.28
N GLU D 87 -13.14 -31.03 11.15
CA GLU D 87 -11.72 -30.78 10.96
C GLU D 87 -11.46 -29.30 11.14
N PHE D 88 -12.26 -28.47 10.49
CA PHE D 88 -12.12 -27.03 10.63
C PHE D 88 -12.15 -26.59 12.09
N VAL D 89 -12.95 -27.29 12.90
CA VAL D 89 -13.05 -26.96 14.31
C VAL D 89 -11.79 -27.36 15.06
N GLU D 90 -11.43 -28.64 14.97
CA GLU D 90 -10.23 -29.15 15.65
C GLU D 90 -9.04 -28.30 15.24
N LYS D 91 -8.96 -27.99 13.95
CA LYS D 91 -7.86 -27.22 13.41
C LYS D 91 -7.86 -25.78 13.90
N ARG D 92 -9.01 -25.12 13.91
CA ARG D 92 -9.05 -23.70 14.29
C ARG D 92 -9.01 -23.50 15.81
N PHE D 93 -9.50 -24.48 16.54
CA PHE D 93 -9.64 -24.31 17.97
C PHE D 93 -9.16 -25.49 18.80
N ASN D 94 -9.99 -26.51 18.90
CA ASN D 94 -10.00 -27.32 20.11
C ASN D 94 -10.78 -28.63 19.94
N LYS D 95 -10.30 -29.68 20.61
CA LYS D 95 -10.98 -30.98 20.64
C LYS D 95 -12.27 -30.92 21.47
N LYS D 96 -12.18 -30.22 22.60
CA LYS D 96 -13.31 -30.06 23.51
C LYS D 96 -14.45 -29.36 22.79
N LEU D 97 -14.15 -28.16 22.28
CA LEU D 97 -15.11 -27.39 21.49
C LEU D 97 -15.74 -28.23 20.39
N LYS D 98 -14.93 -28.99 19.68
CA LYS D 98 -15.42 -29.87 18.64
C LYS D 98 -16.42 -30.87 19.20
N THR D 99 -16.13 -31.43 20.36
CA THR D 99 -16.99 -32.42 20.99
C THR D 99 -18.32 -31.81 21.42
N ILE D 100 -18.29 -30.61 21.98
CA ILE D 100 -19.51 -29.86 22.31
C ILE D 100 -20.46 -29.76 21.12
N LEU D 101 -19.93 -29.28 20.00
CA LEU D 101 -20.72 -29.14 18.79
C LEU D 101 -21.27 -30.49 18.38
N ALA D 102 -20.40 -31.50 18.43
CA ALA D 102 -20.82 -32.88 18.19
C ALA D 102 -22.12 -33.16 18.94
N VAL D 103 -22.18 -32.75 20.21
CA VAL D 103 -23.39 -32.94 21.03
C VAL D 103 -24.59 -32.19 20.46
N PHE D 104 -24.40 -30.91 20.14
CA PHE D 104 -25.49 -30.13 19.56
C PHE D 104 -25.94 -30.74 18.26
N TRP D 105 -25.00 -31.05 17.40
CA TRP D 105 -25.33 -31.65 16.12
C TRP D 105 -26.17 -32.90 16.30
N ILE D 106 -25.62 -33.92 16.96
CA ILE D 106 -26.36 -35.19 17.12
C ILE D 106 -27.78 -34.92 17.65
N SER D 107 -27.88 -34.09 18.70
CA SER D 107 -29.17 -33.70 19.25
C SER D 107 -30.10 -33.23 18.15
N LEU D 108 -29.58 -32.32 17.35
CA LEU D 108 -30.33 -31.68 16.29
C LEU D 108 -30.74 -32.65 15.17
N TYR D 109 -29.81 -33.52 14.77
CA TYR D 109 -30.10 -34.43 13.67
C TYR D 109 -31.23 -35.36 14.05
N ILE D 110 -31.19 -35.85 15.28
CA ILE D 110 -32.23 -36.76 15.78
C ILE D 110 -33.57 -36.04 15.87
N PHE D 111 -33.62 -35.01 16.71
CA PHE D 111 -34.88 -34.44 17.17
C PHE D 111 -35.64 -33.61 16.15
N VAL D 112 -34.94 -33.04 15.18
CA VAL D 112 -35.62 -32.38 14.07
C VAL D 112 -35.38 -33.14 12.76
N ASN D 113 -34.18 -33.03 12.21
CA ASN D 113 -33.94 -33.42 10.82
C ASN D 113 -34.52 -34.78 10.44
N LEU D 114 -34.15 -35.80 11.21
CA LEU D 114 -34.67 -37.15 10.98
C LEU D 114 -36.18 -37.19 11.26
N THR D 115 -36.54 -36.81 12.48
CA THR D 115 -37.93 -36.76 12.90
C THR D 115 -38.79 -36.13 11.82
N SER D 116 -38.42 -34.91 11.45
CA SER D 116 -39.15 -34.13 10.46
C SER D 116 -39.31 -34.91 9.16
N VAL D 117 -38.20 -35.39 8.64
CA VAL D 117 -38.20 -36.08 7.37
C VAL D 117 -38.92 -37.41 7.47
N LEU D 118 -38.78 -38.10 8.60
CA LEU D 118 -39.54 -39.32 8.88
C LEU D 118 -41.03 -39.04 8.80
N TYR D 119 -41.45 -37.95 9.44
CA TYR D 119 -42.84 -37.53 9.42
C TYR D 119 -43.25 -37.10 8.01
N LEU D 120 -42.57 -36.09 7.49
CA LEU D 120 -42.86 -35.54 6.17
C LEU D 120 -42.91 -36.63 5.12
N GLY D 121 -42.01 -37.59 5.24
CA GLY D 121 -42.01 -38.74 4.35
C GLY D 121 -43.28 -39.57 4.53
N GLY D 122 -43.58 -39.90 5.78
CA GLY D 122 -44.76 -40.71 6.09
C GLY D 122 -46.02 -40.12 5.49
N LEU D 123 -46.24 -38.83 5.74
CA LEU D 123 -47.37 -38.09 5.16
C LEU D 123 -47.56 -38.38 3.68
N ALA D 124 -46.46 -38.31 2.93
CA ALA D 124 -46.48 -38.52 1.49
C ALA D 124 -47.04 -39.87 1.10
N LEU D 125 -46.67 -40.89 1.86
CA LEU D 125 -47.10 -42.27 1.60
C LEU D 125 -48.56 -42.45 1.97
N GLU D 126 -48.88 -42.09 3.21
CA GLU D 126 -50.26 -42.07 3.68
C GLU D 126 -51.19 -41.41 2.65
N THR D 127 -50.72 -40.30 2.09
CA THR D 127 -51.51 -39.49 1.18
C THR D 127 -51.52 -40.05 -0.24
N ILE D 128 -50.35 -40.19 -0.83
CA ILE D 128 -50.22 -40.63 -2.22
C ILE D 128 -50.67 -42.09 -2.39
N LEU D 129 -50.35 -42.92 -1.39
CA LEU D 129 -50.86 -44.27 -1.31
C LEU D 129 -51.97 -44.30 -0.26
N GLY D 130 -52.54 -45.47 -0.01
CA GLY D 130 -53.56 -45.62 1.03
C GLY D 130 -52.97 -46.30 2.26
N ILE D 131 -52.24 -45.52 3.06
CA ILE D 131 -51.44 -46.06 4.18
C ILE D 131 -51.62 -45.23 5.46
N PRO D 132 -51.38 -45.84 6.64
CA PRO D 132 -51.29 -45.09 7.90
C PRO D 132 -49.87 -44.65 8.26
N LEU D 133 -49.78 -43.56 9.02
CA LEU D 133 -48.51 -42.88 9.25
C LEU D 133 -47.48 -43.72 10.00
N MET D 134 -47.87 -44.28 11.14
CA MET D 134 -46.90 -44.97 11.97
C MET D 134 -46.27 -46.13 11.21
N TYR D 135 -47.09 -46.85 10.44
CA TYR D 135 -46.60 -47.90 9.56
C TYR D 135 -45.71 -47.32 8.46
N SER D 136 -46.09 -46.15 7.93
CA SER D 136 -45.29 -45.47 6.91
C SER D 136 -43.91 -45.09 7.40
N ILE D 137 -43.84 -44.44 8.55
CA ILE D 137 -42.55 -43.98 9.09
C ILE D 137 -41.63 -45.17 9.43
N LEU D 138 -42.23 -46.30 9.76
CA LEU D 138 -41.48 -47.54 10.02
C LEU D 138 -41.17 -48.26 8.70
N GLY D 139 -42.11 -48.22 7.77
CA GLY D 139 -41.87 -48.66 6.40
C GLY D 139 -40.74 -47.85 5.77
N LEU D 140 -40.59 -46.61 6.22
CA LEU D 140 -39.44 -45.77 5.88
C LEU D 140 -38.22 -46.12 6.73
N ALA D 141 -38.44 -46.26 8.03
CA ALA D 141 -37.35 -46.52 9.00
C ALA D 141 -36.62 -47.81 8.68
N LEU D 142 -37.37 -48.89 8.50
CA LEU D 142 -36.81 -50.18 8.07
C LEU D 142 -35.94 -50.04 6.82
N PHE D 143 -36.40 -49.23 5.88
CA PHE D 143 -35.73 -49.06 4.60
C PHE D 143 -34.48 -48.21 4.70
N ALA D 144 -34.55 -47.13 5.50
CA ALA D 144 -33.39 -46.28 5.75
C ALA D 144 -32.22 -47.06 6.37
N LEU D 145 -32.53 -48.05 7.18
CA LEU D 145 -31.52 -48.95 7.77
C LEU D 145 -30.82 -49.77 6.69
N VAL D 146 -31.61 -50.53 5.95
CA VAL D 146 -31.11 -51.49 4.97
C VAL D 146 -30.20 -50.84 3.94
N TYR D 147 -30.56 -49.65 3.47
CA TYR D 147 -29.77 -48.90 2.49
C TYR D 147 -28.42 -48.43 3.06
N SER D 148 -28.29 -48.42 4.39
CA SER D 148 -27.00 -48.15 5.04
C SER D 148 -26.14 -49.42 5.14
N ILE D 149 -26.76 -50.50 5.61
CA ILE D 149 -26.07 -51.78 5.81
C ILE D 149 -26.39 -52.74 4.67
N VAL D 156 -21.64 -42.72 -5.07
CA VAL D 156 -22.32 -41.71 -4.25
C VAL D 156 -23.01 -40.58 -5.04
N VAL D 157 -22.65 -40.43 -6.33
CA VAL D 157 -23.26 -39.39 -7.19
C VAL D 157 -23.75 -39.87 -8.58
N TRP D 158 -23.73 -41.18 -8.81
CA TRP D 158 -24.54 -41.80 -9.87
C TRP D 158 -26.02 -41.58 -9.53
N THR D 159 -26.33 -41.77 -8.24
CA THR D 159 -27.69 -41.65 -7.72
C THR D 159 -28.13 -40.18 -7.60
N ASP D 160 -27.22 -39.31 -7.18
CA ASP D 160 -27.53 -37.88 -6.99
C ASP D 160 -27.70 -37.08 -8.30
N VAL D 161 -27.65 -37.76 -9.45
CA VAL D 161 -27.98 -37.14 -10.75
C VAL D 161 -29.33 -37.64 -11.28
N ILE D 162 -29.47 -38.97 -11.34
CA ILE D 162 -30.70 -39.61 -11.83
C ILE D 162 -31.96 -39.19 -11.05
N GLN D 163 -31.79 -38.88 -9.76
CA GLN D 163 -32.88 -38.39 -8.92
C GLN D 163 -33.26 -36.94 -9.27
N VAL D 164 -32.26 -36.10 -9.51
CA VAL D 164 -32.51 -34.68 -9.82
C VAL D 164 -33.36 -34.50 -11.08
N PHE D 165 -33.04 -35.25 -12.13
CA PHE D 165 -33.88 -35.27 -13.33
C PHE D 165 -35.29 -35.77 -13.00
N PHE D 166 -35.35 -36.93 -12.34
CA PHE D 166 -36.61 -37.56 -11.92
C PHE D 166 -37.56 -36.53 -11.29
N LEU D 167 -37.06 -35.86 -10.26
CA LEU D 167 -37.88 -35.02 -9.38
C LEU D 167 -38.12 -33.60 -9.91
N VAL D 168 -37.17 -33.08 -10.69
CA VAL D 168 -37.39 -31.79 -11.34
C VAL D 168 -38.52 -31.89 -12.35
N LEU D 169 -38.52 -32.97 -13.14
CA LEU D 169 -39.64 -33.26 -14.04
C LEU D 169 -40.91 -33.57 -13.23
N GLY D 170 -40.74 -34.30 -12.13
CA GLY D 170 -41.85 -34.62 -11.22
C GLY D 170 -42.55 -33.39 -10.66
N GLY D 171 -41.78 -32.55 -9.96
CA GLY D 171 -42.29 -31.30 -9.38
C GLY D 171 -42.93 -30.40 -10.42
N PHE D 172 -42.33 -30.37 -11.60
CA PHE D 172 -42.86 -29.62 -12.75
C PHE D 172 -44.14 -30.26 -13.30
N MET D 173 -44.17 -31.59 -13.37
CA MET D 173 -45.36 -32.29 -13.88
C MET D 173 -46.58 -31.97 -13.04
N THR D 174 -46.49 -32.29 -11.76
CA THR D 174 -47.51 -31.92 -10.77
C THR D 174 -47.90 -30.46 -10.93
N THR D 175 -46.92 -29.57 -10.76
CA THR D 175 -47.18 -28.13 -10.77
C THR D 175 -47.83 -27.70 -12.11
N TYR D 176 -47.34 -28.22 -13.21
CA TYR D 176 -47.88 -27.86 -14.52
C TYR D 176 -49.36 -28.20 -14.58
N MET D 177 -49.68 -29.46 -14.35
CA MET D 177 -51.05 -29.96 -14.49
C MET D 177 -52.01 -29.32 -13.49
N ALA D 178 -51.50 -28.96 -12.31
CA ALA D 178 -52.30 -28.29 -11.29
C ALA D 178 -52.80 -26.96 -11.83
N VAL D 179 -51.89 -26.15 -12.33
CA VAL D 179 -52.25 -24.85 -12.91
C VAL D 179 -53.08 -25.03 -14.19
N SER D 180 -52.80 -26.09 -14.94
CA SER D 180 -53.60 -26.43 -16.13
C SER D 180 -55.08 -26.59 -15.77
N PHE D 181 -55.33 -27.13 -14.58
CA PHE D 181 -56.69 -27.37 -14.09
C PHE D 181 -57.42 -26.06 -13.77
N ILE D 182 -56.73 -25.17 -13.06
CA ILE D 182 -57.32 -23.90 -12.66
C ILE D 182 -57.75 -23.07 -13.87
N GLY D 183 -56.86 -22.94 -14.84
CA GLY D 183 -57.16 -22.22 -16.08
C GLY D 183 -58.24 -22.90 -16.91
N GLY D 184 -58.25 -24.24 -16.87
CA GLY D 184 -59.28 -25.03 -17.53
C GLY D 184 -59.29 -24.84 -19.03
N THR D 185 -60.22 -24.01 -19.49
CA THR D 185 -60.44 -23.80 -20.93
C THR D 185 -59.82 -22.51 -21.48
N ASP D 186 -59.34 -21.62 -20.61
CA ASP D 186 -58.73 -20.35 -21.03
C ASP D 186 -57.20 -20.42 -21.09
N GLY D 187 -56.65 -21.63 -21.00
CA GLY D 187 -55.21 -21.85 -21.15
C GLY D 187 -54.47 -22.02 -19.84
N TRP D 188 -53.22 -22.45 -19.93
CA TRP D 188 -52.39 -22.72 -18.75
C TRP D 188 -52.07 -21.46 -17.96
N PHE D 189 -51.56 -20.44 -18.66
CA PHE D 189 -51.16 -19.17 -18.03
C PHE D 189 -52.35 -18.46 -17.39
N ALA D 190 -53.48 -18.44 -18.07
CA ALA D 190 -54.71 -17.87 -17.52
C ALA D 190 -54.96 -18.41 -16.11
N GLY D 191 -54.75 -19.71 -15.93
CA GLY D 191 -54.87 -20.36 -14.62
C GLY D 191 -53.94 -19.75 -13.59
N VAL D 192 -52.73 -19.42 -14.02
CA VAL D 192 -51.77 -18.68 -13.19
C VAL D 192 -52.39 -17.36 -12.76
N SER D 193 -52.82 -16.58 -13.76
CA SER D 193 -53.41 -15.27 -13.53
C SER D 193 -54.62 -15.38 -12.61
N LYS D 194 -55.40 -16.45 -12.76
CA LYS D 194 -56.57 -16.67 -11.93
C LYS D 194 -56.17 -16.93 -10.48
N MET D 195 -55.23 -17.85 -10.27
CA MET D 195 -54.86 -18.21 -8.90
C MET D 195 -54.22 -17.02 -8.19
N VAL D 196 -53.56 -16.14 -8.92
CA VAL D 196 -53.03 -14.92 -8.31
C VAL D 196 -54.15 -13.92 -8.01
N ASP D 197 -55.19 -13.92 -8.84
CA ASP D 197 -56.39 -13.11 -8.60
C ASP D 197 -57.14 -13.62 -7.38
N ALA D 198 -57.29 -14.94 -7.30
CA ALA D 198 -58.08 -15.60 -6.26
C ALA D 198 -57.33 -15.72 -4.93
N ALA D 199 -56.02 -15.62 -4.96
CA ALA D 199 -55.22 -15.77 -3.75
C ALA D 199 -54.02 -14.84 -3.78
N PRO D 200 -54.28 -13.52 -3.81
CA PRO D 200 -53.24 -12.52 -3.96
C PRO D 200 -52.39 -12.40 -2.71
N GLY D 201 -52.94 -12.86 -1.58
CA GLY D 201 -52.18 -12.95 -0.35
C GLY D 201 -50.92 -13.77 -0.49
N HIS D 202 -50.96 -14.74 -1.40
CA HIS D 202 -49.88 -15.68 -1.55
C HIS D 202 -48.80 -15.21 -2.51
N PHE D 203 -48.87 -13.95 -2.94
CA PHE D 203 -47.84 -13.39 -3.82
C PHE D 203 -47.17 -12.13 -3.27
N GLU D 204 -47.65 -11.65 -2.13
CA GLU D 204 -46.87 -10.73 -1.28
C GLU D 204 -45.61 -11.46 -0.85
N MET D 205 -44.45 -10.81 -1.05
CA MET D 205 -43.14 -11.40 -0.70
C MET D 205 -42.61 -10.94 0.66
N ILE D 206 -43.13 -9.81 1.12
CA ILE D 206 -42.58 -9.10 2.26
C ILE D 206 -43.74 -8.80 3.17
N LEU D 207 -43.80 -9.49 4.31
CA LEU D 207 -45.03 -9.52 5.11
C LEU D 207 -45.23 -8.30 6.00
N ASP D 208 -46.49 -7.98 6.20
CA ASP D 208 -46.88 -6.91 7.09
C ASP D 208 -47.03 -7.50 8.48
N GLN D 209 -46.97 -6.64 9.48
CA GLN D 209 -47.32 -7.04 10.85
C GLN D 209 -48.75 -7.60 10.91
N SER D 210 -49.64 -6.99 10.14
CA SER D 210 -51.03 -7.42 10.02
C SER D 210 -51.12 -8.91 9.69
N ASN D 211 -50.33 -9.36 8.70
CA ASN D 211 -50.28 -10.78 8.37
C ASN D 211 -49.92 -11.59 9.62
N PRO D 212 -50.68 -12.67 9.88
CA PRO D 212 -50.40 -13.52 11.05
C PRO D 212 -49.15 -14.40 10.86
N GLN D 213 -48.96 -14.90 9.64
CA GLN D 213 -47.75 -15.65 9.28
C GLN D 213 -46.47 -14.85 9.44
N TYR D 214 -46.59 -13.53 9.43
CA TYR D 214 -45.49 -12.59 9.69
C TYR D 214 -44.48 -13.05 10.73
N MET D 215 -45.00 -13.49 11.87
CA MET D 215 -44.17 -13.99 12.97
C MET D 215 -43.21 -15.14 12.60
N ASN D 216 -43.48 -15.81 11.49
CA ASN D 216 -42.53 -16.80 10.95
C ASN D 216 -41.58 -16.26 9.90
N LEU D 217 -41.99 -15.17 9.23
CA LEU D 217 -41.33 -14.68 8.02
C LEU D 217 -41.38 -13.14 7.93
N PRO D 218 -40.80 -12.47 8.93
CA PRO D 218 -41.10 -11.06 9.29
C PRO D 218 -40.56 -9.99 8.36
N GLY D 219 -41.20 -9.82 7.20
CA GLY D 219 -40.87 -8.72 6.27
C GLY D 219 -39.42 -8.70 5.78
N ILE D 220 -38.73 -7.57 5.99
CA ILE D 220 -37.37 -7.38 5.46
C ILE D 220 -36.31 -8.16 6.21
N ALA D 221 -36.62 -8.70 7.37
CA ALA D 221 -35.69 -9.64 8.00
C ALA D 221 -35.29 -10.73 6.98
N VAL D 222 -36.23 -11.10 6.13
CA VAL D 222 -35.96 -11.90 4.94
C VAL D 222 -34.70 -11.42 4.19
N LEU D 223 -34.71 -10.14 3.83
CA LEU D 223 -33.59 -9.56 3.09
C LEU D 223 -32.45 -9.23 4.01
N ILE D 224 -32.66 -8.29 4.94
CA ILE D 224 -31.56 -7.77 5.75
C ILE D 224 -31.30 -8.50 7.07
N GLY D 225 -32.21 -9.34 7.51
CA GLY D 225 -32.12 -9.88 8.88
C GLY D 225 -31.84 -11.36 8.99
N GLY D 226 -32.37 -11.94 10.07
CA GLY D 226 -32.03 -13.28 10.55
C GLY D 226 -32.11 -14.46 9.59
N LEU D 227 -32.60 -14.23 8.36
CA LEU D 227 -32.53 -15.28 7.34
C LEU D 227 -31.08 -15.63 7.08
N TRP D 228 -30.26 -14.61 6.87
CA TRP D 228 -28.83 -14.82 6.61
C TRP D 228 -28.21 -15.79 7.56
N VAL D 229 -28.57 -15.69 8.84
CA VAL D 229 -28.13 -16.68 9.80
C VAL D 229 -28.46 -18.05 9.26
N ALA D 230 -29.73 -18.25 8.95
CA ALA D 230 -30.20 -19.52 8.42
C ALA D 230 -29.37 -19.98 7.24
N ASN D 231 -29.11 -19.06 6.33
CA ASN D 231 -28.41 -19.41 5.10
C ASN D 231 -26.89 -19.57 5.24
N LEU D 232 -26.23 -18.52 5.71
CA LEU D 232 -24.80 -18.58 5.98
C LEU D 232 -24.42 -19.89 6.65
N TYR D 233 -25.01 -20.13 7.82
CA TYR D 233 -24.77 -21.35 8.57
C TYR D 233 -25.00 -22.59 7.72
N TYR D 234 -26.10 -22.62 6.99
CA TYR D 234 -26.44 -23.82 6.23
C TYR D 234 -25.42 -24.01 5.13
N TRP D 235 -25.27 -22.99 4.30
CA TRP D 235 -24.43 -23.11 3.12
C TRP D 235 -22.94 -22.91 3.44
N GLY D 236 -22.57 -21.67 3.75
CA GLY D 236 -21.18 -21.28 3.91
C GLY D 236 -20.33 -22.33 4.61
N PHE D 237 -20.80 -22.78 5.77
CA PHE D 237 -20.09 -23.77 6.55
C PHE D 237 -20.72 -25.12 6.38
N ASN D 238 -21.69 -25.42 7.24
CA ASN D 238 -22.16 -26.79 7.47
C ASN D 238 -22.02 -27.69 6.22
N GLN D 239 -22.31 -27.15 5.05
CA GLN D 239 -22.19 -27.90 3.78
C GLN D 239 -20.85 -28.65 3.65
N TYR D 240 -20.81 -29.84 4.23
CA TYR D 240 -19.76 -30.82 3.98
C TYR D 240 -19.90 -31.16 2.53
N ILE D 241 -21.15 -31.26 2.10
CA ILE D 241 -21.46 -31.73 0.75
C ILE D 241 -21.00 -30.68 -0.28
N ILE D 242 -20.78 -29.45 0.17
CA ILE D 242 -20.04 -28.45 -0.61
C ILE D 242 -18.58 -28.89 -0.66
N GLN D 243 -18.03 -29.10 0.53
CA GLN D 243 -16.61 -29.33 0.72
C GLN D 243 -16.15 -30.61 0.01
N ARG D 244 -16.79 -31.73 0.37
CA ARG D 244 -16.52 -33.03 -0.23
C ARG D 244 -16.66 -32.99 -1.75
N THR D 245 -17.61 -32.21 -2.23
CA THR D 245 -17.86 -32.07 -3.68
C THR D 245 -16.96 -31.01 -4.32
N LEU D 246 -16.49 -30.05 -3.53
CA LEU D 246 -15.52 -29.04 -3.99
C LEU D 246 -14.12 -29.62 -4.20
N ALA D 247 -13.77 -30.62 -3.41
CA ALA D 247 -12.52 -31.34 -3.58
C ALA D 247 -12.56 -32.21 -4.85
N ALA D 248 -13.07 -31.65 -5.95
CA ALA D 248 -13.09 -32.32 -7.25
C ALA D 248 -12.03 -31.72 -8.19
N LYS D 249 -12.34 -30.57 -8.80
CA LYS D 249 -11.42 -29.92 -9.76
C LYS D 249 -11.09 -28.48 -9.37
N SER D 250 -10.11 -27.90 -10.07
CA SER D 250 -9.82 -26.45 -10.05
C SER D 250 -10.79 -25.64 -9.21
N VAL D 251 -10.31 -25.16 -8.07
CA VAL D 251 -11.14 -24.32 -7.20
C VAL D 251 -11.75 -23.21 -8.02
N SER D 252 -10.95 -22.63 -8.90
CA SER D 252 -11.45 -21.73 -9.93
C SER D 252 -12.78 -22.22 -10.51
N GLU D 253 -12.77 -23.46 -11.00
CA GLU D 253 -13.97 -24.07 -11.59
C GLU D 253 -15.01 -24.51 -10.54
N ALA D 254 -14.53 -24.98 -9.39
CA ALA D 254 -15.43 -25.34 -8.28
C ALA D 254 -16.38 -24.19 -7.93
N GLN D 255 -15.90 -22.96 -8.10
CA GLN D 255 -16.72 -21.77 -7.93
C GLN D 255 -17.84 -21.71 -8.97
N LYS D 256 -17.53 -22.03 -10.22
CA LYS D 256 -18.54 -22.04 -11.29
C LYS D 256 -19.70 -23.00 -10.99
N GLY D 257 -19.42 -24.10 -10.30
CA GLY D 257 -20.46 -25.03 -9.85
C GLY D 257 -21.34 -24.44 -8.76
N ILE D 258 -20.74 -23.62 -7.90
CA ILE D 258 -21.48 -22.90 -6.89
C ILE D 258 -22.41 -21.88 -7.52
N VAL D 259 -21.93 -21.19 -8.55
CA VAL D 259 -22.76 -20.25 -9.30
C VAL D 259 -23.92 -20.96 -9.98
N PHE D 260 -23.60 -22.02 -10.72
CA PHE D 260 -24.61 -22.85 -11.38
C PHE D 260 -25.63 -23.39 -10.38
N ALA D 261 -25.13 -23.88 -9.25
CA ALA D 261 -25.99 -24.31 -8.14
C ALA D 261 -26.87 -23.14 -7.67
N ALA D 262 -26.24 -21.99 -7.45
CA ALA D 262 -26.94 -20.78 -7.05
C ALA D 262 -28.05 -20.45 -8.05
N PHE D 263 -27.75 -20.59 -9.34
CA PHE D 263 -28.73 -20.36 -10.39
C PHE D 263 -29.93 -21.29 -10.28
N LEU D 264 -29.68 -22.55 -9.92
CA LEU D 264 -30.75 -23.54 -9.79
C LEU D 264 -31.73 -23.17 -8.70
N LYS D 265 -31.23 -22.67 -7.58
CA LYS D 265 -32.06 -22.24 -6.46
C LYS D 265 -33.14 -21.24 -6.85
N LEU D 266 -32.90 -20.48 -7.92
CA LEU D 266 -33.93 -19.62 -8.48
C LEU D 266 -35.14 -20.42 -8.94
N ILE D 267 -34.86 -21.58 -9.54
CA ILE D 267 -35.90 -22.40 -10.17
C ILE D 267 -36.62 -23.33 -9.18
N VAL D 268 -36.03 -23.54 -8.01
CA VAL D 268 -36.61 -24.46 -7.02
C VAL D 268 -38.07 -24.10 -6.64
N PRO D 269 -38.35 -22.84 -6.29
CA PRO D 269 -39.68 -22.43 -5.83
C PRO D 269 -40.84 -22.82 -6.75
N PHE D 270 -40.54 -22.93 -8.03
CA PHE D 270 -41.54 -23.23 -9.02
C PHE D 270 -41.91 -24.71 -9.00
N LEU D 271 -41.13 -25.49 -8.25
CA LEU D 271 -41.37 -26.93 -8.12
C LEU D 271 -41.84 -27.29 -6.73
N VAL D 272 -41.59 -26.43 -5.75
CA VAL D 272 -41.93 -26.75 -4.36
C VAL D 272 -43.01 -25.81 -3.80
N VAL D 273 -42.73 -24.52 -3.82
CA VAL D 273 -43.61 -23.54 -3.18
C VAL D 273 -44.80 -23.19 -4.08
N LEU D 274 -44.64 -23.34 -5.38
CA LEU D 274 -45.70 -22.95 -6.32
C LEU D 274 -46.87 -23.94 -6.41
N PRO D 275 -46.58 -25.25 -6.29
CA PRO D 275 -47.69 -26.18 -6.08
C PRO D 275 -48.53 -25.87 -4.83
N GLY D 276 -47.86 -25.47 -3.75
CA GLY D 276 -48.53 -25.08 -2.50
C GLY D 276 -49.58 -24.00 -2.70
N ILE D 277 -49.24 -22.99 -3.51
CA ILE D 277 -50.18 -21.90 -3.81
C ILE D 277 -51.31 -22.39 -4.69
N ALA D 278 -51.01 -23.25 -5.66
CA ALA D 278 -52.03 -23.84 -6.54
C ALA D 278 -53.01 -24.70 -5.74
N ALA D 279 -52.46 -25.54 -4.86
CA ALA D 279 -53.25 -26.42 -4.01
C ALA D 279 -54.19 -25.64 -3.13
N TYR D 280 -53.67 -24.61 -2.48
CA TYR D 280 -54.50 -23.77 -1.66
C TYR D 280 -55.70 -23.27 -2.45
N VAL D 281 -55.42 -22.59 -3.55
CA VAL D 281 -56.42 -21.92 -4.36
C VAL D 281 -57.57 -22.85 -4.68
N ILE D 282 -57.20 -24.04 -5.13
CA ILE D 282 -58.16 -25.09 -5.45
C ILE D 282 -58.97 -25.49 -4.24
N THR D 283 -58.28 -25.75 -3.14
CA THR D 283 -58.93 -26.20 -1.90
C THR D 283 -59.93 -25.19 -1.36
N SER D 284 -59.53 -23.93 -1.30
CA SER D 284 -60.39 -22.88 -0.77
C SER D 284 -61.43 -22.37 -1.80
N ASP D 285 -61.32 -22.83 -3.04
CA ASP D 285 -62.35 -22.58 -4.06
C ASP D 285 -63.32 -23.76 -4.15
N PRO D 286 -64.63 -23.50 -3.96
CA PRO D 286 -65.65 -24.55 -3.92
C PRO D 286 -66.09 -25.09 -5.27
N GLN D 287 -66.06 -24.25 -6.30
CA GLN D 287 -66.50 -24.65 -7.65
C GLN D 287 -65.58 -25.75 -8.17
N LEU D 288 -64.27 -25.52 -8.01
CA LEU D 288 -63.25 -26.45 -8.48
C LEU D 288 -63.24 -27.70 -7.61
N MET D 289 -63.49 -27.52 -6.33
CA MET D 289 -63.39 -28.61 -5.37
C MET D 289 -64.49 -29.63 -5.59
N ALA D 290 -65.73 -29.16 -5.65
CA ALA D 290 -66.86 -30.03 -5.92
C ALA D 290 -66.76 -30.59 -7.34
N SER D 291 -66.08 -29.87 -8.21
CA SER D 291 -65.84 -30.31 -9.59
C SER D 291 -64.98 -31.57 -9.63
N LEU D 292 -63.91 -31.57 -8.84
CA LEU D 292 -63.06 -32.76 -8.72
C LEU D 292 -63.94 -33.96 -8.41
N GLY D 293 -64.74 -33.82 -7.36
CA GLY D 293 -65.73 -34.82 -7.04
C GLY D 293 -65.66 -35.27 -5.61
N ASP D 294 -66.27 -36.43 -5.36
CA ASP D 294 -66.39 -37.00 -4.02
C ASP D 294 -65.05 -37.57 -3.56
N ILE D 295 -64.21 -37.95 -4.52
CA ILE D 295 -62.96 -38.66 -4.25
C ILE D 295 -61.76 -37.72 -4.01
N ALA D 296 -62.02 -36.44 -3.73
CA ALA D 296 -61.03 -35.57 -3.08
C ALA D 296 -60.94 -36.12 -1.67
N ALA D 297 -60.57 -37.39 -1.59
CA ALA D 297 -60.95 -38.26 -0.49
C ALA D 297 -60.00 -38.08 0.68
N THR D 298 -60.20 -36.96 1.39
CA THR D 298 -59.35 -36.56 2.51
C THR D 298 -57.85 -36.69 2.17
N ASN D 299 -57.00 -36.75 3.20
CA ASN D 299 -55.61 -36.39 3.06
C ASN D 299 -55.59 -35.00 2.43
N LEU D 300 -56.62 -34.23 2.76
CA LEU D 300 -56.85 -32.90 2.22
C LEU D 300 -56.03 -31.92 3.04
N PRO D 301 -55.25 -31.07 2.38
CA PRO D 301 -54.46 -30.10 3.13
C PRO D 301 -55.37 -29.03 3.68
N SER D 302 -54.92 -28.39 4.76
CA SER D 302 -55.71 -27.35 5.39
C SER D 302 -54.82 -26.54 6.28
N ALA D 303 -55.40 -25.52 6.90
CA ALA D 303 -54.72 -24.80 7.96
C ALA D 303 -54.22 -25.80 9.00
N ALA D 304 -55.02 -26.83 9.25
CA ALA D 304 -54.65 -27.90 10.16
C ALA D 304 -53.36 -28.60 9.71
N ASN D 305 -53.44 -29.47 8.72
CA ASN D 305 -52.24 -30.14 8.22
C ASN D 305 -51.95 -29.69 6.77
N ALA D 306 -51.22 -28.57 6.67
CA ALA D 306 -50.91 -27.94 5.39
C ALA D 306 -49.91 -28.73 4.58
N ASP D 307 -49.06 -29.48 5.28
CA ASP D 307 -47.98 -30.23 4.65
C ASP D 307 -48.49 -31.26 3.65
N LYS D 308 -49.67 -31.82 3.95
CA LYS D 308 -50.36 -32.76 3.06
C LYS D 308 -50.51 -32.24 1.64
N ALA D 309 -50.30 -30.93 1.46
CA ALA D 309 -50.47 -30.25 0.19
C ALA D 309 -49.93 -31.01 -1.02
N TYR D 310 -48.61 -31.04 -1.18
CA TYR D 310 -48.00 -31.59 -2.38
C TYR D 310 -48.36 -33.05 -2.65
N PRO D 311 -48.29 -33.90 -1.61
CA PRO D 311 -48.61 -35.30 -1.85
C PRO D 311 -50.06 -35.51 -2.27
N TRP D 312 -50.93 -34.63 -1.82
CA TRP D 312 -52.32 -34.68 -2.24
C TRP D 312 -52.47 -34.30 -3.71
N LEU D 313 -51.59 -33.44 -4.20
CA LEU D 313 -51.59 -33.07 -5.62
C LEU D 313 -51.14 -34.23 -6.51
N THR D 314 -50.19 -35.00 -6.01
CA THR D 314 -49.68 -36.17 -6.71
C THR D 314 -50.71 -37.30 -6.74
N GLN D 315 -51.59 -37.30 -5.73
CA GLN D 315 -52.78 -38.16 -5.71
C GLN D 315 -53.60 -38.01 -6.99
N PHE D 316 -53.46 -36.87 -7.65
CA PHE D 316 -54.29 -36.44 -8.78
C PHE D 316 -53.47 -36.48 -10.11
N LEU D 317 -52.25 -37.01 -10.06
CA LEU D 317 -51.36 -37.09 -11.24
C LEU D 317 -51.88 -38.09 -12.31
N PRO D 318 -51.21 -38.19 -13.48
CA PRO D 318 -51.62 -39.16 -14.51
C PRO D 318 -51.08 -40.58 -14.35
N VAL D 319 -51.29 -41.38 -15.40
CA VAL D 319 -51.09 -42.85 -15.47
C VAL D 319 -50.03 -43.50 -14.55
N GLY D 320 -48.89 -43.89 -15.12
CA GLY D 320 -47.78 -44.46 -14.36
C GLY D 320 -46.84 -43.36 -13.93
N VAL D 321 -46.99 -42.20 -14.55
CA VAL D 321 -46.27 -40.99 -14.16
C VAL D 321 -46.34 -40.79 -12.66
N LYS D 322 -47.51 -41.06 -12.07
CA LYS D 322 -47.67 -41.09 -10.61
C LYS D 322 -46.58 -41.92 -9.97
N GLY D 323 -46.64 -43.23 -10.19
CA GLY D 323 -45.72 -44.19 -9.58
C GLY D 323 -44.25 -43.92 -9.85
N VAL D 324 -43.98 -43.30 -11.00
CA VAL D 324 -42.62 -42.89 -11.35
C VAL D 324 -42.22 -41.68 -10.55
N VAL D 325 -43.02 -40.62 -10.66
CA VAL D 325 -42.81 -39.41 -9.88
C VAL D 325 -42.79 -39.78 -8.39
N PHE D 326 -43.71 -40.65 -7.99
CA PHE D 326 -43.80 -41.14 -6.62
C PHE D 326 -42.56 -41.94 -6.21
N ALA D 327 -42.20 -42.95 -7.01
CA ALA D 327 -41.01 -43.77 -6.74
C ALA D 327 -39.76 -42.90 -6.73
N ALA D 328 -39.76 -41.88 -7.58
CA ALA D 328 -38.68 -40.88 -7.59
C ALA D 328 -38.53 -40.23 -6.23
N LEU D 329 -39.65 -39.80 -5.65
CA LEU D 329 -39.66 -39.23 -4.31
C LEU D 329 -39.28 -40.27 -3.28
N ALA D 330 -39.89 -41.45 -3.41
CA ALA D 330 -39.61 -42.57 -2.53
C ALA D 330 -38.12 -42.68 -2.24
N ALA D 331 -37.34 -42.89 -3.30
CA ALA D 331 -35.89 -43.04 -3.18
C ALA D 331 -35.26 -41.78 -2.60
N ALA D 332 -35.65 -40.64 -3.13
CA ALA D 332 -35.10 -39.33 -2.72
C ALA D 332 -35.21 -39.05 -1.22
N ILE D 333 -36.05 -39.81 -0.54
CA ILE D 333 -36.31 -39.61 0.88
C ILE D 333 -35.49 -40.59 1.73
N VAL D 334 -35.64 -41.88 1.47
CA VAL D 334 -34.85 -42.92 2.16
C VAL D 334 -33.35 -42.60 2.02
N SER D 335 -33.00 -41.94 0.92
CA SER D 335 -31.70 -41.30 0.74
C SER D 335 -31.38 -40.36 1.90
N SER D 336 -32.02 -39.20 1.93
CA SER D 336 -31.71 -38.15 2.89
C SER D 336 -31.64 -38.63 4.33
N LEU D 337 -32.46 -39.63 4.66
CA LEU D 337 -32.45 -40.23 6.00
C LEU D 337 -31.09 -40.89 6.29
N ALA D 338 -30.72 -41.84 5.43
CA ALA D 338 -29.44 -42.56 5.59
C ALA D 338 -28.28 -41.61 5.82
N SER D 339 -28.12 -40.65 4.90
CA SER D 339 -27.13 -39.59 5.06
C SER D 339 -27.18 -39.04 6.48
N MET D 340 -28.35 -38.53 6.87
CA MET D 340 -28.52 -37.97 8.21
C MET D 340 -28.19 -39.00 9.28
N LEU D 341 -28.59 -40.25 9.06
CA LEU D 341 -28.34 -41.31 10.02
C LEU D 341 -26.85 -41.45 10.29
N ASN D 342 -26.10 -41.93 9.30
CA ASN D 342 -24.69 -42.25 9.49
C ASN D 342 -23.90 -41.03 9.95
N SER D 343 -24.18 -39.88 9.36
CA SER D 343 -23.51 -38.64 9.73
C SER D 343 -23.57 -38.46 11.24
N THR D 344 -24.77 -38.60 11.78
CA THR D 344 -25.00 -38.46 13.21
C THR D 344 -24.26 -39.53 14.00
N ALA D 345 -24.37 -40.77 13.55
CA ALA D 345 -23.69 -41.89 14.20
C ALA D 345 -22.18 -41.68 14.17
N THR D 346 -21.63 -41.58 12.96
CA THR D 346 -20.20 -41.35 12.78
C THR D 346 -19.73 -40.22 13.67
N ILE D 347 -20.35 -39.05 13.50
CA ILE D 347 -20.08 -37.91 14.36
C ILE D 347 -20.00 -38.34 15.81
N PHE D 348 -21.03 -39.05 16.26
CA PHE D 348 -21.06 -39.49 17.65
C PHE D 348 -19.90 -40.42 17.95
N THR D 349 -19.88 -41.58 17.28
CA THR D 349 -18.88 -42.61 17.56
C THR D 349 -17.47 -42.09 17.52
N MET D 350 -17.22 -41.08 16.70
CA MET D 350 -15.89 -40.50 16.62
C MET D 350 -15.67 -39.47 17.73
N ASP D 351 -16.38 -38.36 17.63
CA ASP D 351 -16.01 -37.16 18.38
C ASP D 351 -16.47 -37.21 19.83
N ILE D 352 -17.33 -38.17 20.13
CA ILE D 352 -17.77 -38.41 21.49
C ILE D 352 -17.13 -39.68 22.02
N TYR D 353 -17.35 -40.78 21.30
CA TYR D 353 -16.91 -42.09 21.76
C TYR D 353 -15.41 -42.32 21.55
N LYS D 354 -14.90 -41.97 20.37
CA LYS D 354 -13.49 -42.18 20.08
C LYS D 354 -12.62 -41.16 20.82
N GLU D 355 -12.95 -39.88 20.72
CA GLU D 355 -12.07 -38.87 21.30
C GLU D 355 -12.18 -38.78 22.83
N TYR D 356 -13.35 -39.05 23.40
CA TYR D 356 -13.55 -38.87 24.84
C TYR D 356 -13.90 -40.12 25.66
N ILE D 357 -14.55 -41.11 25.06
CA ILE D 357 -14.91 -42.33 25.81
C ILE D 357 -13.76 -43.34 25.84
N SER D 358 -13.19 -43.63 24.67
CA SER D 358 -11.90 -44.33 24.56
C SER D 358 -11.32 -44.10 23.17
N PRO D 359 -9.98 -44.09 23.03
CA PRO D 359 -9.37 -43.73 21.73
C PRO D 359 -9.51 -44.82 20.67
N ASP D 360 -9.19 -46.05 21.04
CA ASP D 360 -9.30 -47.18 20.13
C ASP D 360 -9.99 -48.36 20.80
N SER D 361 -11.20 -48.66 20.35
CA SER D 361 -11.75 -50.00 20.46
C SER D 361 -11.14 -50.80 19.31
N GLY D 362 -11.15 -50.17 18.13
CA GLY D 362 -10.47 -50.68 16.94
C GLY D 362 -10.89 -49.87 15.74
N ASP D 363 -10.86 -50.50 14.57
CA ASP D 363 -11.59 -49.99 13.39
C ASP D 363 -12.76 -50.92 13.06
N HIS D 364 -12.89 -52.03 13.80
CA HIS D 364 -13.99 -52.99 13.62
C HIS D 364 -15.14 -52.73 14.62
N LYS D 365 -14.84 -52.74 15.92
CA LYS D 365 -15.82 -52.36 16.96
C LYS D 365 -16.28 -50.91 16.80
N LEU D 366 -15.45 -50.08 16.18
CA LEU D 366 -15.81 -48.71 15.79
C LEU D 366 -17.03 -48.69 14.88
N VAL D 367 -17.03 -49.56 13.87
CA VAL D 367 -18.13 -49.64 12.90
C VAL D 367 -19.33 -50.36 13.51
N ASN D 368 -19.06 -51.44 14.26
CA ASN D 368 -20.11 -52.16 14.99
C ASN D 368 -20.84 -51.20 15.94
N VAL D 369 -20.08 -50.53 16.80
CA VAL D 369 -20.63 -49.48 17.69
C VAL D 369 -21.06 -48.23 16.91
N GLY D 370 -20.50 -48.06 15.71
CA GLY D 370 -20.84 -46.94 14.82
C GLY D 370 -22.24 -47.02 14.22
N ARG D 371 -22.67 -48.21 13.81
CA ARG D 371 -24.04 -48.42 13.31
C ARG D 371 -24.99 -48.96 14.38
N THR D 372 -24.60 -48.80 15.65
CA THR D 372 -25.50 -49.06 16.78
C THR D 372 -26.29 -47.81 17.13
N ALA D 373 -25.57 -46.74 17.45
CA ALA D 373 -26.18 -45.42 17.70
C ALA D 373 -27.14 -45.07 16.57
N ALA D 374 -26.74 -45.43 15.34
CA ALA D 374 -27.59 -45.27 14.15
C ALA D 374 -29.04 -45.69 14.38
N VAL D 375 -29.24 -46.80 15.07
CA VAL D 375 -30.57 -47.30 15.36
C VAL D 375 -31.16 -46.64 16.60
N VAL D 376 -30.39 -46.58 17.68
CA VAL D 376 -30.78 -45.86 18.90
C VAL D 376 -31.28 -44.45 18.57
N ALA D 377 -30.67 -43.85 17.56
CA ALA D 377 -31.19 -42.64 16.96
C ALA D 377 -32.51 -42.97 16.28
N LEU D 378 -32.44 -43.69 15.16
CA LEU D 378 -33.60 -43.97 14.31
C LEU D 378 -34.86 -44.25 15.11
N ILE D 379 -34.73 -45.04 16.17
CA ILE D 379 -35.88 -45.41 17.00
C ILE D 379 -36.47 -44.20 17.72
N ILE D 380 -35.62 -43.32 18.23
CA ILE D 380 -36.08 -42.09 18.87
C ILE D 380 -36.71 -41.16 17.83
N ALA D 381 -36.03 -41.03 16.70
CA ALA D 381 -36.59 -40.37 15.53
C ALA D 381 -37.97 -40.90 15.21
N CYS D 382 -38.12 -42.22 15.21
CA CYS D 382 -39.43 -42.87 14.97
C CYS D 382 -40.41 -42.71 16.14
N LEU D 383 -39.88 -42.52 17.34
CA LEU D 383 -40.69 -42.42 18.55
C LEU D 383 -41.38 -41.06 18.59
N ILE D 384 -40.58 -40.02 18.38
CA ILE D 384 -41.08 -38.66 18.36
C ILE D 384 -41.53 -38.24 16.96
N ALA D 385 -41.20 -39.04 15.95
CA ALA D 385 -41.57 -38.77 14.56
C ALA D 385 -43.03 -38.36 14.38
N PRO D 386 -43.97 -39.21 14.85
CA PRO D 386 -45.38 -38.96 14.62
C PRO D 386 -45.95 -37.71 15.30
N MET D 387 -45.25 -37.18 16.30
CA MET D 387 -45.79 -36.08 17.11
C MET D 387 -45.99 -34.78 16.34
N LEU D 388 -45.44 -34.72 15.13
CA LEU D 388 -45.52 -33.51 14.31
C LEU D 388 -46.80 -33.43 13.48
N GLY D 389 -47.70 -34.40 13.66
CA GLY D 389 -48.99 -34.40 12.97
C GLY D 389 -49.93 -33.31 13.47
N GLY D 390 -49.64 -32.82 14.67
CA GLY D 390 -50.33 -31.67 15.24
C GLY D 390 -49.51 -30.40 15.05
N ILE D 391 -48.98 -30.22 13.85
CA ILE D 391 -48.27 -29.00 13.47
C ILE D 391 -48.65 -28.60 12.05
N GLY D 392 -48.70 -27.29 11.83
CA GLY D 392 -49.14 -26.75 10.56
C GLY D 392 -48.11 -26.94 9.47
N GLN D 393 -46.93 -26.35 9.69
CA GLN D 393 -45.82 -26.44 8.74
C GLN D 393 -44.61 -26.99 9.46
N ALA D 394 -44.16 -28.17 9.06
CA ALA D 394 -42.93 -28.73 9.59
C ALA D 394 -41.81 -27.78 9.25
N PHE D 395 -41.81 -27.32 8.01
CA PHE D 395 -40.78 -26.42 7.53
C PHE D 395 -40.45 -25.31 8.55
N GLN D 396 -41.47 -24.68 9.12
CA GLN D 396 -41.22 -23.60 10.09
C GLN D 396 -40.74 -24.15 11.43
N TYR D 397 -41.12 -25.38 11.77
CA TYR D 397 -40.56 -26.07 12.92
C TYR D 397 -39.05 -26.28 12.74
N ILE D 398 -38.70 -26.85 11.60
CA ILE D 398 -37.31 -27.11 11.25
C ILE D 398 -36.49 -25.82 11.31
N GLN D 399 -36.97 -24.81 10.60
CA GLN D 399 -36.25 -23.56 10.47
C GLN D 399 -36.13 -22.86 11.78
N GLU D 400 -37.16 -22.96 12.60
CA GLU D 400 -37.20 -22.28 13.89
C GLU D 400 -36.19 -22.80 14.90
N TYR D 401 -36.04 -24.11 14.92
CA TYR D 401 -35.37 -24.78 16.02
C TYR D 401 -33.87 -25.01 15.82
N THR D 402 -33.43 -25.22 14.58
CA THR D 402 -32.00 -25.13 14.32
C THR D 402 -31.58 -23.69 14.68
N GLY D 403 -32.54 -22.77 14.56
CA GLY D 403 -32.35 -21.41 15.04
C GLY D 403 -31.94 -21.31 16.51
N LEU D 404 -32.09 -22.40 17.26
CA LEU D 404 -31.61 -22.44 18.66
C LEU D 404 -30.11 -22.59 18.73
N VAL D 405 -29.57 -23.31 17.76
CA VAL D 405 -28.17 -23.68 17.78
C VAL D 405 -27.38 -22.92 16.68
N SER D 406 -27.93 -22.86 15.46
CA SER D 406 -27.22 -22.31 14.29
C SER D 406 -26.56 -20.94 14.52
N PRO D 407 -27.21 -20.03 15.29
CA PRO D 407 -26.65 -18.69 15.43
C PRO D 407 -25.38 -18.64 16.24
N GLY D 408 -25.38 -19.36 17.35
CA GLY D 408 -24.21 -19.47 18.22
C GLY D 408 -23.03 -20.16 17.56
N ILE D 409 -23.33 -21.25 16.83
CA ILE D 409 -22.28 -22.04 16.19
C ILE D 409 -21.97 -21.50 14.81
N LEU D 410 -22.74 -20.53 14.35
CA LEU D 410 -22.34 -19.75 13.20
C LEU D 410 -21.41 -18.68 13.71
N ALA D 411 -21.81 -17.97 14.76
CA ALA D 411 -20.97 -16.92 15.36
C ALA D 411 -19.55 -17.43 15.55
N VAL D 412 -19.45 -18.66 16.03
CA VAL D 412 -18.16 -19.35 16.15
C VAL D 412 -17.43 -19.42 14.81
N PHE D 413 -18.10 -19.96 13.80
CA PHE D 413 -17.50 -20.12 12.50
C PHE D 413 -17.03 -18.83 11.88
N LEU D 414 -17.89 -17.81 11.83
CA LEU D 414 -17.52 -16.57 11.15
C LEU D 414 -16.26 -16.02 11.73
N LEU D 415 -16.24 -15.88 13.05
CA LEU D 415 -15.08 -15.36 13.75
C LEU D 415 -13.85 -16.26 13.57
N GLY D 416 -14.05 -17.57 13.65
CA GLY D 416 -13.00 -18.53 13.35
C GLY D 416 -12.38 -18.27 11.98
N LEU D 417 -13.19 -18.42 10.93
CA LEU D 417 -12.72 -18.11 9.58
C LEU D 417 -12.05 -16.76 9.50
N PHE D 418 -12.75 -15.72 9.94
CA PHE D 418 -12.38 -14.38 9.56
C PHE D 418 -11.67 -13.55 10.61
N TRP D 419 -11.65 -13.99 11.85
CA TRP D 419 -11.05 -13.18 12.90
C TRP D 419 -9.96 -13.94 13.60
N LYS D 420 -8.73 -13.59 13.26
CA LYS D 420 -7.53 -14.23 13.78
C LYS D 420 -7.32 -14.05 15.30
N LYS D 421 -8.05 -13.14 15.94
CA LYS D 421 -7.96 -12.96 17.40
C LYS D 421 -8.78 -14.00 18.17
N THR D 422 -9.72 -14.65 17.50
CA THR D 422 -10.66 -15.55 18.18
C THR D 422 -9.94 -16.70 18.86
N THR D 423 -10.35 -17.04 20.08
CA THR D 423 -9.67 -18.06 20.84
C THR D 423 -10.62 -19.19 21.18
N SER D 424 -10.05 -20.37 21.39
CA SER D 424 -10.79 -21.54 21.84
C SER D 424 -11.61 -21.20 23.07
N LYS D 425 -10.99 -20.48 24.00
CA LYS D 425 -11.66 -20.05 25.24
C LYS D 425 -12.94 -19.25 24.94
N GLY D 426 -12.79 -18.21 24.14
CA GLY D 426 -13.90 -17.38 23.71
C GLY D 426 -14.95 -18.22 23.05
N ALA D 427 -14.55 -18.90 21.98
CA ALA D 427 -15.44 -19.79 21.24
C ALA D 427 -16.32 -20.60 22.18
N ILE D 428 -15.67 -21.33 23.07
CA ILE D 428 -16.37 -22.23 23.99
C ILE D 428 -17.44 -21.50 24.81
N ILE D 429 -17.04 -20.46 25.51
CA ILE D 429 -17.98 -19.70 26.34
C ILE D 429 -19.20 -19.24 25.53
N GLY D 430 -18.92 -18.51 24.46
CA GLY D 430 -19.95 -17.90 23.64
C GLY D 430 -20.99 -18.90 23.16
N VAL D 431 -20.52 -20.00 22.57
CA VAL D 431 -21.42 -20.98 21.97
C VAL D 431 -22.32 -21.64 23.03
N VAL D 432 -21.75 -21.91 24.20
CA VAL D 432 -22.51 -22.46 25.31
C VAL D 432 -23.51 -21.44 25.83
N ALA D 433 -23.01 -20.22 26.07
CA ALA D 433 -23.84 -19.13 26.59
C ALA D 433 -24.96 -18.72 25.63
N SER D 434 -24.91 -19.19 24.38
CA SER D 434 -25.98 -18.95 23.42
C SER D 434 -27.29 -19.60 23.85
N ILE D 435 -27.26 -20.90 24.07
CA ILE D 435 -28.48 -21.66 24.30
C ILE D 435 -29.41 -20.98 25.31
N PRO D 436 -28.91 -20.66 26.53
CA PRO D 436 -29.77 -19.97 27.49
C PRO D 436 -30.42 -18.73 26.88
N PHE D 437 -29.59 -17.90 26.28
CA PHE D 437 -30.05 -16.70 25.60
C PHE D 437 -31.12 -16.99 24.55
N ALA D 438 -30.81 -17.89 23.60
CA ALA D 438 -31.77 -18.29 22.56
C ALA D 438 -33.09 -18.79 23.15
N LEU D 439 -32.97 -19.66 24.17
CA LEU D 439 -34.14 -20.15 24.92
C LEU D 439 -34.86 -19.07 25.68
N PHE D 440 -34.10 -18.15 26.25
CA PHE D 440 -34.67 -17.05 26.98
C PHE D 440 -35.61 -16.26 26.08
N LEU D 441 -35.11 -15.88 24.91
CA LEU D 441 -35.92 -15.17 23.92
C LEU D 441 -37.04 -16.03 23.39
N LYS D 442 -36.74 -17.29 23.12
CA LYS D 442 -37.73 -18.22 22.60
C LYS D 442 -38.92 -18.37 23.56
N PHE D 443 -38.63 -18.37 24.87
CA PHE D 443 -39.66 -18.67 25.87
C PHE D 443 -39.90 -17.53 26.84
N MET D 444 -40.00 -16.33 26.29
CA MET D 444 -40.33 -15.15 27.06
C MET D 444 -41.53 -14.49 26.38
N PRO D 445 -42.33 -13.72 27.14
CA PRO D 445 -43.47 -13.01 26.55
C PRO D 445 -43.09 -12.18 25.34
N LEU D 446 -42.21 -11.19 25.53
CA LEU D 446 -41.66 -10.38 24.43
C LEU D 446 -41.88 -11.05 23.07
N SER D 447 -43.01 -10.71 22.45
CA SER D 447 -43.41 -11.40 21.22
C SER D 447 -42.44 -10.98 20.14
N MET D 448 -41.66 -11.94 19.68
CA MET D 448 -40.58 -11.69 18.75
C MET D 448 -40.42 -12.88 17.79
N PRO D 449 -40.45 -12.59 16.47
CA PRO D 449 -40.32 -13.66 15.49
C PRO D 449 -39.05 -14.42 15.72
N PHE D 450 -39.00 -15.69 15.30
CA PHE D 450 -37.82 -16.47 15.56
C PHE D 450 -36.71 -15.94 14.65
N MET D 451 -37.07 -15.46 13.45
CA MET D 451 -36.03 -14.91 12.58
C MET D 451 -35.38 -13.68 13.20
N ASP D 452 -36.19 -12.67 13.52
CA ASP D 452 -35.79 -11.49 14.37
C ASP D 452 -35.01 -12.01 15.60
N GLN D 453 -35.48 -13.13 16.16
CA GLN D 453 -34.90 -13.73 17.35
C GLN D 453 -33.48 -14.21 17.11
N MET D 454 -33.32 -15.12 16.14
CA MET D 454 -32.08 -15.88 16.01
C MET D 454 -30.95 -15.04 15.43
N LEU D 455 -31.29 -13.84 15.00
CA LEU D 455 -30.28 -12.84 14.72
C LEU D 455 -29.64 -12.43 16.05
N TYR D 456 -30.43 -11.81 16.92
CA TYR D 456 -29.96 -11.31 18.21
C TYR D 456 -29.05 -12.32 18.91
N THR D 457 -29.43 -13.59 18.83
CA THR D 457 -28.61 -14.66 19.39
C THR D 457 -27.18 -14.61 18.85
N LEU D 458 -27.04 -14.78 17.54
CA LEU D 458 -25.72 -14.75 16.91
C LEU D 458 -24.95 -13.54 17.37
N LEU D 459 -25.59 -12.37 17.25
CA LEU D 459 -24.97 -11.10 17.61
C LEU D 459 -24.45 -11.11 19.04
N PHE D 460 -25.28 -11.59 19.94
CA PHE D 460 -24.86 -11.75 21.33
C PHE D 460 -23.70 -12.73 21.45
N THR D 461 -23.86 -13.90 20.85
CA THR D 461 -22.81 -14.93 20.84
C THR D 461 -21.48 -14.28 20.47
N MET D 462 -21.48 -13.57 19.34
CA MET D 462 -20.26 -12.91 18.86
C MET D 462 -19.70 -11.92 19.86
N VAL D 463 -20.56 -11.07 20.40
CA VAL D 463 -20.10 -10.03 21.30
C VAL D 463 -19.48 -10.62 22.59
N VAL D 464 -19.97 -11.78 22.98
CA VAL D 464 -19.36 -12.51 24.07
C VAL D 464 -17.96 -12.97 23.64
N ILE D 465 -17.90 -13.97 22.77
CA ILE D 465 -16.60 -14.56 22.37
C ILE D 465 -15.57 -13.49 21.98
N ALA D 466 -16.05 -12.39 21.41
CA ALA D 466 -15.23 -11.20 21.16
C ALA D 466 -14.47 -10.78 22.42
N PHE D 467 -15.16 -10.27 23.42
CA PHE D 467 -14.50 -9.79 24.64
C PHE D 467 -13.77 -10.91 25.38
N THR D 468 -14.37 -12.10 25.38
CA THR D 468 -13.75 -13.25 26.02
C THR D 468 -12.39 -13.51 25.40
N SER D 469 -12.37 -13.77 24.09
CA SER D 469 -11.11 -14.03 23.38
C SER D 469 -10.18 -12.80 23.35
N LEU D 470 -10.75 -11.62 23.63
CA LEU D 470 -9.98 -10.38 23.66
C LEU D 470 -9.15 -10.27 24.92
N SER D 471 -9.71 -10.77 26.03
CA SER D 471 -9.03 -10.72 27.32
C SER D 471 -8.36 -12.04 27.68
N THR D 472 -8.38 -13.01 26.74
CA THR D 472 -7.69 -14.29 26.92
C THR D 472 -6.46 -14.45 26.02
N SER D 473 -6.48 -13.84 24.83
CA SER D 473 -5.33 -13.91 23.93
C SER D 473 -4.12 -13.33 24.64
N ILE D 474 -3.25 -14.22 25.12
CA ILE D 474 -2.05 -13.83 25.85
C ILE D 474 -1.30 -12.84 24.98
N ASN D 475 -0.98 -13.31 23.79
CA ASN D 475 -0.42 -12.45 22.76
C ASN D 475 -1.56 -11.94 21.87
N ASP D 476 -1.22 -11.38 20.71
CA ASP D 476 -2.22 -10.91 19.78
C ASP D 476 -2.93 -12.08 19.12
N ASP D 477 -2.44 -12.54 17.99
CA ASP D 477 -3.15 -13.52 17.20
C ASP D 477 -3.07 -14.87 17.89
N ASP D 478 -4.23 -15.49 18.12
CA ASP D 478 -4.29 -16.89 18.55
C ASP D 478 -3.32 -17.63 17.62
N PRO D 479 -2.37 -18.39 18.19
CA PRO D 479 -1.37 -19.00 17.32
C PRO D 479 -2.01 -19.95 16.29
N LYS D 480 -3.09 -20.60 16.73
CA LYS D 480 -3.91 -21.46 15.88
C LYS D 480 -4.83 -20.64 14.98
N GLY D 481 -4.62 -19.33 14.98
CA GLY D 481 -5.49 -18.38 14.29
C GLY D 481 -5.40 -18.52 12.78
N ILE D 482 -6.46 -18.07 12.10
CA ILE D 482 -6.62 -18.35 10.68
C ILE D 482 -5.70 -17.48 9.85
N SER D 483 -5.00 -18.17 8.96
CA SER D 483 -3.88 -17.62 8.22
C SER D 483 -4.19 -16.28 7.58
N VAL D 484 -3.29 -15.35 7.83
CA VAL D 484 -3.27 -14.06 7.18
C VAL D 484 -3.84 -14.15 5.75
N THR D 485 -5.16 -14.04 5.62
CA THR D 485 -5.80 -14.17 4.31
C THR D 485 -5.47 -12.92 3.47
N SER D 486 -5.36 -13.11 2.15
CA SER D 486 -4.98 -12.04 1.23
C SER D 486 -5.99 -11.91 0.12
N SER D 487 -5.68 -11.07 -0.87
CA SER D 487 -6.47 -11.02 -2.09
C SER D 487 -6.32 -12.33 -2.87
N MET D 488 -6.90 -13.38 -2.30
CA MET D 488 -6.93 -14.72 -2.89
C MET D 488 -8.37 -15.14 -3.22
N PHE D 489 -9.31 -14.28 -2.89
CA PHE D 489 -10.73 -14.50 -3.17
C PHE D 489 -10.96 -14.23 -4.62
N VAL D 490 -10.26 -13.22 -5.12
CA VAL D 490 -10.12 -12.95 -6.55
C VAL D 490 -10.70 -14.07 -7.41
N THR D 491 -11.96 -13.88 -7.79
CA THR D 491 -12.69 -14.87 -8.55
C THR D 491 -12.71 -14.48 -10.02
N ASP D 492 -13.10 -15.44 -10.86
CA ASP D 492 -12.93 -15.33 -12.31
C ASP D 492 -14.07 -14.61 -13.02
N ARG D 493 -13.73 -13.95 -14.13
CA ARG D 493 -14.72 -13.22 -14.95
C ARG D 493 -15.58 -14.21 -15.73
N SER D 494 -16.60 -14.71 -15.06
CA SER D 494 -17.44 -15.79 -15.55
C SER D 494 -18.30 -16.21 -14.38
N PHE D 495 -17.65 -16.62 -13.30
CA PHE D 495 -18.31 -16.71 -12.00
C PHE D 495 -18.86 -15.33 -11.70
N ASN D 496 -17.99 -14.33 -11.83
CA ASN D 496 -18.36 -12.94 -11.58
C ASN D 496 -19.58 -12.52 -12.38
N ILE D 497 -19.48 -12.55 -13.70
CA ILE D 497 -20.55 -12.09 -14.57
C ILE D 497 -21.89 -12.81 -14.28
N ALA D 498 -21.81 -14.10 -13.98
CA ALA D 498 -23.00 -14.88 -13.61
C ALA D 498 -23.59 -14.35 -12.31
N ALA D 499 -22.74 -14.22 -11.29
CA ALA D 499 -23.13 -13.69 -9.98
C ALA D 499 -23.97 -12.42 -10.09
N TYR D 500 -23.60 -11.52 -11.02
CA TYR D 500 -24.37 -10.29 -11.24
C TYR D 500 -25.75 -10.60 -11.79
N GLY D 501 -25.77 -11.30 -12.92
CA GLY D 501 -27.04 -11.66 -13.58
C GLY D 501 -28.05 -12.19 -12.59
N ILE D 502 -27.61 -13.09 -11.71
CA ILE D 502 -28.41 -13.59 -10.61
C ILE D 502 -28.97 -12.45 -9.78
N MET D 503 -28.08 -11.59 -9.28
CA MET D 503 -28.48 -10.50 -8.41
C MET D 503 -29.50 -9.59 -9.07
N ILE D 504 -29.17 -9.15 -10.28
CA ILE D 504 -30.08 -8.37 -11.11
C ILE D 504 -31.45 -9.03 -11.28
N VAL D 505 -31.43 -10.35 -11.46
CA VAL D 505 -32.66 -11.13 -11.60
C VAL D 505 -33.51 -11.12 -10.32
N LEU D 506 -32.86 -11.24 -9.18
CA LEU D 506 -33.57 -11.18 -7.91
C LEU D 506 -33.99 -9.75 -7.63
N ALA D 507 -33.01 -8.86 -7.55
CA ALA D 507 -33.28 -7.44 -7.37
C ALA D 507 -34.56 -7.02 -8.08
N VAL D 508 -34.61 -7.20 -9.40
CA VAL D 508 -35.79 -6.83 -10.20
C VAL D 508 -37.09 -7.45 -9.67
N LEU D 509 -37.08 -8.75 -9.38
CA LEU D 509 -38.31 -9.44 -8.98
C LEU D 509 -38.78 -8.99 -7.59
N TYR D 510 -37.84 -8.79 -6.68
CA TYR D 510 -38.18 -8.29 -5.35
C TYR D 510 -38.78 -6.90 -5.42
N THR D 511 -38.24 -6.06 -6.29
CA THR D 511 -38.88 -4.79 -6.59
C THR D 511 -40.20 -5.03 -7.30
N LEU D 512 -40.18 -5.89 -8.32
CA LEU D 512 -41.38 -6.21 -9.11
C LEU D 512 -42.60 -6.44 -8.24
N PHE D 513 -42.43 -7.19 -7.15
CA PHE D 513 -43.53 -7.46 -6.24
C PHE D 513 -43.81 -6.28 -5.34
N TRP D 514 -42.87 -5.90 -4.49
CA TRP D 514 -43.06 -4.70 -3.67
C TRP D 514 -43.77 -3.58 -4.44
N VAL D 515 -43.39 -3.39 -5.70
CA VAL D 515 -43.98 -2.32 -6.53
C VAL D 515 -45.44 -2.59 -6.95
N LEU D 516 -45.93 -3.81 -6.73
CA LEU D 516 -47.37 -4.12 -6.83
C LEU D 516 -48.12 -3.69 -5.56
N TYR D 517 -47.41 -3.57 -4.44
CA TYR D 517 -47.99 -3.22 -3.13
C TYR D 517 -47.33 -1.95 -2.54
N LYS D 518 -47.58 -0.81 -3.20
CA LYS D 518 -47.06 0.52 -2.80
C LYS D 518 -46.74 1.39 -4.03
#